data_3TXT
# 
_entry.id   3TXT 
# 
_audit_conform.dict_name       mmcif_pdbx.dic 
_audit_conform.dict_version    5.397 
_audit_conform.dict_location   http://mmcif.pdb.org/dictionaries/ascii/mmcif_pdbx.dic 
# 
loop_
_database_2.database_id 
_database_2.database_code 
_database_2.pdbx_database_accession 
_database_2.pdbx_DOI 
PDB   3TXT         pdb_00003txt 10.2210/pdb3txt/pdb 
RCSB  RCSB068054   ?            ?                   
WWPDB D_1000068054 ?            ?                   
# 
loop_
_pdbx_audit_revision_history.ordinal 
_pdbx_audit_revision_history.data_content_type 
_pdbx_audit_revision_history.major_revision 
_pdbx_audit_revision_history.minor_revision 
_pdbx_audit_revision_history.revision_date 
1 'Structure model' 1 0 2011-12-07 
2 'Structure model' 1 1 2019-07-17 
3 'Structure model' 1 2 2024-10-16 
# 
_pdbx_audit_revision_details.ordinal             1 
_pdbx_audit_revision_details.revision_ordinal    1 
_pdbx_audit_revision_details.data_content_type   'Structure model' 
_pdbx_audit_revision_details.provider            repository 
_pdbx_audit_revision_details.type                'Initial release' 
_pdbx_audit_revision_details.description         ? 
_pdbx_audit_revision_details.details             ? 
# 
loop_
_pdbx_audit_revision_group.ordinal 
_pdbx_audit_revision_group.revision_ordinal 
_pdbx_audit_revision_group.data_content_type 
_pdbx_audit_revision_group.group 
1 2 'Structure model' 'Data collection'        
2 2 'Structure model' 'Derived calculations'   
3 2 'Structure model' 'Refinement description' 
4 3 'Structure model' 'Data collection'        
5 3 'Structure model' 'Database references'    
6 3 'Structure model' 'Derived calculations'   
7 3 'Structure model' 'Structure summary'      
# 
loop_
_pdbx_audit_revision_category.ordinal 
_pdbx_audit_revision_category.revision_ordinal 
_pdbx_audit_revision_category.data_content_type 
_pdbx_audit_revision_category.category 
1 2 'Structure model' software                  
2 2 'Structure model' struct_conn               
3 3 'Structure model' chem_comp_atom            
4 3 'Structure model' chem_comp_bond            
5 3 'Structure model' database_2                
6 3 'Structure model' pdbx_entry_details        
7 3 'Structure model' pdbx_modification_feature 
8 3 'Structure model' struct_conn               
9 3 'Structure model' struct_site               
# 
loop_
_pdbx_audit_revision_item.ordinal 
_pdbx_audit_revision_item.revision_ordinal 
_pdbx_audit_revision_item.data_content_type 
_pdbx_audit_revision_item.item 
1  2 'Structure model' '_software.classification'            
2  2 'Structure model' '_software.name'                      
3  2 'Structure model' '_software.version'                   
4  2 'Structure model' '_struct_conn.pdbx_leaving_atom_flag' 
5  3 'Structure model' '_database_2.pdbx_DOI'                
6  3 'Structure model' '_database_2.pdbx_database_accession' 
7  3 'Structure model' '_struct_conn.ptnr1_auth_comp_id'     
8  3 'Structure model' '_struct_conn.ptnr1_auth_seq_id'      
9  3 'Structure model' '_struct_conn.ptnr1_label_asym_id'    
10 3 'Structure model' '_struct_conn.ptnr1_label_atom_id'    
11 3 'Structure model' '_struct_conn.ptnr1_label_comp_id'    
12 3 'Structure model' '_struct_conn.ptnr1_label_seq_id'     
13 3 'Structure model' '_struct_conn.ptnr2_auth_comp_id'     
14 3 'Structure model' '_struct_conn.ptnr2_auth_seq_id'      
15 3 'Structure model' '_struct_conn.ptnr2_label_asym_id'    
16 3 'Structure model' '_struct_conn.ptnr2_label_atom_id'    
17 3 'Structure model' '_struct_conn.ptnr2_label_comp_id'    
18 3 'Structure model' '_struct_conn.ptnr2_label_seq_id'     
19 3 'Structure model' '_struct_site.pdbx_auth_asym_id'      
20 3 'Structure model' '_struct_site.pdbx_auth_comp_id'      
21 3 'Structure model' '_struct_site.pdbx_auth_seq_id'       
# 
_pdbx_database_status.status_code                     REL 
_pdbx_database_status.entry_id                        3TXT 
_pdbx_database_status.recvd_initial_deposition_date   2011-09-23 
_pdbx_database_status.deposit_site                    RCSB 
_pdbx_database_status.process_site                    RCSB 
_pdbx_database_status.status_code_sf                  REL 
_pdbx_database_status.status_code_mr                  ? 
_pdbx_database_status.SG_entry                        ? 
_pdbx_database_status.status_code_cs                  ? 
_pdbx_database_status.pdb_format_compatible           Y 
_pdbx_database_status.methods_development_category    ? 
_pdbx_database_status.status_code_nmr_data            ? 
# 
loop_
_audit_author.name 
_audit_author.pdbx_ordinal 
'Xue, Y.' 1 
'Ha, Y.'  2 
# 
_citation.id                        primary 
_citation.title                     'The crystal structure of rhomboid protease GlpG in complex with a mechanism-based inhibitor' 
_citation.journal_abbrev            'To be Published' 
_citation.journal_volume            ? 
_citation.page_first                ? 
_citation.page_last                 ? 
_citation.year                      ? 
_citation.journal_id_ASTM           ? 
_citation.country                   ? 
_citation.journal_id_ISSN           ? 
_citation.journal_id_CSD            0353 
_citation.book_publisher            ? 
_citation.pdbx_database_id_PubMed   ? 
_citation.pdbx_database_id_DOI      ? 
# 
loop_
_citation_author.citation_id 
_citation_author.name 
_citation_author.ordinal 
_citation_author.identifier_ORCID 
primary 'Xue, Y.' 1 ? 
primary 'Ha, Y.'  2 ? 
# 
loop_
_entity.id 
_entity.type 
_entity.src_method 
_entity.pdbx_description 
_entity.formula_weight 
_entity.pdbx_number_of_molecules 
_entity.pdbx_ec 
_entity.pdbx_mutation 
_entity.pdbx_fragment 
_entity.details 
1 polymer     man 'Rhomboid protease glpG'  20214.020 1  3.4.21.105 ? 'UNP residues 92-270' ? 
2 non-polymer syn 'DIISOPROPYL PHOSPHONATE' 166.155   1  ?          ? ?                     ? 
3 water       nat water                     18.015    23 ?          ? ?                     ? 
# 
_entity_name_com.entity_id   1 
_entity_name_com.name        'Intramembrane serine protease' 
# 
_entity_poly.entity_id                      1 
_entity_poly.type                           'polypeptide(L)' 
_entity_poly.nstd_linkage                   no 
_entity_poly.nstd_monomer                   no 
_entity_poly.pdbx_seq_one_letter_code       
;RAGPVTWVMMIACVVVFIAMQILGDQEVMLWLAWPFDPTLKFEFWRYFTHALMHFSLMHILFNLLWWWYLGGAVEKRLGS
GKLIVITLISALLSGYVQQKFSGPWFGGLSGVVYALMGYVWLRGERDPQSGIYLQRGLIIFALIWIVAGWFDLFGMSMAN
GAHIAGLAVGLAMAFVDSL
;
_entity_poly.pdbx_seq_one_letter_code_can   
;RAGPVTWVMMIACVVVFIAMQILGDQEVMLWLAWPFDPTLKFEFWRYFTHALMHFSLMHILFNLLWWWYLGGAVEKRLGS
GKLIVITLISALLSGYVQQKFSGPWFGGLSGVVYALMGYVWLRGERDPQSGIYLQRGLIIFALIWIVAGWFDLFGMSMAN
GAHIAGLAVGLAMAFVDSL
;
_entity_poly.pdbx_strand_id                 A 
_entity_poly.pdbx_target_identifier         ? 
# 
loop_
_pdbx_entity_nonpoly.entity_id 
_pdbx_entity_nonpoly.name 
_pdbx_entity_nonpoly.comp_id 
2 'DIISOPROPYL PHOSPHONATE' DFP 
3 water                     HOH 
# 
loop_
_entity_poly_seq.entity_id 
_entity_poly_seq.num 
_entity_poly_seq.mon_id 
_entity_poly_seq.hetero 
1 1   ARG n 
1 2   ALA n 
1 3   GLY n 
1 4   PRO n 
1 5   VAL n 
1 6   THR n 
1 7   TRP n 
1 8   VAL n 
1 9   MET n 
1 10  MET n 
1 11  ILE n 
1 12  ALA n 
1 13  CYS n 
1 14  VAL n 
1 15  VAL n 
1 16  VAL n 
1 17  PHE n 
1 18  ILE n 
1 19  ALA n 
1 20  MET n 
1 21  GLN n 
1 22  ILE n 
1 23  LEU n 
1 24  GLY n 
1 25  ASP n 
1 26  GLN n 
1 27  GLU n 
1 28  VAL n 
1 29  MET n 
1 30  LEU n 
1 31  TRP n 
1 32  LEU n 
1 33  ALA n 
1 34  TRP n 
1 35  PRO n 
1 36  PHE n 
1 37  ASP n 
1 38  PRO n 
1 39  THR n 
1 40  LEU n 
1 41  LYS n 
1 42  PHE n 
1 43  GLU n 
1 44  PHE n 
1 45  TRP n 
1 46  ARG n 
1 47  TYR n 
1 48  PHE n 
1 49  THR n 
1 50  HIS n 
1 51  ALA n 
1 52  LEU n 
1 53  MET n 
1 54  HIS n 
1 55  PHE n 
1 56  SER n 
1 57  LEU n 
1 58  MET n 
1 59  HIS n 
1 60  ILE n 
1 61  LEU n 
1 62  PHE n 
1 63  ASN n 
1 64  LEU n 
1 65  LEU n 
1 66  TRP n 
1 67  TRP n 
1 68  TRP n 
1 69  TYR n 
1 70  LEU n 
1 71  GLY n 
1 72  GLY n 
1 73  ALA n 
1 74  VAL n 
1 75  GLU n 
1 76  LYS n 
1 77  ARG n 
1 78  LEU n 
1 79  GLY n 
1 80  SER n 
1 81  GLY n 
1 82  LYS n 
1 83  LEU n 
1 84  ILE n 
1 85  VAL n 
1 86  ILE n 
1 87  THR n 
1 88  LEU n 
1 89  ILE n 
1 90  SER n 
1 91  ALA n 
1 92  LEU n 
1 93  LEU n 
1 94  SER n 
1 95  GLY n 
1 96  TYR n 
1 97  VAL n 
1 98  GLN n 
1 99  GLN n 
1 100 LYS n 
1 101 PHE n 
1 102 SER n 
1 103 GLY n 
1 104 PRO n 
1 105 TRP n 
1 106 PHE n 
1 107 GLY n 
1 108 GLY n 
1 109 LEU n 
1 110 SER n 
1 111 GLY n 
1 112 VAL n 
1 113 VAL n 
1 114 TYR n 
1 115 ALA n 
1 116 LEU n 
1 117 MET n 
1 118 GLY n 
1 119 TYR n 
1 120 VAL n 
1 121 TRP n 
1 122 LEU n 
1 123 ARG n 
1 124 GLY n 
1 125 GLU n 
1 126 ARG n 
1 127 ASP n 
1 128 PRO n 
1 129 GLN n 
1 130 SER n 
1 131 GLY n 
1 132 ILE n 
1 133 TYR n 
1 134 LEU n 
1 135 GLN n 
1 136 ARG n 
1 137 GLY n 
1 138 LEU n 
1 139 ILE n 
1 140 ILE n 
1 141 PHE n 
1 142 ALA n 
1 143 LEU n 
1 144 ILE n 
1 145 TRP n 
1 146 ILE n 
1 147 VAL n 
1 148 ALA n 
1 149 GLY n 
1 150 TRP n 
1 151 PHE n 
1 152 ASP n 
1 153 LEU n 
1 154 PHE n 
1 155 GLY n 
1 156 MET n 
1 157 SER n 
1 158 MET n 
1 159 ALA n 
1 160 ASN n 
1 161 GLY n 
1 162 ALA n 
1 163 HIS n 
1 164 ILE n 
1 165 ALA n 
1 166 GLY n 
1 167 LEU n 
1 168 ALA n 
1 169 VAL n 
1 170 GLY n 
1 171 LEU n 
1 172 ALA n 
1 173 MET n 
1 174 ALA n 
1 175 PHE n 
1 176 VAL n 
1 177 ASP n 
1 178 SER n 
1 179 LEU n 
# 
_entity_src_gen.entity_id                          1 
_entity_src_gen.pdbx_src_id                        1 
_entity_src_gen.pdbx_alt_source_flag               sample 
_entity_src_gen.pdbx_seq_type                      ? 
_entity_src_gen.pdbx_beg_seq_num                   ? 
_entity_src_gen.pdbx_end_seq_num                   ? 
_entity_src_gen.gene_src_common_name               ? 
_entity_src_gen.gene_src_genus                     ? 
_entity_src_gen.pdbx_gene_src_gene                 'glpG, b3424, JW5687' 
_entity_src_gen.gene_src_species                   ? 
_entity_src_gen.gene_src_strain                    K12 
_entity_src_gen.gene_src_tissue                    ? 
_entity_src_gen.gene_src_tissue_fraction           ? 
_entity_src_gen.gene_src_details                   ? 
_entity_src_gen.pdbx_gene_src_fragment             ? 
_entity_src_gen.pdbx_gene_src_scientific_name      'Escherichia coli' 
_entity_src_gen.pdbx_gene_src_ncbi_taxonomy_id     83333 
_entity_src_gen.pdbx_gene_src_variant              ? 
_entity_src_gen.pdbx_gene_src_cell_line            ? 
_entity_src_gen.pdbx_gene_src_atcc                 ? 
_entity_src_gen.pdbx_gene_src_organ                ? 
_entity_src_gen.pdbx_gene_src_organelle            ? 
_entity_src_gen.pdbx_gene_src_cell                 ? 
_entity_src_gen.pdbx_gene_src_cellular_location    ? 
_entity_src_gen.host_org_common_name               ? 
_entity_src_gen.pdbx_host_org_scientific_name      'Escherichia coli' 
_entity_src_gen.pdbx_host_org_ncbi_taxonomy_id     562 
_entity_src_gen.host_org_genus                     ? 
_entity_src_gen.pdbx_host_org_gene                 ? 
_entity_src_gen.pdbx_host_org_organ                ? 
_entity_src_gen.host_org_species                   ? 
_entity_src_gen.pdbx_host_org_tissue               ? 
_entity_src_gen.pdbx_host_org_tissue_fraction      ? 
_entity_src_gen.pdbx_host_org_strain               ? 
_entity_src_gen.pdbx_host_org_variant              ? 
_entity_src_gen.pdbx_host_org_cell_line            ? 
_entity_src_gen.pdbx_host_org_atcc                 ? 
_entity_src_gen.pdbx_host_org_culture_collection   ? 
_entity_src_gen.pdbx_host_org_cell                 ? 
_entity_src_gen.pdbx_host_org_organelle            ? 
_entity_src_gen.pdbx_host_org_cellular_location    ? 
_entity_src_gen.pdbx_host_org_vector_type          ? 
_entity_src_gen.pdbx_host_org_vector               ? 
_entity_src_gen.host_org_details                   ? 
_entity_src_gen.expression_system_id               ? 
_entity_src_gen.plasmid_name                       ? 
_entity_src_gen.plasmid_details                    ? 
_entity_src_gen.pdbx_description                   ? 
# 
loop_
_chem_comp.id 
_chem_comp.type 
_chem_comp.mon_nstd_flag 
_chem_comp.name 
_chem_comp.pdbx_synonyms 
_chem_comp.formula 
_chem_comp.formula_weight 
ALA 'L-peptide linking' y ALANINE                   ? 'C3 H7 N O2'     89.093  
ARG 'L-peptide linking' y ARGININE                  ? 'C6 H15 N4 O2 1' 175.209 
ASN 'L-peptide linking' y ASPARAGINE                ? 'C4 H8 N2 O3'    132.118 
ASP 'L-peptide linking' y 'ASPARTIC ACID'           ? 'C4 H7 N O4'     133.103 
CYS 'L-peptide linking' y CYSTEINE                  ? 'C3 H7 N O2 S'   121.158 
DFP non-polymer         . 'DIISOPROPYL PHOSPHONATE' ? 'C6 H15 O3 P'    166.155 
GLN 'L-peptide linking' y GLUTAMINE                 ? 'C5 H10 N2 O3'   146.144 
GLU 'L-peptide linking' y 'GLUTAMIC ACID'           ? 'C5 H9 N O4'     147.129 
GLY 'peptide linking'   y GLYCINE                   ? 'C2 H5 N O2'     75.067  
HIS 'L-peptide linking' y HISTIDINE                 ? 'C6 H10 N3 O2 1' 156.162 
HOH non-polymer         . WATER                     ? 'H2 O'           18.015  
ILE 'L-peptide linking' y ISOLEUCINE                ? 'C6 H13 N O2'    131.173 
LEU 'L-peptide linking' y LEUCINE                   ? 'C6 H13 N O2'    131.173 
LYS 'L-peptide linking' y LYSINE                    ? 'C6 H15 N2 O2 1' 147.195 
MET 'L-peptide linking' y METHIONINE                ? 'C5 H11 N O2 S'  149.211 
PHE 'L-peptide linking' y PHENYLALANINE             ? 'C9 H11 N O2'    165.189 
PRO 'L-peptide linking' y PROLINE                   ? 'C5 H9 N O2'     115.130 
SER 'L-peptide linking' y SERINE                    ? 'C3 H7 N O3'     105.093 
THR 'L-peptide linking' y THREONINE                 ? 'C4 H9 N O3'     119.119 
TRP 'L-peptide linking' y TRYPTOPHAN                ? 'C11 H12 N2 O2'  204.225 
TYR 'L-peptide linking' y TYROSINE                  ? 'C9 H11 N O3'    181.189 
VAL 'L-peptide linking' y VALINE                    ? 'C5 H11 N O2'    117.146 
# 
loop_
_pdbx_poly_seq_scheme.asym_id 
_pdbx_poly_seq_scheme.entity_id 
_pdbx_poly_seq_scheme.seq_id 
_pdbx_poly_seq_scheme.mon_id 
_pdbx_poly_seq_scheme.ndb_seq_num 
_pdbx_poly_seq_scheme.pdb_seq_num 
_pdbx_poly_seq_scheme.auth_seq_num 
_pdbx_poly_seq_scheme.pdb_mon_id 
_pdbx_poly_seq_scheme.auth_mon_id 
_pdbx_poly_seq_scheme.pdb_strand_id 
_pdbx_poly_seq_scheme.pdb_ins_code 
_pdbx_poly_seq_scheme.hetero 
A 1 1   ARG 1   92  92  ARG ARG A . n 
A 1 2   ALA 2   93  93  ALA ALA A . n 
A 1 3   GLY 3   94  94  GLY GLY A . n 
A 1 4   PRO 4   95  95  PRO PRO A . n 
A 1 5   VAL 5   96  96  VAL VAL A . n 
A 1 6   THR 6   97  97  THR THR A . n 
A 1 7   TRP 7   98  98  TRP TRP A . n 
A 1 8   VAL 8   99  99  VAL VAL A . n 
A 1 9   MET 9   100 100 MET MET A . n 
A 1 10  MET 10  101 101 MET MET A . n 
A 1 11  ILE 11  102 102 ILE ILE A . n 
A 1 12  ALA 12  103 103 ALA ALA A . n 
A 1 13  CYS 13  104 104 CYS CYS A . n 
A 1 14  VAL 14  105 105 VAL VAL A . n 
A 1 15  VAL 15  106 106 VAL VAL A . n 
A 1 16  VAL 16  107 107 VAL VAL A . n 
A 1 17  PHE 17  108 108 PHE PHE A . n 
A 1 18  ILE 18  109 109 ILE ILE A . n 
A 1 19  ALA 19  110 110 ALA ALA A . n 
A 1 20  MET 20  111 111 MET MET A . n 
A 1 21  GLN 21  112 112 GLN GLN A . n 
A 1 22  ILE 22  113 113 ILE ILE A . n 
A 1 23  LEU 23  114 114 LEU LEU A . n 
A 1 24  GLY 24  115 115 GLY GLY A . n 
A 1 25  ASP 25  116 116 ASP ASP A . n 
A 1 26  GLN 26  117 117 GLN GLN A . n 
A 1 27  GLU 27  118 118 GLU GLU A . n 
A 1 28  VAL 28  119 119 VAL VAL A . n 
A 1 29  MET 29  120 120 MET MET A . n 
A 1 30  LEU 30  121 121 LEU LEU A . n 
A 1 31  TRP 31  122 122 TRP TRP A . n 
A 1 32  LEU 32  123 123 LEU LEU A . n 
A 1 33  ALA 33  124 124 ALA ALA A . n 
A 1 34  TRP 34  125 125 TRP TRP A . n 
A 1 35  PRO 35  126 126 PRO PRO A . n 
A 1 36  PHE 36  127 127 PHE PHE A . n 
A 1 37  ASP 37  128 128 ASP ASP A . n 
A 1 38  PRO 38  129 129 PRO PRO A . n 
A 1 39  THR 39  130 130 THR THR A . n 
A 1 40  LEU 40  131 131 LEU LEU A . n 
A 1 41  LYS 41  132 132 LYS LYS A . n 
A 1 42  PHE 42  133 133 PHE PHE A . n 
A 1 43  GLU 43  134 134 GLU GLU A . n 
A 1 44  PHE 44  135 135 PHE PHE A . n 
A 1 45  TRP 45  136 136 TRP TRP A . n 
A 1 46  ARG 46  137 137 ARG ARG A . n 
A 1 47  TYR 47  138 138 TYR TYR A . n 
A 1 48  PHE 48  139 139 PHE PHE A . n 
A 1 49  THR 49  140 140 THR THR A . n 
A 1 50  HIS 50  141 141 HIS HIS A . n 
A 1 51  ALA 51  142 142 ALA ALA A . n 
A 1 52  LEU 52  143 143 LEU LEU A . n 
A 1 53  MET 53  144 144 MET MET A . n 
A 1 54  HIS 54  145 145 HIS HIS A . n 
A 1 55  PHE 55  146 146 PHE PHE A . n 
A 1 56  SER 56  147 147 SER SER A . n 
A 1 57  LEU 57  148 148 LEU LEU A . n 
A 1 58  MET 58  149 149 MET MET A . n 
A 1 59  HIS 59  150 150 HIS HIS A . n 
A 1 60  ILE 60  151 151 ILE ILE A . n 
A 1 61  LEU 61  152 152 LEU LEU A . n 
A 1 62  PHE 62  153 153 PHE PHE A . n 
A 1 63  ASN 63  154 154 ASN ASN A . n 
A 1 64  LEU 64  155 155 LEU LEU A . n 
A 1 65  LEU 65  156 156 LEU LEU A . n 
A 1 66  TRP 66  157 157 TRP TRP A . n 
A 1 67  TRP 67  158 158 TRP TRP A . n 
A 1 68  TRP 68  159 159 TRP TRP A . n 
A 1 69  TYR 69  160 160 TYR TYR A . n 
A 1 70  LEU 70  161 161 LEU LEU A . n 
A 1 71  GLY 71  162 162 GLY GLY A . n 
A 1 72  GLY 72  163 163 GLY GLY A . n 
A 1 73  ALA 73  164 164 ALA ALA A . n 
A 1 74  VAL 74  165 165 VAL VAL A . n 
A 1 75  GLU 75  166 166 GLU GLU A . n 
A 1 76  LYS 76  167 167 LYS LYS A . n 
A 1 77  ARG 77  168 168 ARG ARG A . n 
A 1 78  LEU 78  169 169 LEU LEU A . n 
A 1 79  GLY 79  170 170 GLY GLY A . n 
A 1 80  SER 80  171 171 SER SER A . n 
A 1 81  GLY 81  172 172 GLY GLY A . n 
A 1 82  LYS 82  173 173 LYS LYS A . n 
A 1 83  LEU 83  174 174 LEU LEU A . n 
A 1 84  ILE 84  175 175 ILE ILE A . n 
A 1 85  VAL 85  176 176 VAL VAL A . n 
A 1 86  ILE 86  177 177 ILE ILE A . n 
A 1 87  THR 87  178 178 THR THR A . n 
A 1 88  LEU 88  179 179 LEU LEU A . n 
A 1 89  ILE 89  180 180 ILE ILE A . n 
A 1 90  SER 90  181 181 SER SER A . n 
A 1 91  ALA 91  182 182 ALA ALA A . n 
A 1 92  LEU 92  183 183 LEU LEU A . n 
A 1 93  LEU 93  184 184 LEU LEU A . n 
A 1 94  SER 94  185 185 SER SER A . n 
A 1 95  GLY 95  186 186 GLY GLY A . n 
A 1 96  TYR 96  187 187 TYR TYR A . n 
A 1 97  VAL 97  188 188 VAL VAL A . n 
A 1 98  GLN 98  189 189 GLN GLN A . n 
A 1 99  GLN 99  190 190 GLN GLN A . n 
A 1 100 LYS 100 191 191 LYS LYS A . n 
A 1 101 PHE 101 192 192 PHE PHE A . n 
A 1 102 SER 102 193 193 SER SER A . n 
A 1 103 GLY 103 194 194 GLY GLY A . n 
A 1 104 PRO 104 195 195 PRO PRO A . n 
A 1 105 TRP 105 196 196 TRP TRP A . n 
A 1 106 PHE 106 197 197 PHE PHE A . n 
A 1 107 GLY 107 198 198 GLY GLY A . n 
A 1 108 GLY 108 199 199 GLY GLY A . n 
A 1 109 LEU 109 200 200 LEU LEU A . n 
A 1 110 SER 110 201 201 SER SER A . n 
A 1 111 GLY 111 202 202 GLY GLY A . n 
A 1 112 VAL 112 203 203 VAL VAL A . n 
A 1 113 VAL 113 204 204 VAL VAL A . n 
A 1 114 TYR 114 205 205 TYR TYR A . n 
A 1 115 ALA 115 206 206 ALA ALA A . n 
A 1 116 LEU 116 207 207 LEU LEU A . n 
A 1 117 MET 117 208 208 MET MET A . n 
A 1 118 GLY 118 209 209 GLY GLY A . n 
A 1 119 TYR 119 210 210 TYR TYR A . n 
A 1 120 VAL 120 211 211 VAL VAL A . n 
A 1 121 TRP 121 212 212 TRP TRP A . n 
A 1 122 LEU 122 213 213 LEU LEU A . n 
A 1 123 ARG 123 214 214 ARG ARG A . n 
A 1 124 GLY 124 215 215 GLY GLY A . n 
A 1 125 GLU 125 216 216 GLU GLU A . n 
A 1 126 ARG 126 217 217 ARG ARG A . n 
A 1 127 ASP 127 218 218 ASP ASP A . n 
A 1 128 PRO 128 219 219 PRO PRO A . n 
A 1 129 GLN 129 220 220 GLN GLN A . n 
A 1 130 SER 130 221 221 SER SER A . n 
A 1 131 GLY 131 222 222 GLY GLY A . n 
A 1 132 ILE 132 223 223 ILE ILE A . n 
A 1 133 TYR 133 224 224 TYR TYR A . n 
A 1 134 LEU 134 225 225 LEU LEU A . n 
A 1 135 GLN 135 226 226 GLN GLN A . n 
A 1 136 ARG 136 227 227 ARG ARG A . n 
A 1 137 GLY 137 228 228 GLY GLY A . n 
A 1 138 LEU 138 229 229 LEU LEU A . n 
A 1 139 ILE 139 230 230 ILE ILE A . n 
A 1 140 ILE 140 231 231 ILE ILE A . n 
A 1 141 PHE 141 232 232 PHE PHE A . n 
A 1 142 ALA 142 233 233 ALA ALA A . n 
A 1 143 LEU 143 234 234 LEU LEU A . n 
A 1 144 ILE 144 235 235 ILE ILE A . n 
A 1 145 TRP 145 236 236 TRP TRP A . n 
A 1 146 ILE 146 237 237 ILE ILE A . n 
A 1 147 VAL 147 238 238 VAL VAL A . n 
A 1 148 ALA 148 239 239 ALA ALA A . n 
A 1 149 GLY 149 240 240 GLY GLY A . n 
A 1 150 TRP 150 241 241 TRP TRP A . n 
A 1 151 PHE 151 242 242 PHE PHE A . n 
A 1 152 ASP 152 243 243 ASP ASP A . n 
A 1 153 LEU 153 244 244 LEU LEU A . n 
A 1 154 PHE 154 245 ?   ?   ?   A . n 
A 1 155 GLY 155 246 ?   ?   ?   A . n 
A 1 156 MET 156 247 ?   ?   ?   A . n 
A 1 157 SER 157 248 ?   ?   ?   A . n 
A 1 158 MET 158 249 249 MET MET A . n 
A 1 159 ALA 159 250 250 ALA ALA A . n 
A 1 160 ASN 160 251 251 ASN ASN A . n 
A 1 161 GLY 161 252 252 GLY GLY A . n 
A 1 162 ALA 162 253 253 ALA ALA A . n 
A 1 163 HIS 163 254 254 HIS HIS A . n 
A 1 164 ILE 164 255 255 ILE ILE A . n 
A 1 165 ALA 165 256 256 ALA ALA A . n 
A 1 166 GLY 166 257 257 GLY GLY A . n 
A 1 167 LEU 167 258 258 LEU LEU A . n 
A 1 168 ALA 168 259 259 ALA ALA A . n 
A 1 169 VAL 169 260 260 VAL VAL A . n 
A 1 170 GLY 170 261 261 GLY GLY A . n 
A 1 171 LEU 171 262 262 LEU LEU A . n 
A 1 172 ALA 172 263 263 ALA ALA A . n 
A 1 173 MET 173 264 264 MET MET A . n 
A 1 174 ALA 174 265 265 ALA ALA A . n 
A 1 175 PHE 175 266 266 PHE PHE A . n 
A 1 176 VAL 176 267 267 VAL VAL A . n 
A 1 177 ASP 177 268 268 ASP ASP A . n 
A 1 178 SER 178 269 269 SER SER A . n 
A 1 179 LEU 179 270 270 LEU LEU A . n 
# 
loop_
_pdbx_nonpoly_scheme.asym_id 
_pdbx_nonpoly_scheme.entity_id 
_pdbx_nonpoly_scheme.mon_id 
_pdbx_nonpoly_scheme.ndb_seq_num 
_pdbx_nonpoly_scheme.pdb_seq_num 
_pdbx_nonpoly_scheme.auth_seq_num 
_pdbx_nonpoly_scheme.pdb_mon_id 
_pdbx_nonpoly_scheme.auth_mon_id 
_pdbx_nonpoly_scheme.pdb_strand_id 
_pdbx_nonpoly_scheme.pdb_ins_code 
B 2 DFP 1  1   1  DFP DFP A . 
C 3 HOH 1  2   2  HOH HOH A . 
C 3 HOH 2  3   3  HOH HOH A . 
C 3 HOH 3  4   4  HOH HOH A . 
C 3 HOH 4  5   5  HOH HOH A . 
C 3 HOH 5  6   6  HOH HOH A . 
C 3 HOH 6  7   7  HOH HOH A . 
C 3 HOH 7  8   8  HOH HOH A . 
C 3 HOH 8  9   9  HOH HOH A . 
C 3 HOH 9  10  10 HOH HOH A . 
C 3 HOH 10 11  11 HOH HOH A . 
C 3 HOH 11 12  12 HOH HOH A . 
C 3 HOH 12 13  13 HOH HOH A . 
C 3 HOH 13 14  14 HOH HOH A . 
C 3 HOH 14 15  15 HOH HOH A . 
C 3 HOH 15 16  16 HOH HOH A . 
C 3 HOH 16 17  17 HOH HOH A . 
C 3 HOH 17 18  18 HOH HOH A . 
C 3 HOH 18 19  19 HOH HOH A . 
C 3 HOH 19 20  20 HOH HOH A . 
C 3 HOH 20 21  21 HOH HOH A . 
C 3 HOH 21 22  22 HOH HOH A . 
C 3 HOH 22 23  23 HOH HOH A . 
C 3 HOH 23 271 1  HOH HOH A . 
# 
loop_
_pdbx_unobs_or_zero_occ_atoms.id 
_pdbx_unobs_or_zero_occ_atoms.PDB_model_num 
_pdbx_unobs_or_zero_occ_atoms.polymer_flag 
_pdbx_unobs_or_zero_occ_atoms.occupancy_flag 
_pdbx_unobs_or_zero_occ_atoms.auth_asym_id 
_pdbx_unobs_or_zero_occ_atoms.auth_comp_id 
_pdbx_unobs_or_zero_occ_atoms.auth_seq_id 
_pdbx_unobs_or_zero_occ_atoms.PDB_ins_code 
_pdbx_unobs_or_zero_occ_atoms.auth_atom_id 
_pdbx_unobs_or_zero_occ_atoms.label_alt_id 
_pdbx_unobs_or_zero_occ_atoms.label_asym_id 
_pdbx_unobs_or_zero_occ_atoms.label_comp_id 
_pdbx_unobs_or_zero_occ_atoms.label_seq_id 
_pdbx_unobs_or_zero_occ_atoms.label_atom_id 
1  1 Y 1 A LYS 167 ? CG  ? A LYS 76  CG  
2  1 Y 1 A LYS 167 ? CD  ? A LYS 76  CD  
3  1 Y 1 A LYS 167 ? CE  ? A LYS 76  CE  
4  1 Y 1 A LYS 167 ? NZ  ? A LYS 76  NZ  
5  1 Y 1 A GLN 220 ? CG  ? A GLN 129 CG  
6  1 Y 1 A GLN 220 ? CD  ? A GLN 129 CD  
7  1 Y 1 A GLN 220 ? OE1 ? A GLN 129 OE1 
8  1 Y 1 A GLN 220 ? NE2 ? A GLN 129 NE2 
9  1 Y 1 A ASP 243 ? CG  ? A ASP 152 CG  
10 1 Y 1 A ASP 243 ? OD1 ? A ASP 152 OD1 
11 1 Y 1 A ASP 243 ? OD2 ? A ASP 152 OD2 
# 
loop_
_software.name 
_software.classification 
_software.version 
_software.citation_id 
_software.pdbx_ordinal 
PHENIX       refinement        '(phenix.refine: 1.7.1_743)' ? 1 
REFMAC       refinement        .                            ? 2 
CrystalClear 'data collection' .                            ? 3 
HKL-2000     'data reduction'  .                            ? 4 
HKL-2000     'data scaling'    .                            ? 5 
REFMAC       phasing           .                            ? 6 
# 
_cell.entry_id           3TXT 
_cell.length_a           109.667 
_cell.length_b           109.667 
_cell.length_c           125.097 
_cell.angle_alpha        90.00 
_cell.angle_beta         90.00 
_cell.angle_gamma        120.00 
_cell.Z_PDB              18 
_cell.pdbx_unique_axis   ? 
_cell.length_a_esd       ? 
_cell.length_b_esd       ? 
_cell.length_c_esd       ? 
_cell.angle_alpha_esd    ? 
_cell.angle_beta_esd     ? 
_cell.angle_gamma_esd    ? 
# 
_symmetry.entry_id                         3TXT 
_symmetry.space_group_name_H-M             'H 3 2' 
_symmetry.pdbx_full_space_group_name_H-M   ? 
_symmetry.cell_setting                     ? 
_symmetry.Int_Tables_number                155 
_symmetry.space_group_name_Hall            ? 
# 
_exptl.entry_id          3TXT 
_exptl.method            'X-RAY DIFFRACTION' 
_exptl.crystals_number   1 
# 
_exptl_crystal.id                    1 
_exptl_crystal.density_meas          ? 
_exptl_crystal.density_Matthews      3.58 
_exptl_crystal.density_percent_sol   65.65 
_exptl_crystal.description           ? 
_exptl_crystal.F_000                 ? 
_exptl_crystal.preparation           ? 
# 
_exptl_crystal_grow.crystal_id      1 
_exptl_crystal_grow.method          'VAPOR DIFFUSION' 
_exptl_crystal_grow.temp            298 
_exptl_crystal_grow.temp_details    ? 
_exptl_crystal_grow.pH              7 
_exptl_crystal_grow.pdbx_details    '3M NaCl, 0.1 M bis-tris propane, pH7, VAPOR DIFFUSION, temperature 298K' 
_exptl_crystal_grow.pdbx_pH_range   ? 
# 
_diffrn.id                     1 
_diffrn.ambient_temp           100 
_diffrn.ambient_temp_details   ? 
_diffrn.crystal_id             1 
# 
_diffrn_detector.diffrn_id              1 
_diffrn_detector.detector               'IMAGE PLATE' 
_diffrn_detector.type                   'RIGAKU RAXIS' 
_diffrn_detector.pdbx_collection_date   2011-01-20 
_diffrn_detector.details                ? 
# 
_diffrn_radiation.diffrn_id                        1 
_diffrn_radiation.wavelength_id                    1 
_diffrn_radiation.pdbx_monochromatic_or_laue_m_l   M 
_diffrn_radiation.monochromator                    ? 
_diffrn_radiation.pdbx_diffrn_protocol             'SINGLE WAVELENGTH' 
_diffrn_radiation.pdbx_scattering_type             x-ray 
# 
_diffrn_radiation_wavelength.id           1 
_diffrn_radiation_wavelength.wavelength   1.54 
_diffrn_radiation_wavelength.wt           1.0 
# 
_diffrn_source.diffrn_id                   1 
_diffrn_source.source                      'ROTATING ANODE' 
_diffrn_source.type                        RIGAKU 
_diffrn_source.pdbx_synchrotron_site       ? 
_diffrn_source.pdbx_synchrotron_beamline   ? 
_diffrn_source.pdbx_wavelength             ? 
_diffrn_source.pdbx_wavelength_list        1.54 
# 
_reflns.entry_id                     3TXT 
_reflns.observed_criterion_sigma_I   2 
_reflns.observed_criterion_sigma_F   2 
_reflns.d_resolution_low             40 
_reflns.d_resolution_high            2.3 
_reflns.number_obs                   12996 
_reflns.number_all                   ? 
_reflns.percent_possible_obs         99 
_reflns.pdbx_netI_over_sigmaI        ? 
_reflns.B_iso_Wilson_estimate        ? 
_reflns.pdbx_redundancy              ? 
_reflns.R_free_details               ? 
_reflns.limit_h_max                  ? 
_reflns.limit_h_min                  ? 
_reflns.limit_k_max                  ? 
_reflns.limit_k_min                  ? 
_reflns.limit_l_max                  ? 
_reflns.limit_l_min                  ? 
_reflns.observed_criterion_F_max     ? 
_reflns.observed_criterion_F_min     ? 
_reflns.pdbx_chi_squared             ? 
_reflns.pdbx_scaling_rejects         ? 
_reflns.pdbx_Rmerge_I_obs            ? 
_reflns.pdbx_Rsym_value              ? 
_reflns.pdbx_ordinal                 1 
_reflns.pdbx_diffrn_id               1 
# 
_refine.entry_id                                 3TXT 
_refine.ls_number_reflns_obs                     12988 
_refine.ls_number_reflns_all                     ? 
_refine.pdbx_ls_sigma_I                          ? 
_refine.pdbx_ls_sigma_F                          0.00 
_refine.pdbx_data_cutoff_high_absF               ? 
_refine.pdbx_data_cutoff_low_absF                ? 
_refine.pdbx_data_cutoff_high_rms_absF           ? 
_refine.ls_d_res_low                             23.327 
_refine.ls_d_res_high                            2.30 
_refine.ls_percent_reflns_obs                    99.28 
_refine.ls_R_factor_obs                          0.2199 
_refine.ls_R_factor_R_work                       0.2188 
_refine.ls_R_factor_R_free                       0.2384 
_refine.ls_R_factor_R_free_error                 ? 
_refine.ls_R_factor_R_free_error_details         ? 
_refine.ls_percent_reflns_R_free                 4.88 
_refine.ls_number_reflns_R_free                  634 
_refine.ls_number_parameters                     ? 
_refine.ls_number_restraints                     ? 
_refine.occupancy_min                            ? 
_refine.occupancy_max                            ? 
_refine.correlation_coeff_Fo_to_Fc               ? 
_refine.correlation_coeff_Fo_to_Fc_free          ? 
_refine.B_iso_mean                               ? 
_refine.aniso_B[1][1]                            -14.3685 
_refine.aniso_B[2][2]                            -14.3685 
_refine.aniso_B[3][3]                            28.7370 
_refine.aniso_B[1][2]                            -0.0000 
_refine.aniso_B[1][3]                            0.0000 
_refine.aniso_B[2][3]                            0.0000 
_refine.solvent_model_details                    'FLAT BULK SOLVENT MODEL' 
_refine.solvent_model_param_ksol                 0.400 
_refine.solvent_model_param_bsol                 79.262 
_refine.pdbx_solvent_vdw_probe_radii             1.20 
_refine.pdbx_solvent_ion_probe_radii             ? 
_refine.pdbx_solvent_shrinkage_radii             0.95 
_refine.pdbx_ls_cross_valid_method               ? 
_refine.details                                  ? 
_refine.pdbx_starting_model                      ? 
_refine.pdbx_method_to_determine_struct          'MOLECULAR REPLACEMENT' 
_refine.pdbx_isotropic_thermal_model             ? 
_refine.pdbx_stereochemistry_target_values       ML 
_refine.pdbx_stereochem_target_val_spec_case     ? 
_refine.pdbx_R_Free_selection_details            ? 
_refine.pdbx_overall_ESU_R_Free                  ? 
_refine.overall_SU_ML                            0.35 
_refine.pdbx_overall_phase_error                 26.69 
_refine.overall_SU_B                             ? 
_refine.overall_SU_R_Cruickshank_DPI             ? 
_refine.ls_redundancy_reflns_obs                 ? 
_refine.B_iso_min                                ? 
_refine.B_iso_max                                ? 
_refine.overall_SU_R_free                        ? 
_refine.ls_wR_factor_R_free                      ? 
_refine.ls_wR_factor_R_work                      ? 
_refine.overall_FOM_free_R_set                   ? 
_refine.overall_FOM_work_R_set                   ? 
_refine.ls_R_factor_all                          ? 
_refine.pdbx_diffrn_id                           1 
_refine.pdbx_refine_id                           'X-RAY DIFFRACTION' 
_refine.pdbx_overall_ESU_R                       ? 
_refine.pdbx_TLS_residual_ADP_flag               ? 
_refine.pdbx_overall_SU_R_free_Cruickshank_DPI   ? 
_refine.pdbx_overall_SU_R_Blow_DPI               ? 
_refine.pdbx_overall_SU_R_free_Blow_DPI          ? 
# 
_refine_hist.pdbx_refine_id                   'X-RAY DIFFRACTION' 
_refine_hist.cycle_id                         LAST 
_refine_hist.pdbx_number_atoms_protein        1389 
_refine_hist.pdbx_number_atoms_nucleic_acid   0 
_refine_hist.pdbx_number_atoms_ligand         10 
_refine_hist.number_atoms_solvent             23 
_refine_hist.number_atoms_total               1422 
_refine_hist.d_res_high                       2.30 
_refine_hist.d_res_low                        23.327 
# 
loop_
_refine_ls_restr.type 
_refine_ls_restr.dev_ideal 
_refine_ls_restr.dev_ideal_target 
_refine_ls_restr.weight 
_refine_ls_restr.number 
_refine_ls_restr.pdbx_restraint_function 
_refine_ls_restr.pdbx_refine_id 
f_bond_d           0.007  ? ? 1447 ? 'X-RAY DIFFRACTION' 
f_angle_d          0.985  ? ? 1969 ? 'X-RAY DIFFRACTION' 
f_dihedral_angle_d 17.072 ? ? 481  ? 'X-RAY DIFFRACTION' 
f_chiral_restr     0.066  ? ? 213  ? 'X-RAY DIFFRACTION' 
f_plane_restr      0.004  ? ? 232  ? 'X-RAY DIFFRACTION' 
# 
loop_
_refine_ls_shell.pdbx_total_number_of_bins_used 
_refine_ls_shell.d_res_high 
_refine_ls_shell.d_res_low 
_refine_ls_shell.number_reflns_R_work 
_refine_ls_shell.R_factor_R_work 
_refine_ls_shell.percent_reflns_obs 
_refine_ls_shell.R_factor_R_free 
_refine_ls_shell.R_factor_R_free_error 
_refine_ls_shell.percent_reflns_R_free 
_refine_ls_shell.number_reflns_R_free 
_refine_ls_shell.number_reflns_all 
_refine_ls_shell.R_factor_all 
_refine_ls_shell.number_reflns_obs 
_refine_ls_shell.redundancy_reflns_obs 
_refine_ls_shell.pdbx_refine_id 
. 2.30   2.4749  2375 0.2607 97.00  0.2654 . . 132 . . . . 'X-RAY DIFFRACTION' 
. 2.4749 2.7236  2452 0.2180 100.00 0.2729 . . 136 . . . . 'X-RAY DIFFRACTION' 
. 2.7236 3.1169  2481 0.2123 100.00 0.2846 . . 120 . . . . 'X-RAY DIFFRACTION' 
. 3.1169 3.9239  2481 0.1996 100.00 0.2320 . . 133 . . . . 'X-RAY DIFFRACTION' 
. 3.9239 23.3283 2565 0.2254 99.00  0.2185 . . 113 . . . . 'X-RAY DIFFRACTION' 
# 
_struct.entry_id                  3TXT 
_struct.title                     'Crystal structure of GlpG in complex with inhibitor DFP' 
_struct.pdbx_model_details        ? 
_struct.pdbx_CASP_flag            ? 
_struct.pdbx_model_type_details   ? 
# 
_struct_keywords.entry_id        3TXT 
_struct_keywords.pdbx_keywords   HYDROLASE/INHIBITOR 
_struct_keywords.text            'serine protease, intramembrane protease, membrane, HYDROLASE-INHIBITOR complex' 
# 
loop_
_struct_asym.id 
_struct_asym.pdbx_blank_PDB_chainid_flag 
_struct_asym.pdbx_modified 
_struct_asym.entity_id 
_struct_asym.details 
A N N 1 ? 
B N N 2 ? 
C N N 3 ? 
# 
_struct_ref.id                         1 
_struct_ref.db_name                    UNP 
_struct_ref.db_code                    GLPG_ECOLI 
_struct_ref.pdbx_db_accession          P09391 
_struct_ref.entity_id                  1 
_struct_ref.pdbx_seq_one_letter_code   
;RAGPVTWVMMIACVVVFIAMQILGDQEVMLWLAWPFDPTLKFEFWRYFTHALMHFSLMHILFNLLWWWYLGGAVEKRLGS
GKLIVITLISALLSGYVQQKFSGPWFGGLSGVVYALMGYVWLRGERDPQSGIYLQRGLIIFALIWIVAGWFDLFGMSMAN
GAHIAGLAVGLAMAFVDSL
;
_struct_ref.pdbx_align_begin           92 
_struct_ref.pdbx_db_isoform            ? 
# 
_struct_ref_seq.align_id                      1 
_struct_ref_seq.ref_id                        1 
_struct_ref_seq.pdbx_PDB_id_code              3TXT 
_struct_ref_seq.pdbx_strand_id                A 
_struct_ref_seq.seq_align_beg                 1 
_struct_ref_seq.pdbx_seq_align_beg_ins_code   ? 
_struct_ref_seq.seq_align_end                 179 
_struct_ref_seq.pdbx_seq_align_end_ins_code   ? 
_struct_ref_seq.pdbx_db_accession             P09391 
_struct_ref_seq.db_align_beg                  92 
_struct_ref_seq.pdbx_db_align_beg_ins_code    ? 
_struct_ref_seq.db_align_end                  270 
_struct_ref_seq.pdbx_db_align_end_ins_code    ? 
_struct_ref_seq.pdbx_auth_seq_align_beg       92 
_struct_ref_seq.pdbx_auth_seq_align_end       270 
# 
_pdbx_struct_assembly.id                   1 
_pdbx_struct_assembly.details              author_and_software_defined_assembly 
_pdbx_struct_assembly.method_details       PISA 
_pdbx_struct_assembly.oligomeric_details   trimeric 
_pdbx_struct_assembly.oligomeric_count     3 
# 
loop_
_pdbx_struct_assembly_prop.biol_id 
_pdbx_struct_assembly_prop.type 
_pdbx_struct_assembly_prop.value 
_pdbx_struct_assembly_prop.details 
1 'ABSA (A^2)' 5850  ? 
1 MORE         -44   ? 
1 'SSA (A^2)'  22710 ? 
# 
_pdbx_struct_assembly_gen.assembly_id       1 
_pdbx_struct_assembly_gen.oper_expression   1,2,3 
_pdbx_struct_assembly_gen.asym_id_list      A,B,C 
# 
loop_
_pdbx_struct_oper_list.id 
_pdbx_struct_oper_list.type 
_pdbx_struct_oper_list.name 
_pdbx_struct_oper_list.symmetry_operation 
_pdbx_struct_oper_list.matrix[1][1] 
_pdbx_struct_oper_list.matrix[1][2] 
_pdbx_struct_oper_list.matrix[1][3] 
_pdbx_struct_oper_list.vector[1] 
_pdbx_struct_oper_list.matrix[2][1] 
_pdbx_struct_oper_list.matrix[2][2] 
_pdbx_struct_oper_list.matrix[2][3] 
_pdbx_struct_oper_list.vector[2] 
_pdbx_struct_oper_list.matrix[3][1] 
_pdbx_struct_oper_list.matrix[3][2] 
_pdbx_struct_oper_list.matrix[3][3] 
_pdbx_struct_oper_list.vector[3] 
1 'identity operation'         1_555 x,y,z        1.0000000000 0.0000000000 0.0000000000  0.0000000000  0.0000000000 1.0000000000 0.0000000000  0.0000000000   0.0000000000  0.0000000000  1.0000000000  0.0000000000   
2 'crystal symmetry operation' 2_665 -y+1,x-y+1,z 0.0576857683 0.9967544209 -0.0561513722 25.8937127146 0.1104303933 0.0495290908 0.9926489800  -10.1826554136 0.9922083856  -0.0634625372 -0.1072148591 -18.8097823565 
3 'crystal symmetry operation' 3_565 -x+y,-x+1,z  0.0576857683 0.1104303933 0.9922083856  18.2939997164 0.9967544209 0.0495290908 -0.0634625372 -26.4990514675 -0.0561513722 0.9926489800  -0.1072148591 9.5450818435 
# 
_struct_biol.id        1 
_struct_biol.details   ? 
# 
loop_
_struct_conf.conf_type_id 
_struct_conf.id 
_struct_conf.pdbx_PDB_helix_id 
_struct_conf.beg_label_comp_id 
_struct_conf.beg_label_asym_id 
_struct_conf.beg_label_seq_id 
_struct_conf.pdbx_beg_PDB_ins_code 
_struct_conf.end_label_comp_id 
_struct_conf.end_label_asym_id 
_struct_conf.end_label_seq_id 
_struct_conf.pdbx_end_PDB_ins_code 
_struct_conf.beg_auth_comp_id 
_struct_conf.beg_auth_asym_id 
_struct_conf.beg_auth_seq_id 
_struct_conf.end_auth_comp_id 
_struct_conf.end_auth_asym_id 
_struct_conf.end_auth_seq_id 
_struct_conf.pdbx_PDB_helix_class 
_struct_conf.details 
_struct_conf.pdbx_PDB_helix_length 
HELX_P HELX_P1  1  GLY A 3   ? GLY A 24  ? GLY A 94  GLY A 115 1 ? 22 
HELX_P HELX_P2  2  GLY A 24  ? ALA A 33  ? GLY A 115 ALA A 124 1 ? 10 
HELX_P HELX_P3  3  ASP A 37  ? LYS A 41  ? ASP A 128 LYS A 132 5 ? 5  
HELX_P HELX_P4  4  TRP A 45  ? HIS A 50  ? TRP A 136 HIS A 141 1 ? 6  
HELX_P HELX_P5  5  ALA A 51  ? MET A 53  ? ALA A 142 MET A 144 5 ? 3  
HELX_P HELX_P6  6  SER A 56  ? GLY A 79  ? SER A 147 GLY A 170 1 ? 24 
HELX_P HELX_P7  7  GLY A 79  ? GLY A 103 ? GLY A 170 GLY A 194 1 ? 25 
HELX_P HELX_P8  8  LEU A 109 ? ASP A 127 ? LEU A 200 ASP A 218 1 ? 19 
HELX_P HELX_P9  9  PRO A 128 ? GLY A 131 ? PRO A 219 GLY A 222 5 ? 4  
HELX_P HELX_P10 10 GLN A 135 ? PHE A 151 ? GLN A 226 PHE A 242 1 ? 17 
HELX_P HELX_P11 11 ALA A 159 ? LEU A 179 ? ALA A 250 LEU A 270 1 ? 21 
# 
_struct_conf_type.id          HELX_P 
_struct_conf_type.criteria    ? 
_struct_conf_type.reference   ? 
# 
_struct_conn.id                            covale1 
_struct_conn.conn_type_id                  covale 
_struct_conn.pdbx_leaving_atom_flag        one 
_struct_conn.pdbx_PDB_id                   ? 
_struct_conn.ptnr1_label_asym_id           B 
_struct_conn.ptnr1_label_comp_id           DFP 
_struct_conn.ptnr1_label_seq_id            . 
_struct_conn.ptnr1_label_atom_id           P 
_struct_conn.pdbx_ptnr1_label_alt_id       ? 
_struct_conn.pdbx_ptnr1_PDB_ins_code       ? 
_struct_conn.pdbx_ptnr1_standard_comp_id   ? 
_struct_conn.ptnr1_symmetry                1_555 
_struct_conn.ptnr2_label_asym_id           A 
_struct_conn.ptnr2_label_comp_id           SER 
_struct_conn.ptnr2_label_seq_id            110 
_struct_conn.ptnr2_label_atom_id           OG 
_struct_conn.pdbx_ptnr2_label_alt_id       ? 
_struct_conn.pdbx_ptnr2_PDB_ins_code       ? 
_struct_conn.ptnr1_auth_asym_id            A 
_struct_conn.ptnr1_auth_comp_id            DFP 
_struct_conn.ptnr1_auth_seq_id             1 
_struct_conn.ptnr2_auth_asym_id            A 
_struct_conn.ptnr2_auth_comp_id            SER 
_struct_conn.ptnr2_auth_seq_id             201 
_struct_conn.ptnr2_symmetry                1_555 
_struct_conn.pdbx_ptnr3_label_atom_id      ? 
_struct_conn.pdbx_ptnr3_label_seq_id       ? 
_struct_conn.pdbx_ptnr3_label_comp_id      ? 
_struct_conn.pdbx_ptnr3_label_asym_id      ? 
_struct_conn.pdbx_ptnr3_label_alt_id       ? 
_struct_conn.pdbx_ptnr3_PDB_ins_code       ? 
_struct_conn.details                       ? 
_struct_conn.pdbx_dist_value               1.629 
_struct_conn.pdbx_value_order              ? 
_struct_conn.pdbx_role                     ? 
# 
_struct_conn_type.id          covale 
_struct_conn_type.criteria    ? 
_struct_conn_type.reference   ? 
# 
_pdbx_modification_feature.ordinal                            1 
_pdbx_modification_feature.label_comp_id                      DFP 
_pdbx_modification_feature.label_asym_id                      B 
_pdbx_modification_feature.label_seq_id                       . 
_pdbx_modification_feature.label_alt_id                       ? 
_pdbx_modification_feature.modified_residue_label_comp_id     SER 
_pdbx_modification_feature.modified_residue_label_asym_id     A 
_pdbx_modification_feature.modified_residue_label_seq_id      110 
_pdbx_modification_feature.modified_residue_label_alt_id      ? 
_pdbx_modification_feature.auth_comp_id                       DFP 
_pdbx_modification_feature.auth_asym_id                       A 
_pdbx_modification_feature.auth_seq_id                        1 
_pdbx_modification_feature.PDB_ins_code                       ? 
_pdbx_modification_feature.symmetry                           1_555 
_pdbx_modification_feature.modified_residue_auth_comp_id      SER 
_pdbx_modification_feature.modified_residue_auth_asym_id      A 
_pdbx_modification_feature.modified_residue_auth_seq_id       201 
_pdbx_modification_feature.modified_residue_PDB_ins_code      ? 
_pdbx_modification_feature.modified_residue_symmetry          1_555 
_pdbx_modification_feature.comp_id_linking_atom               P 
_pdbx_modification_feature.modified_residue_id_linking_atom   OG 
_pdbx_modification_feature.modified_residue_id                SER 
_pdbx_modification_feature.ref_pcm_id                         1 
_pdbx_modification_feature.ref_comp_id                        DFP 
_pdbx_modification_feature.type                               None 
_pdbx_modification_feature.category                           'Covalent chemical modification' 
# 
_struct_site.id                   AC1 
_struct_site.pdbx_evidence_code   Software 
_struct_site.pdbx_auth_asym_id    A 
_struct_site.pdbx_auth_comp_id    DFP 
_struct_site.pdbx_auth_seq_id     1 
_struct_site.pdbx_auth_ins_code   ? 
_struct_site.pdbx_num_residues    7 
_struct_site.details              'BINDING SITE FOR RESIDUE DFP A 1' 
# 
loop_
_struct_site_gen.id 
_struct_site_gen.site_id 
_struct_site_gen.pdbx_num_res 
_struct_site_gen.label_comp_id 
_struct_site_gen.label_asym_id 
_struct_site_gen.label_seq_id 
_struct_site_gen.pdbx_auth_ins_code 
_struct_site_gen.auth_comp_id 
_struct_site_gen.auth_asym_id 
_struct_site_gen.auth_seq_id 
_struct_site_gen.label_atom_id 
_struct_site_gen.label_alt_id 
_struct_site_gen.symmetry 
_struct_site_gen.details 
1 AC1 7 HIS A 59  ? HIS A 150 . ? 1_555 ? 
2 AC1 7 ASN A 63  ? ASN A 154 . ? 1_555 ? 
3 AC1 7 GLY A 107 ? GLY A 198 . ? 1_555 ? 
4 AC1 7 GLY A 108 ? GLY A 199 . ? 1_555 ? 
5 AC1 7 LEU A 109 ? LEU A 200 . ? 1_555 ? 
6 AC1 7 SER A 110 ? SER A 201 . ? 1_555 ? 
7 AC1 7 TYR A 114 ? TYR A 205 . ? 1_555 ? 
# 
_pdbx_entry_details.entry_id                   3TXT 
_pdbx_entry_details.compound_details           ? 
_pdbx_entry_details.source_details             ? 
_pdbx_entry_details.nonpolymer_details         ? 
_pdbx_entry_details.sequence_details           ? 
_pdbx_entry_details.has_ligand_of_interest     ? 
_pdbx_entry_details.has_protein_modification   Y 
# 
loop_
_pdbx_validate_close_contact.id 
_pdbx_validate_close_contact.PDB_model_num 
_pdbx_validate_close_contact.auth_atom_id_1 
_pdbx_validate_close_contact.auth_asym_id_1 
_pdbx_validate_close_contact.auth_comp_id_1 
_pdbx_validate_close_contact.auth_seq_id_1 
_pdbx_validate_close_contact.PDB_ins_code_1 
_pdbx_validate_close_contact.label_alt_id_1 
_pdbx_validate_close_contact.auth_atom_id_2 
_pdbx_validate_close_contact.auth_asym_id_2 
_pdbx_validate_close_contact.auth_comp_id_2 
_pdbx_validate_close_contact.auth_seq_id_2 
_pdbx_validate_close_contact.PDB_ins_code_2 
_pdbx_validate_close_contact.label_alt_id_2 
_pdbx_validate_close_contact.dist 
1 1 O A HOH 5   ? ? O  A HOH 19  ? ? 1.98 
2 1 O A THR 130 ? ? O  A HOH 6   ? ? 2.01 
3 1 O A ASP 218 ? ? OG A SER 221 ? ? 2.12 
# 
loop_
_pdbx_validate_torsion.id 
_pdbx_validate_torsion.PDB_model_num 
_pdbx_validate_torsion.auth_comp_id 
_pdbx_validate_torsion.auth_asym_id 
_pdbx_validate_torsion.auth_seq_id 
_pdbx_validate_torsion.PDB_ins_code 
_pdbx_validate_torsion.label_alt_id 
_pdbx_validate_torsion.phi 
_pdbx_validate_torsion.psi 
1 1 TRP A 125 ? ? -39.18 134.91 
2 1 GLN A 220 ? ? -58.27 5.33   
3 1 ASP A 243 ? ? 39.26  49.68  
# 
loop_
_pdbx_unobs_or_zero_occ_residues.id 
_pdbx_unobs_or_zero_occ_residues.PDB_model_num 
_pdbx_unobs_or_zero_occ_residues.polymer_flag 
_pdbx_unobs_or_zero_occ_residues.occupancy_flag 
_pdbx_unobs_or_zero_occ_residues.auth_asym_id 
_pdbx_unobs_or_zero_occ_residues.auth_comp_id 
_pdbx_unobs_or_zero_occ_residues.auth_seq_id 
_pdbx_unobs_or_zero_occ_residues.PDB_ins_code 
_pdbx_unobs_or_zero_occ_residues.label_asym_id 
_pdbx_unobs_or_zero_occ_residues.label_comp_id 
_pdbx_unobs_or_zero_occ_residues.label_seq_id 
1 1 Y 1 A PHE 245 ? A PHE 154 
2 1 Y 1 A GLY 246 ? A GLY 155 
3 1 Y 1 A MET 247 ? A MET 156 
4 1 Y 1 A SER 248 ? A SER 157 
# 
loop_
_chem_comp_atom.comp_id 
_chem_comp_atom.atom_id 
_chem_comp_atom.type_symbol 
_chem_comp_atom.pdbx_aromatic_flag 
_chem_comp_atom.pdbx_stereo_config 
_chem_comp_atom.pdbx_ordinal 
ALA N      N N N 1   
ALA CA     C N S 2   
ALA C      C N N 3   
ALA O      O N N 4   
ALA CB     C N N 5   
ALA OXT    O N N 6   
ALA H      H N N 7   
ALA H2     H N N 8   
ALA HA     H N N 9   
ALA HB1    H N N 10  
ALA HB2    H N N 11  
ALA HB3    H N N 12  
ALA HXT    H N N 13  
ARG N      N N N 14  
ARG CA     C N S 15  
ARG C      C N N 16  
ARG O      O N N 17  
ARG CB     C N N 18  
ARG CG     C N N 19  
ARG CD     C N N 20  
ARG NE     N N N 21  
ARG CZ     C N N 22  
ARG NH1    N N N 23  
ARG NH2    N N N 24  
ARG OXT    O N N 25  
ARG H      H N N 26  
ARG H2     H N N 27  
ARG HA     H N N 28  
ARG HB2    H N N 29  
ARG HB3    H N N 30  
ARG HG2    H N N 31  
ARG HG3    H N N 32  
ARG HD2    H N N 33  
ARG HD3    H N N 34  
ARG HE     H N N 35  
ARG HH11   H N N 36  
ARG HH12   H N N 37  
ARG HH21   H N N 38  
ARG HH22   H N N 39  
ARG HXT    H N N 40  
ASN N      N N N 41  
ASN CA     C N S 42  
ASN C      C N N 43  
ASN O      O N N 44  
ASN CB     C N N 45  
ASN CG     C N N 46  
ASN OD1    O N N 47  
ASN ND2    N N N 48  
ASN OXT    O N N 49  
ASN H      H N N 50  
ASN H2     H N N 51  
ASN HA     H N N 52  
ASN HB2    H N N 53  
ASN HB3    H N N 54  
ASN HD21   H N N 55  
ASN HD22   H N N 56  
ASN HXT    H N N 57  
ASP N      N N N 58  
ASP CA     C N S 59  
ASP C      C N N 60  
ASP O      O N N 61  
ASP CB     C N N 62  
ASP CG     C N N 63  
ASP OD1    O N N 64  
ASP OD2    O N N 65  
ASP OXT    O N N 66  
ASP H      H N N 67  
ASP H2     H N N 68  
ASP HA     H N N 69  
ASP HB2    H N N 70  
ASP HB3    H N N 71  
ASP HD2    H N N 72  
ASP HXT    H N N 73  
CYS N      N N N 74  
CYS CA     C N R 75  
CYS C      C N N 76  
CYS O      O N N 77  
CYS CB     C N N 78  
CYS SG     S N N 79  
CYS OXT    O N N 80  
CYS H      H N N 81  
CYS H2     H N N 82  
CYS HA     H N N 83  
CYS HB2    H N N 84  
CYS HB3    H N N 85  
CYS HG     H N N 86  
CYS HXT    H N N 87  
DFP C1     C N N 88  
DFP C2     C N N 89  
DFP C3     C N N 90  
DFP "C1'"  C N N 91  
DFP "C2'"  C N N 92  
DFP "C3'"  C N N 93  
DFP P      P N N 94  
DFP O1P    O N N 95  
DFP O2P    O N N 96  
DFP O3P    O N N 97  
DFP H1     H N N 98  
DFP H21    H N N 99  
DFP H22    H N N 100 
DFP H23    H N N 101 
DFP H31    H N N 102 
DFP H32    H N N 103 
DFP H33    H N N 104 
DFP "H1'"  H N N 105 
DFP "H2'1" H N N 106 
DFP "H2'2" H N N 107 
DFP "H2'3" H N N 108 
DFP "H3'1" H N N 109 
DFP "H3'2" H N N 110 
DFP "H3'3" H N N 111 
DFP HP1    H N N 112 
GLN N      N N N 113 
GLN CA     C N S 114 
GLN C      C N N 115 
GLN O      O N N 116 
GLN CB     C N N 117 
GLN CG     C N N 118 
GLN CD     C N N 119 
GLN OE1    O N N 120 
GLN NE2    N N N 121 
GLN OXT    O N N 122 
GLN H      H N N 123 
GLN H2     H N N 124 
GLN HA     H N N 125 
GLN HB2    H N N 126 
GLN HB3    H N N 127 
GLN HG2    H N N 128 
GLN HG3    H N N 129 
GLN HE21   H N N 130 
GLN HE22   H N N 131 
GLN HXT    H N N 132 
GLU N      N N N 133 
GLU CA     C N S 134 
GLU C      C N N 135 
GLU O      O N N 136 
GLU CB     C N N 137 
GLU CG     C N N 138 
GLU CD     C N N 139 
GLU OE1    O N N 140 
GLU OE2    O N N 141 
GLU OXT    O N N 142 
GLU H      H N N 143 
GLU H2     H N N 144 
GLU HA     H N N 145 
GLU HB2    H N N 146 
GLU HB3    H N N 147 
GLU HG2    H N N 148 
GLU HG3    H N N 149 
GLU HE2    H N N 150 
GLU HXT    H N N 151 
GLY N      N N N 152 
GLY CA     C N N 153 
GLY C      C N N 154 
GLY O      O N N 155 
GLY OXT    O N N 156 
GLY H      H N N 157 
GLY H2     H N N 158 
GLY HA2    H N N 159 
GLY HA3    H N N 160 
GLY HXT    H N N 161 
HIS N      N N N 162 
HIS CA     C N S 163 
HIS C      C N N 164 
HIS O      O N N 165 
HIS CB     C N N 166 
HIS CG     C Y N 167 
HIS ND1    N Y N 168 
HIS CD2    C Y N 169 
HIS CE1    C Y N 170 
HIS NE2    N Y N 171 
HIS OXT    O N N 172 
HIS H      H N N 173 
HIS H2     H N N 174 
HIS HA     H N N 175 
HIS HB2    H N N 176 
HIS HB3    H N N 177 
HIS HD1    H N N 178 
HIS HD2    H N N 179 
HIS HE1    H N N 180 
HIS HE2    H N N 181 
HIS HXT    H N N 182 
HOH O      O N N 183 
HOH H1     H N N 184 
HOH H2     H N N 185 
ILE N      N N N 186 
ILE CA     C N S 187 
ILE C      C N N 188 
ILE O      O N N 189 
ILE CB     C N S 190 
ILE CG1    C N N 191 
ILE CG2    C N N 192 
ILE CD1    C N N 193 
ILE OXT    O N N 194 
ILE H      H N N 195 
ILE H2     H N N 196 
ILE HA     H N N 197 
ILE HB     H N N 198 
ILE HG12   H N N 199 
ILE HG13   H N N 200 
ILE HG21   H N N 201 
ILE HG22   H N N 202 
ILE HG23   H N N 203 
ILE HD11   H N N 204 
ILE HD12   H N N 205 
ILE HD13   H N N 206 
ILE HXT    H N N 207 
LEU N      N N N 208 
LEU CA     C N S 209 
LEU C      C N N 210 
LEU O      O N N 211 
LEU CB     C N N 212 
LEU CG     C N N 213 
LEU CD1    C N N 214 
LEU CD2    C N N 215 
LEU OXT    O N N 216 
LEU H      H N N 217 
LEU H2     H N N 218 
LEU HA     H N N 219 
LEU HB2    H N N 220 
LEU HB3    H N N 221 
LEU HG     H N N 222 
LEU HD11   H N N 223 
LEU HD12   H N N 224 
LEU HD13   H N N 225 
LEU HD21   H N N 226 
LEU HD22   H N N 227 
LEU HD23   H N N 228 
LEU HXT    H N N 229 
LYS N      N N N 230 
LYS CA     C N S 231 
LYS C      C N N 232 
LYS O      O N N 233 
LYS CB     C N N 234 
LYS CG     C N N 235 
LYS CD     C N N 236 
LYS CE     C N N 237 
LYS NZ     N N N 238 
LYS OXT    O N N 239 
LYS H      H N N 240 
LYS H2     H N N 241 
LYS HA     H N N 242 
LYS HB2    H N N 243 
LYS HB3    H N N 244 
LYS HG2    H N N 245 
LYS HG3    H N N 246 
LYS HD2    H N N 247 
LYS HD3    H N N 248 
LYS HE2    H N N 249 
LYS HE3    H N N 250 
LYS HZ1    H N N 251 
LYS HZ2    H N N 252 
LYS HZ3    H N N 253 
LYS HXT    H N N 254 
MET N      N N N 255 
MET CA     C N S 256 
MET C      C N N 257 
MET O      O N N 258 
MET CB     C N N 259 
MET CG     C N N 260 
MET SD     S N N 261 
MET CE     C N N 262 
MET OXT    O N N 263 
MET H      H N N 264 
MET H2     H N N 265 
MET HA     H N N 266 
MET HB2    H N N 267 
MET HB3    H N N 268 
MET HG2    H N N 269 
MET HG3    H N N 270 
MET HE1    H N N 271 
MET HE2    H N N 272 
MET HE3    H N N 273 
MET HXT    H N N 274 
PHE N      N N N 275 
PHE CA     C N S 276 
PHE C      C N N 277 
PHE O      O N N 278 
PHE CB     C N N 279 
PHE CG     C Y N 280 
PHE CD1    C Y N 281 
PHE CD2    C Y N 282 
PHE CE1    C Y N 283 
PHE CE2    C Y N 284 
PHE CZ     C Y N 285 
PHE OXT    O N N 286 
PHE H      H N N 287 
PHE H2     H N N 288 
PHE HA     H N N 289 
PHE HB2    H N N 290 
PHE HB3    H N N 291 
PHE HD1    H N N 292 
PHE HD2    H N N 293 
PHE HE1    H N N 294 
PHE HE2    H N N 295 
PHE HZ     H N N 296 
PHE HXT    H N N 297 
PRO N      N N N 298 
PRO CA     C N S 299 
PRO C      C N N 300 
PRO O      O N N 301 
PRO CB     C N N 302 
PRO CG     C N N 303 
PRO CD     C N N 304 
PRO OXT    O N N 305 
PRO H      H N N 306 
PRO HA     H N N 307 
PRO HB2    H N N 308 
PRO HB3    H N N 309 
PRO HG2    H N N 310 
PRO HG3    H N N 311 
PRO HD2    H N N 312 
PRO HD3    H N N 313 
PRO HXT    H N N 314 
SER N      N N N 315 
SER CA     C N S 316 
SER C      C N N 317 
SER O      O N N 318 
SER CB     C N N 319 
SER OG     O N N 320 
SER OXT    O N N 321 
SER H      H N N 322 
SER H2     H N N 323 
SER HA     H N N 324 
SER HB2    H N N 325 
SER HB3    H N N 326 
SER HG     H N N 327 
SER HXT    H N N 328 
THR N      N N N 329 
THR CA     C N S 330 
THR C      C N N 331 
THR O      O N N 332 
THR CB     C N R 333 
THR OG1    O N N 334 
THR CG2    C N N 335 
THR OXT    O N N 336 
THR H      H N N 337 
THR H2     H N N 338 
THR HA     H N N 339 
THR HB     H N N 340 
THR HG1    H N N 341 
THR HG21   H N N 342 
THR HG22   H N N 343 
THR HG23   H N N 344 
THR HXT    H N N 345 
TRP N      N N N 346 
TRP CA     C N S 347 
TRP C      C N N 348 
TRP O      O N N 349 
TRP CB     C N N 350 
TRP CG     C Y N 351 
TRP CD1    C Y N 352 
TRP CD2    C Y N 353 
TRP NE1    N Y N 354 
TRP CE2    C Y N 355 
TRP CE3    C Y N 356 
TRP CZ2    C Y N 357 
TRP CZ3    C Y N 358 
TRP CH2    C Y N 359 
TRP OXT    O N N 360 
TRP H      H N N 361 
TRP H2     H N N 362 
TRP HA     H N N 363 
TRP HB2    H N N 364 
TRP HB3    H N N 365 
TRP HD1    H N N 366 
TRP HE1    H N N 367 
TRP HE3    H N N 368 
TRP HZ2    H N N 369 
TRP HZ3    H N N 370 
TRP HH2    H N N 371 
TRP HXT    H N N 372 
TYR N      N N N 373 
TYR CA     C N S 374 
TYR C      C N N 375 
TYR O      O N N 376 
TYR CB     C N N 377 
TYR CG     C Y N 378 
TYR CD1    C Y N 379 
TYR CD2    C Y N 380 
TYR CE1    C Y N 381 
TYR CE2    C Y N 382 
TYR CZ     C Y N 383 
TYR OH     O N N 384 
TYR OXT    O N N 385 
TYR H      H N N 386 
TYR H2     H N N 387 
TYR HA     H N N 388 
TYR HB2    H N N 389 
TYR HB3    H N N 390 
TYR HD1    H N N 391 
TYR HD2    H N N 392 
TYR HE1    H N N 393 
TYR HE2    H N N 394 
TYR HH     H N N 395 
TYR HXT    H N N 396 
VAL N      N N N 397 
VAL CA     C N S 398 
VAL C      C N N 399 
VAL O      O N N 400 
VAL CB     C N N 401 
VAL CG1    C N N 402 
VAL CG2    C N N 403 
VAL OXT    O N N 404 
VAL H      H N N 405 
VAL H2     H N N 406 
VAL HA     H N N 407 
VAL HB     H N N 408 
VAL HG11   H N N 409 
VAL HG12   H N N 410 
VAL HG13   H N N 411 
VAL HG21   H N N 412 
VAL HG22   H N N 413 
VAL HG23   H N N 414 
VAL HXT    H N N 415 
# 
loop_
_chem_comp_bond.comp_id 
_chem_comp_bond.atom_id_1 
_chem_comp_bond.atom_id_2 
_chem_comp_bond.value_order 
_chem_comp_bond.pdbx_aromatic_flag 
_chem_comp_bond.pdbx_stereo_config 
_chem_comp_bond.pdbx_ordinal 
ALA N     CA     sing N N 1   
ALA N     H      sing N N 2   
ALA N     H2     sing N N 3   
ALA CA    C      sing N N 4   
ALA CA    CB     sing N N 5   
ALA CA    HA     sing N N 6   
ALA C     O      doub N N 7   
ALA C     OXT    sing N N 8   
ALA CB    HB1    sing N N 9   
ALA CB    HB2    sing N N 10  
ALA CB    HB3    sing N N 11  
ALA OXT   HXT    sing N N 12  
ARG N     CA     sing N N 13  
ARG N     H      sing N N 14  
ARG N     H2     sing N N 15  
ARG CA    C      sing N N 16  
ARG CA    CB     sing N N 17  
ARG CA    HA     sing N N 18  
ARG C     O      doub N N 19  
ARG C     OXT    sing N N 20  
ARG CB    CG     sing N N 21  
ARG CB    HB2    sing N N 22  
ARG CB    HB3    sing N N 23  
ARG CG    CD     sing N N 24  
ARG CG    HG2    sing N N 25  
ARG CG    HG3    sing N N 26  
ARG CD    NE     sing N N 27  
ARG CD    HD2    sing N N 28  
ARG CD    HD3    sing N N 29  
ARG NE    CZ     sing N N 30  
ARG NE    HE     sing N N 31  
ARG CZ    NH1    sing N N 32  
ARG CZ    NH2    doub N N 33  
ARG NH1   HH11   sing N N 34  
ARG NH1   HH12   sing N N 35  
ARG NH2   HH21   sing N N 36  
ARG NH2   HH22   sing N N 37  
ARG OXT   HXT    sing N N 38  
ASN N     CA     sing N N 39  
ASN N     H      sing N N 40  
ASN N     H2     sing N N 41  
ASN CA    C      sing N N 42  
ASN CA    CB     sing N N 43  
ASN CA    HA     sing N N 44  
ASN C     O      doub N N 45  
ASN C     OXT    sing N N 46  
ASN CB    CG     sing N N 47  
ASN CB    HB2    sing N N 48  
ASN CB    HB3    sing N N 49  
ASN CG    OD1    doub N N 50  
ASN CG    ND2    sing N N 51  
ASN ND2   HD21   sing N N 52  
ASN ND2   HD22   sing N N 53  
ASN OXT   HXT    sing N N 54  
ASP N     CA     sing N N 55  
ASP N     H      sing N N 56  
ASP N     H2     sing N N 57  
ASP CA    C      sing N N 58  
ASP CA    CB     sing N N 59  
ASP CA    HA     sing N N 60  
ASP C     O      doub N N 61  
ASP C     OXT    sing N N 62  
ASP CB    CG     sing N N 63  
ASP CB    HB2    sing N N 64  
ASP CB    HB3    sing N N 65  
ASP CG    OD1    doub N N 66  
ASP CG    OD2    sing N N 67  
ASP OD2   HD2    sing N N 68  
ASP OXT   HXT    sing N N 69  
CYS N     CA     sing N N 70  
CYS N     H      sing N N 71  
CYS N     H2     sing N N 72  
CYS CA    C      sing N N 73  
CYS CA    CB     sing N N 74  
CYS CA    HA     sing N N 75  
CYS C     O      doub N N 76  
CYS C     OXT    sing N N 77  
CYS CB    SG     sing N N 78  
CYS CB    HB2    sing N N 79  
CYS CB    HB3    sing N N 80  
CYS SG    HG     sing N N 81  
CYS OXT   HXT    sing N N 82  
DFP C1    C2     sing N N 83  
DFP C1    C3     sing N N 84  
DFP C1    O1P    sing N N 85  
DFP C1    H1     sing N N 86  
DFP C2    H21    sing N N 87  
DFP C2    H22    sing N N 88  
DFP C2    H23    sing N N 89  
DFP C3    H31    sing N N 90  
DFP C3    H32    sing N N 91  
DFP C3    H33    sing N N 92  
DFP "C1'" "C2'"  sing N N 93  
DFP "C1'" "C3'"  sing N N 94  
DFP "C1'" O2P    sing N N 95  
DFP "C1'" "H1'"  sing N N 96  
DFP "C2'" "H2'1" sing N N 97  
DFP "C2'" "H2'2" sing N N 98  
DFP "C2'" "H2'3" sing N N 99  
DFP "C3'" "H3'1" sing N N 100 
DFP "C3'" "H3'2" sing N N 101 
DFP "C3'" "H3'3" sing N N 102 
DFP P     O1P    sing N N 103 
DFP P     O2P    sing N N 104 
DFP P     O3P    doub N N 105 
DFP HP1   P      sing N N 106 
GLN N     CA     sing N N 107 
GLN N     H      sing N N 108 
GLN N     H2     sing N N 109 
GLN CA    C      sing N N 110 
GLN CA    CB     sing N N 111 
GLN CA    HA     sing N N 112 
GLN C     O      doub N N 113 
GLN C     OXT    sing N N 114 
GLN CB    CG     sing N N 115 
GLN CB    HB2    sing N N 116 
GLN CB    HB3    sing N N 117 
GLN CG    CD     sing N N 118 
GLN CG    HG2    sing N N 119 
GLN CG    HG3    sing N N 120 
GLN CD    OE1    doub N N 121 
GLN CD    NE2    sing N N 122 
GLN NE2   HE21   sing N N 123 
GLN NE2   HE22   sing N N 124 
GLN OXT   HXT    sing N N 125 
GLU N     CA     sing N N 126 
GLU N     H      sing N N 127 
GLU N     H2     sing N N 128 
GLU CA    C      sing N N 129 
GLU CA    CB     sing N N 130 
GLU CA    HA     sing N N 131 
GLU C     O      doub N N 132 
GLU C     OXT    sing N N 133 
GLU CB    CG     sing N N 134 
GLU CB    HB2    sing N N 135 
GLU CB    HB3    sing N N 136 
GLU CG    CD     sing N N 137 
GLU CG    HG2    sing N N 138 
GLU CG    HG3    sing N N 139 
GLU CD    OE1    doub N N 140 
GLU CD    OE2    sing N N 141 
GLU OE2   HE2    sing N N 142 
GLU OXT   HXT    sing N N 143 
GLY N     CA     sing N N 144 
GLY N     H      sing N N 145 
GLY N     H2     sing N N 146 
GLY CA    C      sing N N 147 
GLY CA    HA2    sing N N 148 
GLY CA    HA3    sing N N 149 
GLY C     O      doub N N 150 
GLY C     OXT    sing N N 151 
GLY OXT   HXT    sing N N 152 
HIS N     CA     sing N N 153 
HIS N     H      sing N N 154 
HIS N     H2     sing N N 155 
HIS CA    C      sing N N 156 
HIS CA    CB     sing N N 157 
HIS CA    HA     sing N N 158 
HIS C     O      doub N N 159 
HIS C     OXT    sing N N 160 
HIS CB    CG     sing N N 161 
HIS CB    HB2    sing N N 162 
HIS CB    HB3    sing N N 163 
HIS CG    ND1    sing Y N 164 
HIS CG    CD2    doub Y N 165 
HIS ND1   CE1    doub Y N 166 
HIS ND1   HD1    sing N N 167 
HIS CD2   NE2    sing Y N 168 
HIS CD2   HD2    sing N N 169 
HIS CE1   NE2    sing Y N 170 
HIS CE1   HE1    sing N N 171 
HIS NE2   HE2    sing N N 172 
HIS OXT   HXT    sing N N 173 
HOH O     H1     sing N N 174 
HOH O     H2     sing N N 175 
ILE N     CA     sing N N 176 
ILE N     H      sing N N 177 
ILE N     H2     sing N N 178 
ILE CA    C      sing N N 179 
ILE CA    CB     sing N N 180 
ILE CA    HA     sing N N 181 
ILE C     O      doub N N 182 
ILE C     OXT    sing N N 183 
ILE CB    CG1    sing N N 184 
ILE CB    CG2    sing N N 185 
ILE CB    HB     sing N N 186 
ILE CG1   CD1    sing N N 187 
ILE CG1   HG12   sing N N 188 
ILE CG1   HG13   sing N N 189 
ILE CG2   HG21   sing N N 190 
ILE CG2   HG22   sing N N 191 
ILE CG2   HG23   sing N N 192 
ILE CD1   HD11   sing N N 193 
ILE CD1   HD12   sing N N 194 
ILE CD1   HD13   sing N N 195 
ILE OXT   HXT    sing N N 196 
LEU N     CA     sing N N 197 
LEU N     H      sing N N 198 
LEU N     H2     sing N N 199 
LEU CA    C      sing N N 200 
LEU CA    CB     sing N N 201 
LEU CA    HA     sing N N 202 
LEU C     O      doub N N 203 
LEU C     OXT    sing N N 204 
LEU CB    CG     sing N N 205 
LEU CB    HB2    sing N N 206 
LEU CB    HB3    sing N N 207 
LEU CG    CD1    sing N N 208 
LEU CG    CD2    sing N N 209 
LEU CG    HG     sing N N 210 
LEU CD1   HD11   sing N N 211 
LEU CD1   HD12   sing N N 212 
LEU CD1   HD13   sing N N 213 
LEU CD2   HD21   sing N N 214 
LEU CD2   HD22   sing N N 215 
LEU CD2   HD23   sing N N 216 
LEU OXT   HXT    sing N N 217 
LYS N     CA     sing N N 218 
LYS N     H      sing N N 219 
LYS N     H2     sing N N 220 
LYS CA    C      sing N N 221 
LYS CA    CB     sing N N 222 
LYS CA    HA     sing N N 223 
LYS C     O      doub N N 224 
LYS C     OXT    sing N N 225 
LYS CB    CG     sing N N 226 
LYS CB    HB2    sing N N 227 
LYS CB    HB3    sing N N 228 
LYS CG    CD     sing N N 229 
LYS CG    HG2    sing N N 230 
LYS CG    HG3    sing N N 231 
LYS CD    CE     sing N N 232 
LYS CD    HD2    sing N N 233 
LYS CD    HD3    sing N N 234 
LYS CE    NZ     sing N N 235 
LYS CE    HE2    sing N N 236 
LYS CE    HE3    sing N N 237 
LYS NZ    HZ1    sing N N 238 
LYS NZ    HZ2    sing N N 239 
LYS NZ    HZ3    sing N N 240 
LYS OXT   HXT    sing N N 241 
MET N     CA     sing N N 242 
MET N     H      sing N N 243 
MET N     H2     sing N N 244 
MET CA    C      sing N N 245 
MET CA    CB     sing N N 246 
MET CA    HA     sing N N 247 
MET C     O      doub N N 248 
MET C     OXT    sing N N 249 
MET CB    CG     sing N N 250 
MET CB    HB2    sing N N 251 
MET CB    HB3    sing N N 252 
MET CG    SD     sing N N 253 
MET CG    HG2    sing N N 254 
MET CG    HG3    sing N N 255 
MET SD    CE     sing N N 256 
MET CE    HE1    sing N N 257 
MET CE    HE2    sing N N 258 
MET CE    HE3    sing N N 259 
MET OXT   HXT    sing N N 260 
PHE N     CA     sing N N 261 
PHE N     H      sing N N 262 
PHE N     H2     sing N N 263 
PHE CA    C      sing N N 264 
PHE CA    CB     sing N N 265 
PHE CA    HA     sing N N 266 
PHE C     O      doub N N 267 
PHE C     OXT    sing N N 268 
PHE CB    CG     sing N N 269 
PHE CB    HB2    sing N N 270 
PHE CB    HB3    sing N N 271 
PHE CG    CD1    doub Y N 272 
PHE CG    CD2    sing Y N 273 
PHE CD1   CE1    sing Y N 274 
PHE CD1   HD1    sing N N 275 
PHE CD2   CE2    doub Y N 276 
PHE CD2   HD2    sing N N 277 
PHE CE1   CZ     doub Y N 278 
PHE CE1   HE1    sing N N 279 
PHE CE2   CZ     sing Y N 280 
PHE CE2   HE2    sing N N 281 
PHE CZ    HZ     sing N N 282 
PHE OXT   HXT    sing N N 283 
PRO N     CA     sing N N 284 
PRO N     CD     sing N N 285 
PRO N     H      sing N N 286 
PRO CA    C      sing N N 287 
PRO CA    CB     sing N N 288 
PRO CA    HA     sing N N 289 
PRO C     O      doub N N 290 
PRO C     OXT    sing N N 291 
PRO CB    CG     sing N N 292 
PRO CB    HB2    sing N N 293 
PRO CB    HB3    sing N N 294 
PRO CG    CD     sing N N 295 
PRO CG    HG2    sing N N 296 
PRO CG    HG3    sing N N 297 
PRO CD    HD2    sing N N 298 
PRO CD    HD3    sing N N 299 
PRO OXT   HXT    sing N N 300 
SER N     CA     sing N N 301 
SER N     H      sing N N 302 
SER N     H2     sing N N 303 
SER CA    C      sing N N 304 
SER CA    CB     sing N N 305 
SER CA    HA     sing N N 306 
SER C     O      doub N N 307 
SER C     OXT    sing N N 308 
SER CB    OG     sing N N 309 
SER CB    HB2    sing N N 310 
SER CB    HB3    sing N N 311 
SER OG    HG     sing N N 312 
SER OXT   HXT    sing N N 313 
THR N     CA     sing N N 314 
THR N     H      sing N N 315 
THR N     H2     sing N N 316 
THR CA    C      sing N N 317 
THR CA    CB     sing N N 318 
THR CA    HA     sing N N 319 
THR C     O      doub N N 320 
THR C     OXT    sing N N 321 
THR CB    OG1    sing N N 322 
THR CB    CG2    sing N N 323 
THR CB    HB     sing N N 324 
THR OG1   HG1    sing N N 325 
THR CG2   HG21   sing N N 326 
THR CG2   HG22   sing N N 327 
THR CG2   HG23   sing N N 328 
THR OXT   HXT    sing N N 329 
TRP N     CA     sing N N 330 
TRP N     H      sing N N 331 
TRP N     H2     sing N N 332 
TRP CA    C      sing N N 333 
TRP CA    CB     sing N N 334 
TRP CA    HA     sing N N 335 
TRP C     O      doub N N 336 
TRP C     OXT    sing N N 337 
TRP CB    CG     sing N N 338 
TRP CB    HB2    sing N N 339 
TRP CB    HB3    sing N N 340 
TRP CG    CD1    doub Y N 341 
TRP CG    CD2    sing Y N 342 
TRP CD1   NE1    sing Y N 343 
TRP CD1   HD1    sing N N 344 
TRP CD2   CE2    doub Y N 345 
TRP CD2   CE3    sing Y N 346 
TRP NE1   CE2    sing Y N 347 
TRP NE1   HE1    sing N N 348 
TRP CE2   CZ2    sing Y N 349 
TRP CE3   CZ3    doub Y N 350 
TRP CE3   HE3    sing N N 351 
TRP CZ2   CH2    doub Y N 352 
TRP CZ2   HZ2    sing N N 353 
TRP CZ3   CH2    sing Y N 354 
TRP CZ3   HZ3    sing N N 355 
TRP CH2   HH2    sing N N 356 
TRP OXT   HXT    sing N N 357 
TYR N     CA     sing N N 358 
TYR N     H      sing N N 359 
TYR N     H2     sing N N 360 
TYR CA    C      sing N N 361 
TYR CA    CB     sing N N 362 
TYR CA    HA     sing N N 363 
TYR C     O      doub N N 364 
TYR C     OXT    sing N N 365 
TYR CB    CG     sing N N 366 
TYR CB    HB2    sing N N 367 
TYR CB    HB3    sing N N 368 
TYR CG    CD1    doub Y N 369 
TYR CG    CD2    sing Y N 370 
TYR CD1   CE1    sing Y N 371 
TYR CD1   HD1    sing N N 372 
TYR CD2   CE2    doub Y N 373 
TYR CD2   HD2    sing N N 374 
TYR CE1   CZ     doub Y N 375 
TYR CE1   HE1    sing N N 376 
TYR CE2   CZ     sing Y N 377 
TYR CE2   HE2    sing N N 378 
TYR CZ    OH     sing N N 379 
TYR OH    HH     sing N N 380 
TYR OXT   HXT    sing N N 381 
VAL N     CA     sing N N 382 
VAL N     H      sing N N 383 
VAL N     H2     sing N N 384 
VAL CA    C      sing N N 385 
VAL CA    CB     sing N N 386 
VAL CA    HA     sing N N 387 
VAL C     O      doub N N 388 
VAL C     OXT    sing N N 389 
VAL CB    CG1    sing N N 390 
VAL CB    CG2    sing N N 391 
VAL CB    HB     sing N N 392 
VAL CG1   HG11   sing N N 393 
VAL CG1   HG12   sing N N 394 
VAL CG1   HG13   sing N N 395 
VAL CG2   HG21   sing N N 396 
VAL CG2   HG22   sing N N 397 
VAL CG2   HG23   sing N N 398 
VAL OXT   HXT    sing N N 399 
# 
_atom_sites.entry_id                    3TXT 
_atom_sites.fract_transf_matrix[1][1]   0.00534830 
_atom_sites.fract_transf_matrix[1][2]   0.00207688 
_atom_sites.fract_transf_matrix[1][3]   -0.00882942 
_atom_sites.fract_transf_matrix[2][1]   0.00822215 
_atom_sites.fract_transf_matrix[2][2]   -0.00599363 
_atom_sites.fract_transf_matrix[2][3]   -0.00270785 
_atom_sites.fract_transf_matrix[3][1]   -0.00487431 
_atom_sites.fract_transf_matrix[3][2]   -0.00483853 
_atom_sites.fract_transf_matrix[3][3]   -0.00409069 
_atom_sites.fract_transf_vector[1]      0.252711 
_atom_sites.fract_transf_vector[2]      0.463903 
_atom_sites.fract_transf_vector[3]      0.324403 
# 
loop_
_atom_type.symbol 
C 
N 
O 
P 
S 
# 
loop_
_atom_site.group_PDB 
_atom_site.id 
_atom_site.type_symbol 
_atom_site.label_atom_id 
_atom_site.label_alt_id 
_atom_site.label_comp_id 
_atom_site.label_asym_id 
_atom_site.label_entity_id 
_atom_site.label_seq_id 
_atom_site.pdbx_PDB_ins_code 
_atom_site.Cartn_x 
_atom_site.Cartn_y 
_atom_site.Cartn_z 
_atom_site.occupancy 
_atom_site.B_iso_or_equiv 
_atom_site.pdbx_formal_charge 
_atom_site.auth_seq_id 
_atom_site.auth_comp_id 
_atom_site.auth_asym_id 
_atom_site.auth_atom_id 
_atom_site.pdbx_PDB_model_num 
ATOM   1    N N     . ARG A 1 1   ? -1.645  -12.334 -17.260 1.00 75.90 ? 92  ARG A N     1 
ATOM   2    C CA    . ARG A 1 1   ? -0.757  -11.226 -16.905 1.00 76.82 ? 92  ARG A CA    1 
ATOM   3    C C     . ARG A 1 1   ? -1.419  -10.241 -15.937 1.00 76.30 ? 92  ARG A C     1 
ATOM   4    O O     . ARG A 1 1   ? -2.595  -10.383 -15.588 1.00 77.55 ? 92  ARG A O     1 
ATOM   5    C CB    . ARG A 1 1   ? -0.291  -10.472 -18.156 1.00 70.10 ? 92  ARG A CB    1 
ATOM   6    C CG    . ARG A 1 1   ? -1.350  -9.540  -18.725 1.00 73.78 ? 92  ARG A CG    1 
ATOM   7    C CD    . ARG A 1 1   ? -0.829  -8.680  -19.864 1.00 71.57 ? 92  ARG A CD    1 
ATOM   8    N NE    . ARG A 1 1   ? -1.911  -7.861  -20.412 1.00 78.26 ? 92  ARG A NE    1 
ATOM   9    C CZ    . ARG A 1 1   ? -1.787  -6.996  -21.416 1.00 80.20 ? 92  ARG A CZ    1 
ATOM   10   N NH1   . ARG A 1 1   ? -0.611  -6.819  -22.007 1.00 81.01 ? 92  ARG A NH1   1 
ATOM   11   N NH2   . ARG A 1 1   ? -2.847  -6.310  -21.826 1.00 77.52 ? 92  ARG A NH2   1 
ATOM   12   N N     . ALA A 1 2   ? -0.649  -9.235  -15.522 1.00 73.61 ? 93  ALA A N     1 
ATOM   13   C CA    . ALA A 1 2   ? -1.102  -8.240  -14.549 1.00 72.05 ? 93  ALA A CA    1 
ATOM   14   C C     . ALA A 1 2   ? -2.091  -7.246  -15.160 1.00 69.10 ? 93  ALA A C     1 
ATOM   15   O O     . ALA A 1 2   ? -1.824  -6.661  -16.213 1.00 67.03 ? 93  ALA A O     1 
ATOM   16   C CB    . ALA A 1 2   ? 0.094   -7.497  -13.942 1.00 66.25 ? 93  ALA A CB    1 
ATOM   17   N N     . GLY A 1 3   ? -3.223  -7.056  -14.481 1.00 64.72 ? 94  GLY A N     1 
ATOM   18   C CA    . GLY A 1 3   ? -4.266  -6.150  -14.935 1.00 56.87 ? 94  GLY A CA    1 
ATOM   19   C C     . GLY A 1 3   ? -3.805  -4.709  -15.013 1.00 59.16 ? 94  GLY A C     1 
ATOM   20   O O     . GLY A 1 3   ? -2.692  -4.388  -14.588 1.00 58.78 ? 94  GLY A O     1 
ATOM   21   N N     . PRO A 1 4   ? -4.668  -3.823  -15.542 1.00 61.09 ? 95  PRO A N     1 
ATOM   22   C CA    . PRO A 1 4   ? -4.267  -2.436  -15.812 1.00 57.62 ? 95  PRO A CA    1 
ATOM   23   C C     . PRO A 1 4   ? -3.956  -1.666  -14.529 1.00 56.73 ? 95  PRO A C     1 
ATOM   24   O O     . PRO A 1 4   ? -3.042  -0.839  -14.526 1.00 59.32 ? 95  PRO A O     1 
ATOM   25   C CB    . PRO A 1 4   ? -5.487  -1.843  -16.533 1.00 59.86 ? 95  PRO A CB    1 
ATOM   26   C CG    . PRO A 1 4   ? -6.648  -2.718  -16.121 1.00 62.54 ? 95  PRO A CG    1 
ATOM   27   C CD    . PRO A 1 4   ? -6.079  -4.089  -15.881 1.00 57.79 ? 95  PRO A CD    1 
ATOM   28   N N     . VAL A 1 5   ? -4.704  -1.926  -13.459 1.00 55.64 ? 96  VAL A N     1 
ATOM   29   C CA    . VAL A 1 5   ? -4.463  -1.251  -12.186 1.00 58.99 ? 96  VAL A CA    1 
ATOM   30   C C     . VAL A 1 5   ? -3.164  -1.708  -11.518 1.00 53.56 ? 96  VAL A C     1 
ATOM   31   O O     . VAL A 1 5   ? -2.316  -0.883  -11.164 1.00 51.51 ? 96  VAL A O     1 
ATOM   32   C CB    . VAL A 1 5   ? -5.652  -1.425  -11.210 1.00 59.81 ? 96  VAL A CB    1 
ATOM   33   C CG1   . VAL A 1 5   ? -5.311  -0.818  -9.854  1.00 53.15 ? 96  VAL A CG1   1 
ATOM   34   C CG2   . VAL A 1 5   ? -6.898  -0.781  -11.792 1.00 57.72 ? 96  VAL A CG2   1 
ATOM   35   N N     . THR A 1 6   ? -3.017  -3.020  -11.349 1.00 53.68 ? 97  THR A N     1 
ATOM   36   C CA    . THR A 1 6   ? -1.768  -3.602  -10.855 1.00 54.83 ? 97  THR A CA    1 
ATOM   37   C C     . THR A 1 6   ? -0.573  -3.052  -11.627 1.00 54.84 ? 97  THR A C     1 
ATOM   38   O O     . THR A 1 6   ? 0.423   -2.645  -11.038 1.00 51.14 ? 97  THR A O     1 
ATOM   39   C CB    . THR A 1 6   ? -1.757  -5.128  -11.021 1.00 52.86 ? 97  THR A CB    1 
ATOM   40   O OG1   . THR A 1 6   ? -2.869  -5.686  -10.320 1.00 55.19 ? 97  THR A OG1   1 
ATOM   41   C CG2   . THR A 1 6   ? -0.473  -5.718  -10.462 1.00 55.91 ? 97  THR A CG2   1 
ATOM   42   N N     . TRP A 1 7   ? -0.703  -3.025  -12.952 1.00 57.90 ? 98  TRP A N     1 
ATOM   43   C CA    . TRP A 1 7   ? 0.364   -2.618  -13.861 1.00 55.10 ? 98  TRP A CA    1 
ATOM   44   C C     . TRP A 1 7   ? 0.674   -1.134  -13.766 1.00 56.60 ? 98  TRP A C     1 
ATOM   45   O O     . TRP A 1 7   ? 1.838   -0.729  -13.680 1.00 54.26 ? 98  TRP A O     1 
ATOM   46   C CB    . TRP A 1 7   ? -0.061  -2.970  -15.288 1.00 58.95 ? 98  TRP A CB    1 
ATOM   47   C CG    . TRP A 1 7   ? 0.733   -2.355  -16.411 1.00 64.05 ? 98  TRP A CG    1 
ATOM   48   C CD1   . TRP A 1 7   ? 0.254   -1.534  -17.403 1.00 65.81 ? 98  TRP A CD1   1 
ATOM   49   C CD2   . TRP A 1 7   ? 2.132   -2.540  -16.687 1.00 61.52 ? 98  TRP A CD2   1 
ATOM   50   N NE1   . TRP A 1 7   ? 1.269   -1.194  -18.267 1.00 63.52 ? 98  TRP A NE1   1 
ATOM   51   C CE2   . TRP A 1 7   ? 2.430   -1.795  -17.853 1.00 67.33 ? 98  TRP A CE2   1 
ATOM   52   C CE3   . TRP A 1 7   ? 3.158   -3.251  -16.056 1.00 59.52 ? 98  TRP A CE3   1 
ATOM   53   C CZ2   . TRP A 1 7   ? 3.717   -1.745  -18.403 1.00 65.34 ? 98  TRP A CZ2   1 
ATOM   54   C CZ3   . TRP A 1 7   ? 4.433   -3.201  -16.600 1.00 63.55 ? 98  TRP A CZ3   1 
ATOM   55   C CH2   . TRP A 1 7   ? 4.702   -2.455  -17.764 1.00 65.47 ? 98  TRP A CH2   1 
ATOM   56   N N     . VAL A 1 8   ? -0.364  -0.306  -13.790 1.00 55.15 ? 99  VAL A N     1 
ATOM   57   C CA    . VAL A 1 8   ? -0.113  1.123   -13.800 1.00 54.99 ? 99  VAL A CA    1 
ATOM   58   C C     . VAL A 1 8   ? 0.497   1.589   -12.481 1.00 54.60 ? 99  VAL A C     1 
ATOM   59   O O     . VAL A 1 8   ? 1.348   2.476   -12.470 1.00 54.80 ? 99  VAL A O     1 
ATOM   60   C CB    . VAL A 1 8   ? -1.362  1.943   -14.161 1.00 59.37 ? 99  VAL A CB    1 
ATOM   61   C CG1   . VAL A 1 8   ? -1.063  3.420   -14.018 1.00 59.84 ? 99  VAL A CG1   1 
ATOM   62   C CG2   . VAL A 1 8   ? -1.807  1.632   -15.589 1.00 56.33 ? 99  VAL A CG2   1 
ATOM   63   N N     . MET A 1 9   ? 0.077   0.988   -11.372 1.00 50.32 ? 100 MET A N     1 
ATOM   64   C CA    . MET A 1 9   ? 0.676   1.327   -10.093 1.00 51.40 ? 100 MET A CA    1 
ATOM   65   C C     . MET A 1 9   ? 2.184   1.046   -10.092 1.00 53.65 ? 100 MET A C     1 
ATOM   66   O O     . MET A 1 9   ? 2.972   1.847   -9.584  1.00 51.52 ? 100 MET A O     1 
ATOM   67   C CB    . MET A 1 9   ? 0.008   0.552   -8.962  1.00 53.24 ? 100 MET A CB    1 
ATOM   68   C CG    . MET A 1 9   ? 0.719   0.712   -7.623  1.00 52.78 ? 100 MET A CG    1 
ATOM   69   S SD    . MET A 1 9   ? 0.707   2.380   -6.957  1.00 57.36 ? 100 MET A SD    1 
ATOM   70   C CE    . MET A 1 9   ? -1.032  2.545   -6.488  1.00 55.92 ? 100 MET A CE    1 
ATOM   71   N N     . MET A 1 10  ? 2.586   -0.090  -10.655 1.00 50.51 ? 101 MET A N     1 
ATOM   72   C CA    . MET A 1 10  ? 4.009   -0.432  -10.735 1.00 55.67 ? 101 MET A CA    1 
ATOM   73   C C     . MET A 1 10  ? 4.791   0.570   -11.591 1.00 52.84 ? 101 MET A C     1 
ATOM   74   O O     . MET A 1 10  ? 5.848   1.053   -11.176 1.00 49.98 ? 101 MET A O     1 
ATOM   75   C CB    . MET A 1 10  ? 4.204   -1.869  -11.232 1.00 53.39 ? 101 MET A CB    1 
ATOM   76   C CG    . MET A 1 10  ? 3.458   -2.898  -10.379 1.00 51.40 ? 101 MET A CG    1 
ATOM   77   S SD    . MET A 1 10  ? 3.744   -4.654  -10.765 1.00 60.25 ? 101 MET A SD    1 
ATOM   78   C CE    . MET A 1 10  ? 2.544   -4.973  -12.048 1.00 56.29 ? 101 MET A CE    1 
ATOM   79   N N     . ILE A 1 11  ? 4.262   0.903   -12.765 1.00 54.19 ? 102 ILE A N     1 
ATOM   80   C CA    . ILE A 1 11  ? 4.885   1.911   -13.622 1.00 54.09 ? 102 ILE A CA    1 
ATOM   81   C C     . ILE A 1 11  ? 5.092   3.209   -12.861 1.00 55.39 ? 102 ILE A C     1 
ATOM   82   O O     . ILE A 1 11  ? 6.201   3.745   -12.818 1.00 55.64 ? 102 ILE A O     1 
ATOM   83   C CB    . ILE A 1 11  ? 4.016   2.224   -14.860 1.00 58.26 ? 102 ILE A CB    1 
ATOM   84   C CG1   . ILE A 1 11  ? 3.990   1.031   -15.812 1.00 60.76 ? 102 ILE A CG1   1 
ATOM   85   C CG2   . ILE A 1 11  ? 4.532   3.473   -15.601 1.00 61.32 ? 102 ILE A CG2   1 
ATOM   86   C CD1   . ILE A 1 11  ? 3.156   1.292   -17.054 1.00 61.87 ? 102 ILE A CD1   1 
ATOM   87   N N     . ALA A 1 12  ? 4.011   3.711   -12.265 1.00 55.56 ? 103 ALA A N     1 
ATOM   88   C CA    . ALA A 1 12  ? 4.053   4.966   -11.524 1.00 52.60 ? 103 ALA A CA    1 
ATOM   89   C C     . ALA A 1 12  ? 5.141   4.934   -10.451 1.00 52.14 ? 103 ALA A C     1 
ATOM   90   O O     . ALA A 1 12  ? 5.896   5.888   -10.297 1.00 54.02 ? 103 ALA A O     1 
ATOM   91   C CB    . ALA A 1 12  ? 2.688   5.271   -10.910 1.00 47.15 ? 103 ALA A CB    1 
ATOM   92   N N     . CYS A 1 13  ? 5.234   3.826   -9.721  1.00 51.26 ? 104 CYS A N     1 
ATOM   93   C CA    . CYS A 1 13  ? 6.219   3.723   -8.654  1.00 54.24 ? 104 CYS A CA    1 
ATOM   94   C C     . CYS A 1 13  ? 7.638   3.771   -9.204  1.00 53.12 ? 104 CYS A C     1 
ATOM   95   O O     . CYS A 1 13  ? 8.530   4.372   -8.595  1.00 51.81 ? 104 CYS A O     1 
ATOM   96   C CB    . CYS A 1 13  ? 5.991   2.458   -7.823  1.00 50.35 ? 104 CYS A CB    1 
ATOM   97   S SG    . CYS A 1 13  ? 4.599   2.618   -6.655  1.00 53.31 ? 104 CYS A SG    1 
ATOM   98   N N     . VAL A 1 14  ? 7.842   3.154   -10.361 1.00 52.09 ? 105 VAL A N     1 
ATOM   99   C CA    . VAL A 1 14  ? 9.178   3.084   -10.946 1.00 58.00 ? 105 VAL A CA    1 
ATOM   100  C C     . VAL A 1 14  ? 9.605   4.443   -11.478 1.00 57.78 ? 105 VAL A C     1 
ATOM   101  O O     . VAL A 1 14  ? 10.722  4.901   -11.233 1.00 55.73 ? 105 VAL A O     1 
ATOM   102  C CB    . VAL A 1 14  ? 9.254   2.053   -12.088 1.00 56.92 ? 105 VAL A CB    1 
ATOM   103  C CG1   . VAL A 1 14  ? 10.502  2.284   -12.901 1.00 59.38 ? 105 VAL A CG1   1 
ATOM   104  C CG2   . VAL A 1 14  ? 9.239   0.638   -11.537 1.00 53.07 ? 105 VAL A CG2   1 
ATOM   105  N N     . VAL A 1 15  ? 8.698   5.082   -12.205 1.00 58.33 ? 106 VAL A N     1 
ATOM   106  C CA    . VAL A 1 15  ? 8.956   6.394   -12.765 1.00 55.20 ? 106 VAL A CA    1 
ATOM   107  C C     . VAL A 1 15  ? 9.270   7.362   -11.635 1.00 57.57 ? 106 VAL A C     1 
ATOM   108  O O     . VAL A 1 15  ? 10.252  8.099   -11.699 1.00 57.21 ? 106 VAL A O     1 
ATOM   109  C CB    . VAL A 1 15  ? 7.754   6.866   -13.595 1.00 56.24 ? 106 VAL A CB    1 
ATOM   110  C CG1   . VAL A 1 15  ? 7.852   8.363   -13.899 1.00 58.72 ? 106 VAL A CG1   1 
ATOM   111  C CG2   . VAL A 1 15  ? 7.651   6.026   -14.878 1.00 54.86 ? 106 VAL A CG2   1 
ATOM   112  N N     . VAL A 1 16  ? 8.457   7.326   -10.578 1.00 58.46 ? 107 VAL A N     1 
ATOM   113  C CA    . VAL A 1 16  ? 8.671   8.202   -9.430  1.00 55.33 ? 107 VAL A CA    1 
ATOM   114  C C     . VAL A 1 16  ? 9.995   7.893   -8.746  1.00 54.82 ? 107 VAL A C     1 
ATOM   115  O O     . VAL A 1 16  ? 10.738  8.805   -8.383  1.00 56.71 ? 107 VAL A O     1 
ATOM   116  C CB    . VAL A 1 16  ? 7.514   8.126   -8.401  1.00 54.15 ? 107 VAL A CB    1 
ATOM   117  C CG1   . VAL A 1 16  ? 7.886   8.882   -7.128  1.00 44.17 ? 107 VAL A CG1   1 
ATOM   118  C CG2   . VAL A 1 16  ? 6.226   8.694   -9.008  1.00 51.66 ? 107 VAL A CG2   1 
ATOM   119  N N     . PHE A 1 17  ? 10.286  6.609   -8.571  1.00 51.02 ? 108 PHE A N     1 
ATOM   120  C CA    . PHE A 1 17  ? 11.570  6.188   -8.033  1.00 53.63 ? 108 PHE A CA    1 
ATOM   121  C C     . PHE A 1 17  ? 12.724  6.669   -8.933  1.00 58.18 ? 108 PHE A C     1 
ATOM   122  O O     . PHE A 1 17  ? 13.783  7.077   -8.449  1.00 58.91 ? 108 PHE A O     1 
ATOM   123  C CB    . PHE A 1 17  ? 11.600  4.666   -7.888  1.00 57.52 ? 108 PHE A CB    1 
ATOM   124  C CG    . PHE A 1 17  ? 12.843  4.139   -7.229  1.00 52.23 ? 108 PHE A CG    1 
ATOM   125  C CD1   . PHE A 1 17  ? 13.016  4.263   -5.866  1.00 50.83 ? 108 PHE A CD1   1 
ATOM   126  C CD2   . PHE A 1 17  ? 13.838  3.514   -7.974  1.00 56.34 ? 108 PHE A CD2   1 
ATOM   127  C CE1   . PHE A 1 17  ? 14.159  3.778   -5.238  1.00 54.53 ? 108 PHE A CE1   1 
ATOM   128  C CE2   . PHE A 1 17  ? 14.994  3.014   -7.351  1.00 53.13 ? 108 PHE A CE2   1 
ATOM   129  C CZ    . PHE A 1 17  ? 15.154  3.153   -5.980  1.00 56.04 ? 108 PHE A CZ    1 
ATOM   130  N N     . ILE A 1 18  ? 12.521  6.629   -10.242 1.00 56.18 ? 109 ILE A N     1 
ATOM   131  C CA    . ILE A 1 18  ? 13.524  7.158   -11.160 1.00 59.52 ? 109 ILE A CA    1 
ATOM   132  C C     . ILE A 1 18  ? 13.695  8.661   -10.938 1.00 61.17 ? 109 ILE A C     1 
ATOM   133  O O     . ILE A 1 18  ? 14.808  9.139   -10.699 1.00 58.45 ? 109 ILE A O     1 
ATOM   134  C CB    . ILE A 1 18  ? 13.182  6.815   -12.628 1.00 62.26 ? 109 ILE A CB    1 
ATOM   135  C CG1   . ILE A 1 18  ? 13.538  5.342   -12.876 1.00 63.33 ? 109 ILE A CG1   1 
ATOM   136  C CG2   . ILE A 1 18  ? 13.932  7.720   -13.600 1.00 63.65 ? 109 ILE A CG2   1 
ATOM   137  C CD1   . ILE A 1 18  ? 13.005  4.786   -14.171 1.00 67.92 ? 109 ILE A CD1   1 
ATOM   138  N N     . ALA A 1 19  ? 12.591  9.401   -10.964 1.00 61.31 ? 110 ALA A N     1 
ATOM   139  C CA    . ALA A 1 19  ? 12.647  10.832  -10.680 1.00 58.00 ? 110 ALA A CA    1 
ATOM   140  C C     . ALA A 1 19  ? 13.323  11.121  -9.332  1.00 58.10 ? 110 ALA A C     1 
ATOM   141  O O     . ALA A 1 19  ? 13.968  12.144  -9.160  1.00 61.32 ? 110 ALA A O     1 
ATOM   142  C CB    . ALA A 1 19  ? 11.267  11.428  -10.723 1.00 52.00 ? 110 ALA A CB    1 
ATOM   143  N N     . MET A 1 20  ? 13.190  10.222  -8.373  1.00 55.98 ? 111 MET A N     1 
ATOM   144  C CA    . MET A 1 20  ? 13.839  10.447  -7.093  1.00 60.21 ? 111 MET A CA    1 
ATOM   145  C C     . MET A 1 20  ? 15.369  10.309  -7.183  1.00 65.08 ? 111 MET A C     1 
ATOM   146  O O     . MET A 1 20  ? 16.114  11.012  -6.488  1.00 60.35 ? 111 MET A O     1 
ATOM   147  C CB    . MET A 1 20  ? 13.249  9.513   -6.033  1.00 54.94 ? 111 MET A CB    1 
ATOM   148  C CG    . MET A 1 20  ? 11.821  9.912   -5.621  1.00 55.28 ? 111 MET A CG    1 
ATOM   149  S SD    . MET A 1 20  ? 10.927  8.754   -4.570  1.00 56.73 ? 111 MET A SD    1 
ATOM   150  C CE    . MET A 1 20  ? 11.743  8.977   -2.978  1.00 51.59 ? 111 MET A CE    1 
ATOM   151  N N     . GLN A 1 21  ? 15.834  9.400   -8.034  1.00 57.45 ? 112 GLN A N     1 
ATOM   152  C CA    . GLN A 1 21  ? 17.270  9.190   -8.198  1.00 68.12 ? 112 GLN A CA    1 
ATOM   153  C C     . GLN A 1 21  ? 17.910  10.397  -8.877  1.00 64.98 ? 112 GLN A C     1 
ATOM   154  O O     . GLN A 1 21  ? 18.978  10.849  -8.475  1.00 65.79 ? 112 GLN A O     1 
ATOM   155  C CB    . GLN A 1 21  ? 17.558  7.914   -9.007  1.00 62.36 ? 112 GLN A CB    1 
ATOM   156  C CG    . GLN A 1 21  ? 17.009  6.651   -8.383  1.00 59.22 ? 112 GLN A CG    1 
ATOM   157  C CD    . GLN A 1 21  ? 17.144  6.637   -6.870  1.00 63.70 ? 112 GLN A CD    1 
ATOM   158  O OE1   . GLN A 1 21  ? 18.250  6.712   -6.331  1.00 67.89 ? 112 GLN A OE1   1 
ATOM   159  N NE2   . GLN A 1 21  ? 16.013  6.551   -6.175  1.00 62.08 ? 112 GLN A NE2   1 
ATOM   160  N N     . ILE A 1 22  ? 17.223  10.918  -9.887  1.00 63.06 ? 113 ILE A N     1 
ATOM   161  C CA    . ILE A 1 22  ? 17.702  12.038  -10.690 1.00 67.38 ? 113 ILE A CA    1 
ATOM   162  C C     . ILE A 1 22  ? 17.671  13.362  -9.923  1.00 70.29 ? 113 ILE A C     1 
ATOM   163  O O     . ILE A 1 22  ? 18.704  14.019  -9.751  1.00 72.50 ? 113 ILE A O     1 
ATOM   164  C CB    . ILE A 1 22  ? 16.852  12.163  -11.976 1.00 66.97 ? 113 ILE A CB    1 
ATOM   165  C CG1   . ILE A 1 22  ? 16.994  10.894  -12.827 1.00 60.12 ? 113 ILE A CG1   1 
ATOM   166  C CG2   . ILE A 1 22  ? 17.229  13.407  -12.770 1.00 63.75 ? 113 ILE A CG2   1 
ATOM   167  C CD1   . ILE A 1 22  ? 16.026  10.835  -14.002 1.00 62.90 ? 113 ILE A CD1   1 
ATOM   168  N N     . LEU A 1 23  ? 16.486  13.747  -9.455  1.00 69.21 ? 114 LEU A N     1 
ATOM   169  C CA    . LEU A 1 23  ? 16.293  15.028  -8.760  1.00 67.12 ? 114 LEU A CA    1 
ATOM   170  C C     . LEU A 1 23  ? 16.586  14.988  -7.257  1.00 64.23 ? 114 LEU A C     1 
ATOM   171  O O     . LEU A 1 23  ? 16.731  16.037  -6.626  1.00 64.51 ? 114 LEU A O     1 
ATOM   172  C CB    . LEU A 1 23  ? 14.859  15.511  -8.966  1.00 64.50 ? 114 LEU A CB    1 
ATOM   173  C CG    . LEU A 1 23  ? 14.317  15.340  -10.379 1.00 66.39 ? 114 LEU A CG    1 
ATOM   174  C CD1   . LEU A 1 23  ? 12.800  15.296  -10.374 1.00 62.32 ? 114 LEU A CD1   1 
ATOM   175  C CD2   . LEU A 1 23  ? 14.831  16.460  -11.279 1.00 67.45 ? 114 LEU A CD2   1 
ATOM   176  N N     . GLY A 1 24  ? 16.669  13.792  -6.683  1.00 60.09 ? 115 GLY A N     1 
ATOM   177  C CA    . GLY A 1 24  ? 16.841  13.656  -5.246  1.00 59.76 ? 115 GLY A CA    1 
ATOM   178  C C     . GLY A 1 24  ? 15.503  13.400  -4.559  1.00 62.52 ? 115 GLY A C     1 
ATOM   179  O O     . GLY A 1 24  ? 14.446  13.749  -5.094  1.00 59.47 ? 115 GLY A O     1 
ATOM   180  N N     . ASP A 1 25  ? 15.548  12.791  -3.376  1.00 59.17 ? 116 ASP A N     1 
ATOM   181  C CA    . ASP A 1 25  ? 14.341  12.410  -2.650  1.00 61.99 ? 116 ASP A CA    1 
ATOM   182  C C     . ASP A 1 25  ? 13.498  13.629  -2.237  1.00 60.49 ? 116 ASP A C     1 
ATOM   183  O O     . ASP A 1 25  ? 12.305  13.703  -2.534  1.00 56.48 ? 116 ASP A O     1 
ATOM   184  C CB    . ASP A 1 25  ? 14.697  11.553  -1.423  1.00 56.20 ? 116 ASP A CB    1 
ATOM   185  C CG    . ASP A 1 25  ? 15.277  10.184  -1.801  1.00 59.81 ? 116 ASP A CG    1 
ATOM   186  O OD1   . ASP A 1 25  ? 15.203  9.794   -2.988  1.00 59.86 ? 116 ASP A OD1   1 
ATOM   187  O OD2   . ASP A 1 25  ? 15.798  9.478   -0.902  1.00 60.76 ? 116 ASP A OD2   1 
ATOM   188  N N     . GLN A 1 26  ? 14.142  14.573  -1.562  1.00 60.09 ? 117 GLN A N     1 
ATOM   189  C CA    . GLN A 1 26  ? 13.489  15.755  -1.024  1.00 63.73 ? 117 GLN A CA    1 
ATOM   190  C C     . GLN A 1 26  ? 12.843  16.591  -2.126  1.00 60.51 ? 117 GLN A C     1 
ATOM   191  O O     . GLN A 1 26  ? 11.723  17.073  -1.962  1.00 62.72 ? 117 GLN A O     1 
ATOM   192  C CB    . GLN A 1 26  ? 14.502  16.579  -0.234  1.00 62.73 ? 117 GLN A CB    1 
ATOM   193  C CG    . GLN A 1 26  ? 15.873  15.894  -0.162  1.00 68.35 ? 117 GLN A CG    1 
ATOM   194  C CD    . GLN A 1 26  ? 16.506  15.999  1.204   1.00 74.28 ? 117 GLN A CD    1 
ATOM   195  O OE1   . GLN A 1 26  ? 15.821  16.272  2.196   1.00 83.68 ? 117 GLN A OE1   1 
ATOM   196  N NE2   . GLN A 1 26  ? 17.817  15.780  1.270   1.00 75.62 ? 117 GLN A NE2   1 
ATOM   197  N N     . GLU A 1 27  ? 13.536  16.750  -3.248  1.00 60.66 ? 118 GLU A N     1 
ATOM   198  C CA    . GLU A 1 27  ? 12.965  17.464  -4.387  1.00 61.36 ? 118 GLU A CA    1 
ATOM   199  C C     . GLU A 1 27  ? 11.616  16.848  -4.784  1.00 60.68 ? 118 GLU A C     1 
ATOM   200  O O     . GLU A 1 27  ? 10.651  17.565  -5.066  1.00 57.24 ? 118 GLU A O     1 
ATOM   201  C CB    . GLU A 1 27  ? 13.925  17.480  -5.594  1.00 60.12 ? 118 GLU A CB    1 
ATOM   202  C CG    . GLU A 1 27  ? 15.079  18.492  -5.524  1.00 57.90 ? 118 GLU A CG    1 
ATOM   203  C CD    . GLU A 1 27  ? 16.333  17.964  -4.812  1.00 68.98 ? 118 GLU A CD    1 
ATOM   204  O OE1   . GLU A 1 27  ? 16.284  16.936  -4.069  1.00 60.71 ? 118 GLU A OE1   1 
ATOM   205  O OE2   . GLU A 1 27  ? 17.399  18.596  -5.005  1.00 72.14 ? 118 GLU A OE2   1 
ATOM   206  N N     . VAL A 1 28  ? 11.555  15.519  -4.798  1.00 61.67 ? 119 VAL A N     1 
ATOM   207  C CA    . VAL A 1 28  ? 10.339  14.808  -5.191  1.00 60.02 ? 119 VAL A CA    1 
ATOM   208  C C     . VAL A 1 28  ? 9.274   14.833  -4.080  1.00 58.76 ? 119 VAL A C     1 
ATOM   209  O O     . VAL A 1 28  ? 8.079   14.976  -4.371  1.00 57.54 ? 119 VAL A O     1 
ATOM   210  C CB    . VAL A 1 28  ? 10.647  13.360  -5.673  1.00 63.64 ? 119 VAL A CB    1 
ATOM   211  C CG1   . VAL A 1 28  ? 9.358   12.571  -5.884  1.00 57.50 ? 119 VAL A CG1   1 
ATOM   212  C CG2   . VAL A 1 28  ? 11.505  13.382  -6.960  1.00 57.59 ? 119 VAL A CG2   1 
ATOM   213  N N     . MET A 1 29  ? 9.706   14.731  -2.823  1.00 55.65 ? 120 MET A N     1 
ATOM   214  C CA    . MET A 1 29  ? 8.791   14.854  -1.680  1.00 61.47 ? 120 MET A CA    1 
ATOM   215  C C     . MET A 1 29  ? 8.031   16.168  -1.744  1.00 62.28 ? 120 MET A C     1 
ATOM   216  O O     . MET A 1 29  ? 6.831   16.226  -1.462  1.00 60.08 ? 120 MET A O     1 
ATOM   217  C CB    . MET A 1 29  ? 9.557   14.812  -0.349  1.00 60.17 ? 120 MET A CB    1 
ATOM   218  C CG    . MET A 1 29  ? 10.459  13.612  -0.155  1.00 62.22 ? 120 MET A CG    1 
ATOM   219  S SD    . MET A 1 29  ? 10.039  12.653  1.311   1.00 66.00 ? 120 MET A SD    1 
ATOM   220  C CE    . MET A 1 29  ? 11.186  13.311  2.503   1.00 62.79 ? 120 MET A CE    1 
ATOM   221  N N     . LEU A 1 30  ? 8.751   17.225  -2.104  1.00 61.17 ? 121 LEU A N     1 
ATOM   222  C CA    . LEU A 1 30  ? 8.200   18.574  -2.150  1.00 63.53 ? 121 LEU A CA    1 
ATOM   223  C C     . LEU A 1 30  ? 6.911   18.612  -2.972  1.00 62.71 ? 121 LEU A C     1 
ATOM   224  O O     . LEU A 1 30  ? 6.044   19.451  -2.750  1.00 61.11 ? 121 LEU A O     1 
ATOM   225  C CB    . LEU A 1 30  ? 9.231   19.514  -2.774  1.00 66.52 ? 121 LEU A CB    1 
ATOM   226  C CG    . LEU A 1 30  ? 9.405   20.903  -2.170  1.00 66.29 ? 121 LEU A CG    1 
ATOM   227  C CD1   . LEU A 1 30  ? 9.676   20.774  -0.681  1.00 65.28 ? 121 LEU A CD1   1 
ATOM   228  C CD2   . LEU A 1 30  ? 10.546  21.641  -2.901  1.00 59.15 ? 121 LEU A CD2   1 
ATOM   229  N N     . TRP A 1 31  ? 6.788   17.675  -3.908  1.00 65.51 ? 122 TRP A N     1 
ATOM   230  C CA    . TRP A 1 31  ? 5.675   17.646  -4.855  1.00 63.04 ? 122 TRP A CA    1 
ATOM   231  C C     . TRP A 1 31  ? 4.652   16.550  -4.576  1.00 61.41 ? 122 TRP A C     1 
ATOM   232  O O     . TRP A 1 31  ? 3.467   16.688  -4.901  1.00 60.07 ? 122 TRP A O     1 
ATOM   233  C CB    . TRP A 1 31  ? 6.226   17.432  -6.264  1.00 66.43 ? 122 TRP A CB    1 
ATOM   234  C CG    . TRP A 1 31  ? 6.864   18.650  -6.853  1.00 80.01 ? 122 TRP A CG    1 
ATOM   235  C CD1   . TRP A 1 31  ? 7.860   19.407  -6.300  1.00 80.33 ? 122 TRP A CD1   1 
ATOM   236  C CD2   . TRP A 1 31  ? 6.556   19.254  -8.120  1.00 88.46 ? 122 TRP A CD2   1 
ATOM   237  N NE1   . TRP A 1 31  ? 8.183   20.447  -7.140  1.00 85.69 ? 122 TRP A NE1   1 
ATOM   238  C CE2   . TRP A 1 31  ? 7.401   20.376  -8.264  1.00 91.01 ? 122 TRP A CE2   1 
ATOM   239  C CE3   . TRP A 1 31  ? 5.648   18.955  -9.145  1.00 91.70 ? 122 TRP A CE3   1 
ATOM   240  C CZ2   . TRP A 1 31  ? 7.366   21.202  -9.395  1.00 95.00 ? 122 TRP A CZ2   1 
ATOM   241  C CZ3   . TRP A 1 31  ? 5.616   19.777  -10.273 1.00 93.02 ? 122 TRP A CZ3   1 
ATOM   242  C CH2   . TRP A 1 31  ? 6.471   20.887  -10.386 1.00 94.65 ? 122 TRP A CH2   1 
ATOM   243  N N     . LEU A 1 32  ? 5.107   15.452  -3.984  1.00 59.46 ? 123 LEU A N     1 
ATOM   244  C CA    . LEU A 1 32  ? 4.250   14.285  -3.847  1.00 59.19 ? 123 LEU A CA    1 
ATOM   245  C C     . LEU A 1 32  ? 3.886   13.948  -2.396  1.00 51.70 ? 123 LEU A C     1 
ATOM   246  O O     . LEU A 1 32  ? 3.014   13.108  -2.157  1.00 51.09 ? 123 LEU A O     1 
ATOM   247  C CB    . LEU A 1 32  ? 4.893   13.084  -4.546  1.00 57.57 ? 123 LEU A CB    1 
ATOM   248  C CG    . LEU A 1 32  ? 5.130   13.359  -6.032  1.00 59.04 ? 123 LEU A CG    1 
ATOM   249  C CD1   . LEU A 1 32  ? 5.731   12.128  -6.721  1.00 51.78 ? 123 LEU A CD1   1 
ATOM   250  C CD2   . LEU A 1 32  ? 3.825   13.777  -6.694  1.00 55.14 ? 123 LEU A CD2   1 
ATOM   251  N N     . ALA A 1 33  ? 4.531   14.612  -1.436  1.00 50.80 ? 124 ALA A N     1 
ATOM   252  C CA    . ALA A 1 33  ? 4.336   14.279  -0.017  1.00 50.50 ? 124 ALA A CA    1 
ATOM   253  C C     . ALA A 1 33  ? 3.020   14.803  0.558   1.00 52.43 ? 124 ALA A C     1 
ATOM   254  O O     . ALA A 1 33  ? 2.505   15.851  0.127   1.00 49.14 ? 124 ALA A O     1 
ATOM   255  C CB    . ALA A 1 33  ? 5.517   14.762  0.827   1.00 47.19 ? 124 ALA A CB    1 
ATOM   256  N N     . TRP A 1 34  ? 2.496   14.063  1.532   1.00 50.01 ? 125 TRP A N     1 
ATOM   257  C CA    . TRP A 1 34  ? 1.370   14.508  2.336   1.00 50.67 ? 125 TRP A CA    1 
ATOM   258  C C     . TRP A 1 34  ? 1.532   16.005  2.633   1.00 47.29 ? 125 TRP A C     1 
ATOM   259  O O     . TRP A 1 34  ? 2.628   16.459  2.979   1.00 49.30 ? 125 TRP A O     1 
ATOM   260  C CB    . TRP A 1 34  ? 1.331   13.711  3.658   1.00 48.76 ? 125 TRP A CB    1 
ATOM   261  C CG    . TRP A 1 34  ? 0.054   13.935  4.459   1.00 48.72 ? 125 TRP A CG    1 
ATOM   262  C CD1   . TRP A 1 34  ? -0.215  14.974  5.310   1.00 46.49 ? 125 TRP A CD1   1 
ATOM   263  C CD2   . TRP A 1 34  ? -1.115  13.102  4.461   1.00 45.71 ? 125 TRP A CD2   1 
ATOM   264  N NE1   . TRP A 1 34  ? -1.469  14.830  5.845   1.00 44.40 ? 125 TRP A NE1   1 
ATOM   265  C CE2   . TRP A 1 34  ? -2.048  13.695  5.337   1.00 49.32 ? 125 TRP A CE2   1 
ATOM   266  C CE3   . TRP A 1 34  ? -1.461  11.913  3.813   1.00 46.97 ? 125 TRP A CE3   1 
ATOM   267  C CZ2   . TRP A 1 34  ? -3.303  13.132  5.590   1.00 46.73 ? 125 TRP A CZ2   1 
ATOM   268  C CZ3   . TRP A 1 34  ? -2.702  11.354  4.059   1.00 48.97 ? 125 TRP A CZ3   1 
ATOM   269  C CH2   . TRP A 1 34  ? -3.614  11.968  4.940   1.00 46.82 ? 125 TRP A CH2   1 
ATOM   270  N N     . PRO A 1 35  ? 0.458   16.790  2.489   1.00 51.51 ? 126 PRO A N     1 
ATOM   271  C CA    . PRO A 1 35  ? 0.624   18.235  2.705   1.00 52.85 ? 126 PRO A CA    1 
ATOM   272  C C     . PRO A 1 35  ? 1.424   18.534  3.975   1.00 51.96 ? 126 PRO A C     1 
ATOM   273  O O     . PRO A 1 35  ? 1.083   18.040  5.055   1.00 50.17 ? 126 PRO A O     1 
ATOM   274  C CB    . PRO A 1 35  ? -0.816  18.733  2.863   1.00 53.08 ? 126 PRO A CB    1 
ATOM   275  C CG    . PRO A 1 35  ? -1.619  17.772  2.051   1.00 54.87 ? 126 PRO A CG    1 
ATOM   276  C CD    . PRO A 1 35  ? -0.945  16.427  2.217   1.00 54.48 ? 126 PRO A CD    1 
ATOM   277  N N     . PHE A 1 36  ? 2.479   19.334  3.843   1.00 52.43 ? 127 PHE A N     1 
ATOM   278  C CA    . PHE A 1 36  ? 3.360   19.641  4.972   1.00 53.87 ? 127 PHE A CA    1 
ATOM   279  C C     . PHE A 1 36  ? 3.320   21.137  5.309   1.00 59.12 ? 127 PHE A C     1 
ATOM   280  O O     . PHE A 1 36  ? 4.117   21.618  6.119   1.00 61.54 ? 127 PHE A O     1 
ATOM   281  C CB    . PHE A 1 36  ? 4.800   19.184  4.667   1.00 53.03 ? 127 PHE A CB    1 
ATOM   282  C CG    . PHE A 1 36  ? 5.301   19.622  3.313   1.00 55.27 ? 127 PHE A CG    1 
ATOM   283  C CD1   . PHE A 1 36  ? 5.886   20.872  3.137   1.00 50.68 ? 127 PHE A CD1   1 
ATOM   284  C CD2   . PHE A 1 36  ? 5.163   18.793  2.213   1.00 53.77 ? 127 PHE A CD2   1 
ATOM   285  C CE1   . PHE A 1 36  ? 6.334   21.274  1.898   1.00 50.06 ? 127 PHE A CE1   1 
ATOM   286  C CE2   . PHE A 1 36  ? 5.610   19.192  0.966   1.00 53.53 ? 127 PHE A CE2   1 
ATOM   287  C CZ    . PHE A 1 36  ? 6.199   20.434  0.806   1.00 54.22 ? 127 PHE A CZ    1 
ATOM   288  N N     . ASP A 1 37  ? 2.388   21.852  4.675   1.00 56.22 ? 128 ASP A N     1 
ATOM   289  C CA    . ASP A 1 37  ? 2.099   23.259  4.965   1.00 59.75 ? 128 ASP A CA    1 
ATOM   290  C C     . ASP A 1 37  ? 0.651   23.528  4.551   1.00 61.22 ? 128 ASP A C     1 
ATOM   291  O O     . ASP A 1 37  ? 0.174   22.942  3.579   1.00 60.95 ? 128 ASP A O     1 
ATOM   292  C CB    . ASP A 1 37  ? 3.066   24.180  4.195   1.00 63.57 ? 128 ASP A CB    1 
ATOM   293  C CG    . ASP A 1 37  ? 2.896   25.657  4.554   1.00 66.44 ? 128 ASP A CG    1 
ATOM   294  O OD1   . ASP A 1 37  ? 3.539   26.128  5.521   1.00 68.33 ? 128 ASP A OD1   1 
ATOM   295  O OD2   . ASP A 1 37  ? 2.122   26.353  3.864   1.00 69.96 ? 128 ASP A OD2   1 
ATOM   296  N N     . PRO A 1 38  ? -0.056  24.403  5.290   1.00 62.20 ? 129 PRO A N     1 
ATOM   297  C CA    . PRO A 1 38  ? -1.459  24.753  4.990   1.00 65.38 ? 129 PRO A CA    1 
ATOM   298  C C     . PRO A 1 38  ? -1.690  25.232  3.545   1.00 60.55 ? 129 PRO A C     1 
ATOM   299  O O     . PRO A 1 38  ? -2.743  24.965  2.958   1.00 57.52 ? 129 PRO A O     1 
ATOM   300  C CB    . PRO A 1 38  ? -1.765  25.876  5.992   1.00 63.51 ? 129 PRO A CB    1 
ATOM   301  C CG    . PRO A 1 38  ? -0.881  25.562  7.168   1.00 68.17 ? 129 PRO A CG    1 
ATOM   302  C CD    . PRO A 1 38  ? 0.402   24.987  6.565   1.00 67.93 ? 129 PRO A CD    1 
ATOM   303  N N     . THR A 1 39  ? -0.713  25.922  2.969   1.00 59.12 ? 130 THR A N     1 
ATOM   304  C CA    . THR A 1 39  ? -0.831  26.329  1.575   1.00 60.83 ? 130 THR A CA    1 
ATOM   305  C C     . THR A 1 39  ? -1.045  25.136  0.633   1.00 62.85 ? 130 THR A C     1 
ATOM   306  O O     . THR A 1 39  ? -1.488  25.307  -0.505  1.00 56.47 ? 130 THR A O     1 
ATOM   307  C CB    . THR A 1 39  ? 0.376   27.183  1.115   1.00 66.06 ? 130 THR A CB    1 
ATOM   308  O OG1   . THR A 1 39  ? 1.592   26.449  1.316   1.00 67.46 ? 130 THR A OG1   1 
ATOM   309  C CG2   . THR A 1 39  ? 0.439   28.482  1.899   1.00 63.45 ? 130 THR A CG2   1 
ATOM   310  N N     . LEU A 1 40  ? -0.743  23.930  1.117   1.00 55.92 ? 131 LEU A N     1 
ATOM   311  C CA    . LEU A 1 40  ? -0.770  22.737  0.272   1.00 57.55 ? 131 LEU A CA    1 
ATOM   312  C C     . LEU A 1 40  ? -1.986  21.847  0.502   1.00 55.51 ? 131 LEU A C     1 
ATOM   313  O O     . LEU A 1 40  ? -2.097  20.774  -0.092  1.00 57.45 ? 131 LEU A O     1 
ATOM   314  C CB    . LEU A 1 40  ? 0.520   21.914  0.476   1.00 58.91 ? 131 LEU A CB    1 
ATOM   315  C CG    . LEU A 1 40  ? 1.809   22.703  0.245   1.00 58.48 ? 131 LEU A CG    1 
ATOM   316  C CD1   . LEU A 1 40  ? 3.036   21.792  0.329   1.00 51.91 ? 131 LEU A CD1   1 
ATOM   317  C CD2   . LEU A 1 40  ? 1.760   23.443  -1.101  1.00 55.34 ? 131 LEU A CD2   1 
ATOM   318  N N     . LYS A 1 41  ? -2.901  22.293  1.357   1.00 55.85 ? 132 LYS A N     1 
ATOM   319  C CA    . LYS A 1 41  ? -3.968  21.425  1.838   1.00 54.00 ? 132 LYS A CA    1 
ATOM   320  C C     . LYS A 1 41  ? -5.043  21.105  0.798   1.00 56.61 ? 132 LYS A C     1 
ATOM   321  O O     . LYS A 1 41  ? -5.801  20.141  0.960   1.00 52.65 ? 132 LYS A O     1 
ATOM   322  C CB    . LYS A 1 41  ? -4.611  22.019  3.093   1.00 60.62 ? 132 LYS A CB    1 
ATOM   323  C CG    . LYS A 1 41  ? -5.406  23.295  2.838   1.00 59.74 ? 132 LYS A CG    1 
ATOM   324  C CD    . LYS A 1 41  ? -6.024  23.796  4.131   1.00 66.72 ? 132 LYS A CD    1 
ATOM   325  C CE    . LYS A 1 41  ? -5.125  24.784  4.853   1.00 69.28 ? 132 LYS A CE    1 
ATOM   326  N NZ    . LYS A 1 41  ? -5.292  26.166  4.308   1.00 65.70 ? 132 LYS A NZ    1 
ATOM   327  N N     . PHE A 1 42  ? -5.113  21.903  -0.266  1.00 56.77 ? 133 PHE A N     1 
ATOM   328  C CA    . PHE A 1 42  ? -6.118  21.681  -1.309  1.00 62.97 ? 133 PHE A CA    1 
ATOM   329  C C     . PHE A 1 42  ? -5.581  20.886  -2.496  1.00 66.11 ? 133 PHE A C     1 
ATOM   330  O O     . PHE A 1 42  ? -6.353  20.464  -3.362  1.00 65.83 ? 133 PHE A O     1 
ATOM   331  C CB    . PHE A 1 42  ? -6.720  23.007  -1.795  1.00 67.29 ? 133 PHE A CB    1 
ATOM   332  C CG    . PHE A 1 42  ? -7.386  23.806  -0.711  1.00 67.73 ? 133 PHE A CG    1 
ATOM   333  C CD1   . PHE A 1 42  ? -8.453  23.279  0.016   1.00 68.91 ? 133 PHE A CD1   1 
ATOM   334  C CD2   . PHE A 1 42  ? -6.941  25.083  -0.409  1.00 66.31 ? 133 PHE A CD2   1 
ATOM   335  C CE1   . PHE A 1 42  ? -9.067  24.025  1.025   1.00 68.36 ? 133 PHE A CE1   1 
ATOM   336  C CE2   . PHE A 1 42  ? -7.548  25.836  0.595   1.00 70.11 ? 133 PHE A CE2   1 
ATOM   337  C CZ    . PHE A 1 42  ? -8.611  25.306  1.316   1.00 67.42 ? 133 PHE A CZ    1 
ATOM   338  N N     . GLU A 1 43  ? -4.261  20.690  -2.531  1.00 61.60 ? 134 GLU A N     1 
ATOM   339  C CA    . GLU A 1 43  ? -3.630  19.814  -3.520  1.00 60.37 ? 134 GLU A CA    1 
ATOM   340  C C     . GLU A 1 43  ? -3.914  18.338  -3.205  1.00 59.07 ? 134 GLU A C     1 
ATOM   341  O O     . GLU A 1 43  ? -3.062  17.623  -2.683  1.00 59.55 ? 134 GLU A O     1 
ATOM   342  C CB    . GLU A 1 43  ? -2.125  20.106  -3.603  1.00 59.32 ? 134 GLU A CB    1 
ATOM   343  C CG    . GLU A 1 43  ? -1.806  21.587  -3.816  1.00 58.35 ? 134 GLU A CG    1 
ATOM   344  C CD    . GLU A 1 43  ? -0.347  21.861  -4.149  1.00 63.30 ? 134 GLU A CD    1 
ATOM   345  O OE1   . GLU A 1 43  ? 0.501   20.962  -3.960  1.00 61.37 ? 134 GLU A OE1   1 
ATOM   346  O OE2   . GLU A 1 43  ? -0.043  22.984  -4.615  1.00 62.86 ? 134 GLU A OE2   1 
ATOM   347  N N     . PHE A 1 44  ? -5.126  17.906  -3.548  1.00 59.19 ? 135 PHE A N     1 
ATOM   348  C CA    . PHE A 1 44  ? -5.675  16.603  -3.164  1.00 59.38 ? 135 PHE A CA    1 
ATOM   349  C C     . PHE A 1 44  ? -4.858  15.372  -3.518  1.00 56.76 ? 135 PHE A C     1 
ATOM   350  O O     . PHE A 1 44  ? -4.998  14.339  -2.865  1.00 52.99 ? 135 PHE A O     1 
ATOM   351  C CB    . PHE A 1 44  ? -7.094  16.447  -3.718  1.00 62.13 ? 135 PHE A CB    1 
ATOM   352  C CG    . PHE A 1 44  ? -8.054  17.474  -3.192  1.00 71.69 ? 135 PHE A CG    1 
ATOM   353  C CD1   . PHE A 1 44  ? -7.808  18.108  -1.980  1.00 69.08 ? 135 PHE A CD1   1 
ATOM   354  C CD2   . PHE A 1 44  ? -9.196  17.818  -3.904  1.00 80.77 ? 135 PHE A CD2   1 
ATOM   355  C CE1   . PHE A 1 44  ? -8.689  19.068  -1.474  1.00 70.80 ? 135 PHE A CE1   1 
ATOM   356  C CE2   . PHE A 1 44  ? -10.086 18.779  -3.409  1.00 82.04 ? 135 PHE A CE2   1 
ATOM   357  C CZ    . PHE A 1 44  ? -9.827  19.404  -2.194  1.00 81.51 ? 135 PHE A CZ    1 
ATOM   358  N N     . TRP A 1 45  ? -4.031  15.454  -4.556  1.00 54.64 ? 136 TRP A N     1 
ATOM   359  C CA    . TRP A 1 45  ? -3.212  14.301  -4.912  1.00 54.56 ? 136 TRP A CA    1 
ATOM   360  C C     . TRP A 1 45  ? -2.274  13.925  -3.750  1.00 52.14 ? 136 TRP A C     1 
ATOM   361  O O     . TRP A 1 45  ? -1.994  12.745  -3.538  1.00 50.84 ? 136 TRP A O     1 
ATOM   362  C CB    . TRP A 1 45  ? -2.435  14.526  -6.224  1.00 51.66 ? 136 TRP A CB    1 
ATOM   363  C CG    . TRP A 1 45  ? -1.335  15.540  -6.109  1.00 54.08 ? 136 TRP A CG    1 
ATOM   364  C CD1   . TRP A 1 45  ? -0.044  15.317  -5.693  1.00 56.49 ? 136 TRP A CD1   1 
ATOM   365  C CD2   . TRP A 1 45  ? -1.414  16.933  -6.436  1.00 56.07 ? 136 TRP A CD2   1 
ATOM   366  N NE1   . TRP A 1 45  ? 0.672   16.493  -5.728  1.00 53.38 ? 136 TRP A NE1   1 
ATOM   367  C CE2   . TRP A 1 45  ? -0.147  17.499  -6.180  1.00 56.19 ? 136 TRP A CE2   1 
ATOM   368  C CE3   . TRP A 1 45  ? -2.440  17.761  -6.912  1.00 58.37 ? 136 TRP A CE3   1 
ATOM   369  C CZ2   . TRP A 1 45  ? 0.122   18.853  -6.387  1.00 62.33 ? 136 TRP A CZ2   1 
ATOM   370  C CZ3   . TRP A 1 45  ? -2.179  19.097  -7.114  1.00 55.00 ? 136 TRP A CZ3   1 
ATOM   371  C CH2   . TRP A 1 45  ? -0.908  19.636  -6.851  1.00 60.58 ? 136 TRP A CH2   1 
ATOM   372  N N     . ARG A 1 46  ? -1.822  14.922  -2.988  1.00 50.22 ? 137 ARG A N     1 
ATOM   373  C CA    . ARG A 1 46  ? -0.910  14.684  -1.867  1.00 50.57 ? 137 ARG A CA    1 
ATOM   374  C C     . ARG A 1 46  ? -1.434  13.725  -0.816  1.00 55.28 ? 137 ARG A C     1 
ATOM   375  O O     . ARG A 1 46  ? -0.654  13.149  -0.049  1.00 52.28 ? 137 ARG A O     1 
ATOM   376  C CB    . ARG A 1 46  ? -0.530  15.987  -1.179  1.00 49.59 ? 137 ARG A CB    1 
ATOM   377  C CG    . ARG A 1 46  ? 0.112   16.997  -2.088  1.00 53.99 ? 137 ARG A CG    1 
ATOM   378  C CD    . ARG A 1 46  ? 0.634   18.146  -1.286  1.00 54.52 ? 137 ARG A CD    1 
ATOM   379  N NE    . ARG A 1 46  ? 1.353   19.075  -2.133  1.00 51.43 ? 137 ARG A NE    1 
ATOM   380  C CZ    . ARG A 1 46  ? 2.666   19.065  -2.331  1.00 57.78 ? 137 ARG A CZ    1 
ATOM   381  N NH1   . ARG A 1 46  ? 3.431   18.170  -1.719  1.00 55.73 ? 137 ARG A NH1   1 
ATOM   382  N NH2   . ARG A 1 46  ? 3.212   19.966  -3.141  1.00 55.47 ? 137 ARG A NH2   1 
ATOM   383  N N     . TYR A 1 47  ? -2.751  13.569  -0.744  1.00 48.17 ? 138 TYR A N     1 
ATOM   384  C CA    . TYR A 1 47  ? -3.304  12.618  0.207   1.00 53.00 ? 138 TYR A CA    1 
ATOM   385  C C     . TYR A 1 47  ? -3.109  11.191  -0.260  1.00 50.95 ? 138 TYR A C     1 
ATOM   386  O O     . TYR A 1 47  ? -3.311  10.255  0.510   1.00 48.48 ? 138 TYR A O     1 
ATOM   387  C CB    . TYR A 1 47  ? -4.777  12.926  0.556   1.00 52.18 ? 138 TYR A CB    1 
ATOM   388  C CG    . TYR A 1 47  ? -4.933  14.318  1.100   1.00 51.58 ? 138 TYR A CG    1 
ATOM   389  C CD1   . TYR A 1 47  ? -4.587  14.610  2.409   1.00 49.84 ? 138 TYR A CD1   1 
ATOM   390  C CD2   . TYR A 1 47  ? -5.377  15.354  0.294   1.00 50.77 ? 138 TYR A CD2   1 
ATOM   391  C CE1   . TYR A 1 47  ? -4.697  15.888  2.902   1.00 48.03 ? 138 TYR A CE1   1 
ATOM   392  C CE2   . TYR A 1 47  ? -5.484  16.634  0.775   1.00 48.67 ? 138 TYR A CE2   1 
ATOM   393  C CZ    . TYR A 1 47  ? -5.145  16.895  2.082   1.00 48.97 ? 138 TYR A CZ    1 
ATOM   394  O OH    . TYR A 1 47  ? -5.252  18.179  2.572   1.00 51.73 ? 138 TYR A OH    1 
ATOM   395  N N     . PHE A 1 48  ? -2.698  11.017  -1.513  1.00 51.34 ? 139 PHE A N     1 
ATOM   396  C CA    . PHE A 1 48  ? -2.504  9.663   -2.055  1.00 47.67 ? 139 PHE A CA    1 
ATOM   397  C C     . PHE A 1 48  ? -1.109  9.400   -2.633  1.00 52.76 ? 139 PHE A C     1 
ATOM   398  O O     . PHE A 1 48  ? -0.657  8.250   -2.651  1.00 55.15 ? 139 PHE A O     1 
ATOM   399  C CB    . PHE A 1 48  ? -3.558  9.328   -3.126  1.00 46.71 ? 139 PHE A CB    1 
ATOM   400  C CG    . PHE A 1 48  ? -4.963  9.704   -2.737  1.00 56.05 ? 139 PHE A CG    1 
ATOM   401  C CD1   . PHE A 1 48  ? -5.420  11.009  -2.902  1.00 54.84 ? 139 PHE A CD1   1 
ATOM   402  C CD2   . PHE A 1 48  ? -5.828  8.759   -2.204  1.00 55.69 ? 139 PHE A CD2   1 
ATOM   403  C CE1   . PHE A 1 48  ? -6.719  11.363  -2.553  1.00 56.36 ? 139 PHE A CE1   1 
ATOM   404  C CE2   . PHE A 1 48  ? -7.127  9.104   -1.841  1.00 57.65 ? 139 PHE A CE2   1 
ATOM   405  C CZ    . PHE A 1 48  ? -7.574  10.410  -2.021  1.00 60.10 ? 139 PHE A CZ    1 
ATOM   406  N N     . THR A 1 49  ? -0.430  10.442  -3.111  1.00 53.28 ? 140 THR A N     1 
ATOM   407  C CA    . THR A 1 49  ? 0.825   10.240  -3.855  1.00 48.63 ? 140 THR A CA    1 
ATOM   408  C C     . THR A 1 49  ? 2.007   9.814   -2.973  1.00 51.36 ? 140 THR A C     1 
ATOM   409  O O     . THR A 1 49  ? 2.985   9.258   -3.470  1.00 52.12 ? 140 THR A O     1 
ATOM   410  C CB    . THR A 1 49  ? 1.218   11.477  -4.691  1.00 50.32 ? 140 THR A CB    1 
ATOM   411  O OG1   . THR A 1 49  ? 1.118   12.659  -3.885  1.00 51.42 ? 140 THR A OG1   1 
ATOM   412  C CG2   . THR A 1 49  ? 0.319   11.612  -5.919  1.00 48.63 ? 140 THR A CG2   1 
ATOM   413  N N     . HIS A 1 50  ? 1.917   10.083  -1.672  1.00 48.32 ? 141 HIS A N     1 
ATOM   414  C CA    . HIS A 1 50  ? 2.947   9.667   -0.732  1.00 46.83 ? 141 HIS A CA    1 
ATOM   415  C C     . HIS A 1 50  ? 3.257   8.195   -0.929  1.00 49.74 ? 141 HIS A C     1 
ATOM   416  O O     . HIS A 1 50  ? 4.393   7.760   -0.732  1.00 52.65 ? 141 HIS A O     1 
ATOM   417  C CB    . HIS A 1 50  ? 2.521   9.930   0.712   1.00 44.60 ? 141 HIS A CB    1 
ATOM   418  C CG    . HIS A 1 50  ? 1.160   9.408   1.040   1.00 48.59 ? 141 HIS A CG    1 
ATOM   419  N ND1   . HIS A 1 50  ? 0.926   8.070   1.359   1.00 47.85 ? 141 HIS A ND1   1 
ATOM   420  C CD2   . HIS A 1 50  ? -0.044  10.010  1.089   1.00 42.93 ? 141 HIS A CD2   1 
ATOM   421  C CE1   . HIS A 1 50  ? -0.353  7.901   1.591   1.00 46.97 ? 141 HIS A CE1   1 
ATOM   422  N NE2   . HIS A 1 50  ? -0.980  9.058   1.435   1.00 45.08 ? 141 HIS A NE2   1 
ATOM   423  N N     . ALA A 1 51  ? 2.250   7.426   -1.335  1.00 48.93 ? 142 ALA A N     1 
ATOM   424  C CA    . ALA A 1 51  ? 2.406   5.970   -1.465  1.00 52.12 ? 142 ALA A CA    1 
ATOM   425  C C     . ALA A 1 51  ? 3.258   5.538   -2.666  1.00 50.89 ? 142 ALA A C     1 
ATOM   426  O O     . ALA A 1 51  ? 3.606   4.362   -2.789  1.00 48.88 ? 142 ALA A O     1 
ATOM   427  C CB    . ALA A 1 51  ? 1.043   5.279   -1.498  1.00 49.23 ? 142 ALA A CB    1 
ATOM   428  N N     . LEU A 1 52  ? 3.588   6.491   -3.537  1.00 47.68 ? 143 LEU A N     1 
ATOM   429  C CA    . LEU A 1 52  ? 4.278   6.207   -4.789  1.00 51.24 ? 143 LEU A CA    1 
ATOM   430  C C     . LEU A 1 52  ? 5.789   6.337   -4.650  1.00 50.27 ? 143 LEU A C     1 
ATOM   431  O O     . LEU A 1 52  ? 6.532   6.004   -5.569  1.00 54.04 ? 143 LEU A O     1 
ATOM   432  C CB    . LEU A 1 52  ? 3.817   7.178   -5.889  1.00 49.15 ? 143 LEU A CB    1 
ATOM   433  C CG    . LEU A 1 52  ? 2.367   7.032   -6.349  1.00 53.54 ? 143 LEU A CG    1 
ATOM   434  C CD1   . LEU A 1 52  ? 2.076   8.010   -7.491  1.00 45.61 ? 143 LEU A CD1   1 
ATOM   435  C CD2   . LEU A 1 52  ? 2.099   5.599   -6.775  1.00 55.41 ? 143 LEU A CD2   1 
ATOM   436  N N     . MET A 1 53  ? 6.238   6.854   -3.514  1.00 51.42 ? 144 MET A N     1 
ATOM   437  C CA    . MET A 1 53  ? 7.651   7.114   -3.298  1.00 49.09 ? 144 MET A CA    1 
ATOM   438  C C     . MET A 1 53  ? 8.354   5.995   -2.552  1.00 53.24 ? 144 MET A C     1 
ATOM   439  O O     . MET A 1 53  ? 7.850   5.488   -1.540  1.00 51.65 ? 144 MET A O     1 
ATOM   440  C CB    . MET A 1 53  ? 7.829   8.439   -2.552  1.00 47.67 ? 144 MET A CB    1 
ATOM   441  C CG    . MET A 1 53  ? 7.414   9.643   -3.378  1.00 49.75 ? 144 MET A CG    1 
ATOM   442  S SD    . MET A 1 53  ? 7.415   11.159  -2.411  1.00 60.62 ? 144 MET A SD    1 
ATOM   443  C CE    . MET A 1 53  ? 9.168   11.533  -2.384  1.00 62.56 ? 144 MET A CE    1 
ATOM   444  N N     . HIS A 1 54  ? 9.520   5.602   -3.050  1.00 52.25 ? 145 HIS A N     1 
ATOM   445  C CA    . HIS A 1 54  ? 10.327  4.614   -2.328  1.00 55.44 ? 145 HIS A CA    1 
ATOM   446  C C     . HIS A 1 54  ? 11.749  5.115   -2.130  1.00 52.33 ? 145 HIS A C     1 
ATOM   447  O O     . HIS A 1 54  ? 12.270  5.878   -2.947  1.00 49.49 ? 145 HIS A O     1 
ATOM   448  C CB    . HIS A 1 54  ? 10.231  3.238   -2.993  1.00 52.35 ? 145 HIS A CB    1 
ATOM   449  C CG    . HIS A 1 54  ? 8.836   2.688   -2.965  1.00 53.61 ? 145 HIS A CG    1 
ATOM   450  N ND1   . HIS A 1 54  ? 7.899   2.976   -3.940  1.00 51.63 ? 145 HIS A ND1   1 
ATOM   451  C CD2   . HIS A 1 54  ? 8.192   1.940   -2.039  1.00 55.27 ? 145 HIS A CD2   1 
ATOM   452  C CE1   . HIS A 1 54  ? 6.753   2.397   -3.630  1.00 51.62 ? 145 HIS A CE1   1 
ATOM   453  N NE2   . HIS A 1 54  ? 6.901   1.760   -2.481  1.00 53.20 ? 145 HIS A NE2   1 
ATOM   454  N N     . PHE A 1 55  ? 12.350  4.730   -1.011  1.00 52.19 ? 146 PHE A N     1 
ATOM   455  C CA    . PHE A 1 55  ? 13.601  5.348   -0.564  1.00 57.99 ? 146 PHE A CA    1 
ATOM   456  C C     . PHE A 1 55  ? 14.866  4.471   -0.699  1.00 61.66 ? 146 PHE A C     1 
ATOM   457  O O     . PHE A 1 55  ? 15.991  4.920   -0.450  1.00 62.12 ? 146 PHE A O     1 
ATOM   458  C CB    . PHE A 1 55  ? 13.398  5.890   0.856   1.00 53.75 ? 146 PHE A CB    1 
ATOM   459  C CG    . PHE A 1 55  ? 12.270  6.892   0.948   1.00 58.18 ? 146 PHE A CG    1 
ATOM   460  C CD1   . PHE A 1 55  ? 12.474  8.226   0.599   1.00 55.12 ? 146 PHE A CD1   1 
ATOM   461  C CD2   . PHE A 1 55  ? 10.998  6.499   1.344   1.00 56.78 ? 146 PHE A CD2   1 
ATOM   462  C CE1   . PHE A 1 55  ? 11.435  9.155   0.666   1.00 56.46 ? 146 PHE A CE1   1 
ATOM   463  C CE2   . PHE A 1 55  ? 9.955   7.424   1.412   1.00 56.36 ? 146 PHE A CE2   1 
ATOM   464  C CZ    . PHE A 1 55  ? 10.177  8.754   1.070   1.00 58.09 ? 146 PHE A CZ    1 
ATOM   465  N N     . SER A 1 56  ? 14.668  3.229   -1.122  1.00 59.04 ? 147 SER A N     1 
ATOM   466  C CA    . SER A 1 56  ? 15.773  2.318   -1.377  1.00 61.43 ? 147 SER A CA    1 
ATOM   467  C C     . SER A 1 56  ? 15.323  1.266   -2.373  1.00 62.53 ? 147 SER A C     1 
ATOM   468  O O     . SER A 1 56  ? 14.123  1.115   -2.641  1.00 60.50 ? 147 SER A O     1 
ATOM   469  C CB    . SER A 1 56  ? 16.213  1.629   -0.085  1.00 54.16 ? 147 SER A CB    1 
ATOM   470  O OG    . SER A 1 56  ? 15.217  0.721   0.343   1.00 57.73 ? 147 SER A OG    1 
ATOM   471  N N     . LEU A 1 57  ? 16.287  0.528   -2.902  1.00 62.29 ? 148 LEU A N     1 
ATOM   472  C CA    . LEU A 1 57  ? 15.997  -0.548  -3.832  1.00 60.47 ? 148 LEU A CA    1 
ATOM   473  C C     . LEU A 1 57  ? 15.119  -1.614  -3.196  1.00 58.93 ? 148 LEU A C     1 
ATOM   474  O O     . LEU A 1 57  ? 14.166  -2.071  -3.813  1.00 58.85 ? 148 LEU A O     1 
ATOM   475  C CB    . LEU A 1 57  ? 17.301  -1.179  -4.322  1.00 60.39 ? 148 LEU A CB    1 
ATOM   476  C CG    . LEU A 1 57  ? 17.329  -1.605  -5.788  1.00 63.34 ? 148 LEU A CG    1 
ATOM   477  C CD1   . LEU A 1 57  ? 17.137  -0.401  -6.697  1.00 61.73 ? 148 LEU A CD1   1 
ATOM   478  C CD2   . LEU A 1 57  ? 18.645  -2.298  -6.095  1.00 70.35 ? 148 LEU A CD2   1 
ATOM   479  N N     . MET A 1 58  ? 15.451  -2.011  -1.970  1.00 58.08 ? 149 MET A N     1 
ATOM   480  C CA    . MET A 1 58  ? 14.719  -3.065  -1.272  1.00 61.84 ? 149 MET A CA    1 
ATOM   481  C C     . MET A 1 58  ? 13.310  -2.620  -0.884  1.00 60.45 ? 149 MET A C     1 
ATOM   482  O O     . MET A 1 58  ? 12.405  -3.443  -0.712  1.00 56.47 ? 149 MET A O     1 
ATOM   483  C CB    . MET A 1 58  ? 15.467  -3.475  -0.002  1.00 64.39 ? 149 MET A CB    1 
ATOM   484  C CG    . MET A 1 58  ? 16.823  -4.121  -0.232  1.00 67.55 ? 149 MET A CG    1 
ATOM   485  S SD    . MET A 1 58  ? 16.707  -5.785  -0.938  1.00 87.11 ? 149 MET A SD    1 
ATOM   486  C CE    . MET A 1 58  ? 16.944  -5.433  -2.687  1.00 68.88 ? 149 MET A CE    1 
ATOM   487  N N     . HIS A 1 59  ? 13.138  -1.316  -0.710  1.00 58.96 ? 150 HIS A N     1 
ATOM   488  C CA    . HIS A 1 59  ? 11.851  -0.774  -0.293  1.00 55.55 ? 150 HIS A CA    1 
ATOM   489  C C     . HIS A 1 59  ? 10.838  -0.962  -1.419  1.00 54.34 ? 150 HIS A C     1 
ATOM   490  O O     . HIS A 1 59  ? 9.768   -1.542  -1.217  1.00 51.23 ? 150 HIS A O     1 
ATOM   491  C CB    . HIS A 1 59  ? 11.987  0.703   0.077   1.00 54.43 ? 150 HIS A CB    1 
ATOM   492  C CG    . HIS A 1 59  ? 10.730  1.303   0.605   1.00 58.28 ? 150 HIS A CG    1 
ATOM   493  N ND1   . HIS A 1 59  ? 10.459  2.660   0.509   1.00 55.76 ? 150 HIS A ND1   1 
ATOM   494  C CD2   . HIS A 1 59  ? 9.665   0.766   1.248   1.00 53.83 ? 150 HIS A CD2   1 
ATOM   495  C CE1   . HIS A 1 59  ? 9.290   2.917   1.052   1.00 54.80 ? 150 HIS A CE1   1 
ATOM   496  N NE2   . HIS A 1 59  ? 8.785   1.770   1.516   1.00 54.18 ? 150 HIS A NE2   1 
ATOM   497  N N     . ILE A 1 60  ? 11.198  -0.498  -2.612  1.00 52.13 ? 151 ILE A N     1 
ATOM   498  C CA    . ILE A 1 60  ? 10.319  -0.605  -3.770  1.00 53.92 ? 151 ILE A CA    1 
ATOM   499  C C     . ILE A 1 60  ? 10.162  -2.059  -4.242  1.00 58.18 ? 151 ILE A C     1 
ATOM   500  O O     . ILE A 1 60  ? 9.067   -2.491  -4.626  1.00 57.18 ? 151 ILE A O     1 
ATOM   501  C CB    . ILE A 1 60  ? 10.802  0.323   -4.926  1.00 54.96 ? 151 ILE A CB    1 
ATOM   502  C CG1   . ILE A 1 60  ? 9.802   0.341   -6.086  1.00 51.99 ? 151 ILE A CG1   1 
ATOM   503  C CG2   . ILE A 1 60  ? 12.205  -0.059  -5.410  1.00 53.49 ? 151 ILE A CG2   1 
ATOM   504  C CD1   . ILE A 1 60  ? 10.137  1.375   -7.165  1.00 52.48 ? 151 ILE A CD1   1 
ATOM   505  N N     . LEU A 1 61  ? 11.247  -2.823  -4.182  1.00 57.80 ? 152 LEU A N     1 
ATOM   506  C CA    . LEU A 1 61  ? 11.228  -4.204  -4.645  1.00 55.94 ? 152 LEU A CA    1 
ATOM   507  C C     . LEU A 1 61  ? 10.264  -5.091  -3.847  1.00 53.61 ? 152 LEU A C     1 
ATOM   508  O O     . LEU A 1 61  ? 9.458   -5.819  -4.425  1.00 53.92 ? 152 LEU A O     1 
ATOM   509  C CB    . LEU A 1 61  ? 12.642  -4.781  -4.618  1.00 60.01 ? 152 LEU A CB    1 
ATOM   510  C CG    . LEU A 1 61  ? 12.725  -6.300  -4.784  1.00 63.80 ? 152 LEU A CG    1 
ATOM   511  C CD1   . LEU A 1 61  ? 12.382  -6.692  -6.213  1.00 66.59 ? 152 LEU A CD1   1 
ATOM   512  C CD2   . LEU A 1 61  ? 14.107  -6.826  -4.394  1.00 71.39 ? 152 LEU A CD2   1 
ATOM   513  N N     . PHE A 1 62  ? 10.348  -5.046  -2.525  1.00 53.58 ? 153 PHE A N     1 
ATOM   514  C CA    . PHE A 1 62  ? 9.452   -5.861  -1.719  1.00 58.22 ? 153 PHE A CA    1 
ATOM   515  C C     . PHE A 1 62  ? 8.013   -5.376  -1.784  1.00 54.77 ? 153 PHE A C     1 
ATOM   516  O O     . PHE A 1 62  ? 7.084   -6.182  -1.871  1.00 52.80 ? 153 PHE A O     1 
ATOM   517  C CB    . PHE A 1 62  ? 9.941   -5.934  -0.282  1.00 61.91 ? 153 PHE A CB    1 
ATOM   518  C CG    . PHE A 1 62  ? 11.174  -6.771  -0.122  1.00 70.29 ? 153 PHE A CG    1 
ATOM   519  C CD1   . PHE A 1 62  ? 11.132  -8.137  -0.364  1.00 74.46 ? 153 PHE A CD1   1 
ATOM   520  C CD2   . PHE A 1 62  ? 12.376  -6.199  0.264   1.00 70.37 ? 153 PHE A CD2   1 
ATOM   521  C CE1   . PHE A 1 62  ? 12.264  -8.922  -0.216  1.00 73.45 ? 153 PHE A CE1   1 
ATOM   522  C CE2   . PHE A 1 62  ? 13.511  -6.969  0.414   1.00 71.23 ? 153 PHE A CE2   1 
ATOM   523  C CZ    . PHE A 1 62  ? 13.457  -8.335  0.174   1.00 78.89 ? 153 PHE A CZ    1 
ATOM   524  N N     . ASN A 1 63  ? 7.822   -4.060  -1.749  1.00 55.60 ? 154 ASN A N     1 
ATOM   525  C CA    . ASN A 1 63  ? 6.479   -3.518  -1.943  1.00 51.40 ? 154 ASN A CA    1 
ATOM   526  C C     . ASN A 1 63  ? 5.907   -3.931  -3.297  1.00 51.18 ? 154 ASN A C     1 
ATOM   527  O O     . ASN A 1 63  ? 4.799   -4.461  -3.361  1.00 47.24 ? 154 ASN A O     1 
ATOM   528  C CB    . ASN A 1 63  ? 6.463   -2.001  -1.763  1.00 49.45 ? 154 ASN A CB    1 
ATOM   529  C CG    . ASN A 1 63  ? 6.359   -1.595  -0.306  1.00 52.43 ? 154 ASN A CG    1 
ATOM   530  O OD1   . ASN A 1 63  ? 5.924   -2.385  0.538   1.00 52.77 ? 154 ASN A OD1   1 
ATOM   531  N ND2   . ASN A 1 63  ? 6.739   -0.360  -0.004  1.00 55.32 ? 154 ASN A ND2   1 
ATOM   532  N N     . LEU A 1 64  ? 6.679   -3.748  -4.370  1.00 50.67 ? 155 LEU A N     1 
ATOM   533  C CA    . LEU A 1 64  ? 6.186   -4.086  -5.704  1.00 49.48 ? 155 LEU A CA    1 
ATOM   534  C C     . LEU A 1 64  ? 5.983   -5.593  -5.909  1.00 54.08 ? 155 LEU A C     1 
ATOM   535  O O     . LEU A 1 64  ? 5.053   -6.008  -6.611  1.00 51.58 ? 155 LEU A O     1 
ATOM   536  C CB    . LEU A 1 64  ? 7.060   -3.473  -6.812  1.00 47.43 ? 155 LEU A CB    1 
ATOM   537  C CG    . LEU A 1 64  ? 6.972   -1.942  -6.961  1.00 51.45 ? 155 LEU A CG    1 
ATOM   538  C CD1   . LEU A 1 64  ? 7.484   -1.482  -8.328  1.00 48.59 ? 155 LEU A CD1   1 
ATOM   539  C CD2   . LEU A 1 64  ? 5.545   -1.421  -6.732  1.00 46.63 ? 155 LEU A CD2   1 
ATOM   540  N N     . LEU A 1 65  ? 6.829   -6.411  -5.284  1.00 49.50 ? 156 LEU A N     1 
ATOM   541  C CA    . LEU A 1 65  ? 6.642   -7.854  -5.334  1.00 52.36 ? 156 LEU A CA    1 
ATOM   542  C C     . LEU A 1 65  ? 5.294   -8.225  -4.720  1.00 50.89 ? 156 LEU A C     1 
ATOM   543  O O     . LEU A 1 65  ? 4.502   -8.930  -5.335  1.00 52.20 ? 156 LEU A O     1 
ATOM   544  C CB    . LEU A 1 65  ? 7.761   -8.550  -4.562  1.00 55.74 ? 156 LEU A CB    1 
ATOM   545  C CG    . LEU A 1 65  ? 8.196   -9.958  -4.963  1.00 63.05 ? 156 LEU A CG    1 
ATOM   546  C CD1   . LEU A 1 65  ? 8.379   -10.083 -6.467  1.00 62.42 ? 156 LEU A CD1   1 
ATOM   547  C CD2   . LEU A 1 65  ? 9.503   -10.303 -4.256  1.00 68.61 ? 156 LEU A CD2   1 
ATOM   548  N N     . TRP A 1 66  ? 5.034   -7.745  -3.512  1.00 50.53 ? 157 TRP A N     1 
ATOM   549  C CA    . TRP A 1 66  ? 3.779   -8.047  -2.828  1.00 53.52 ? 157 TRP A CA    1 
ATOM   550  C C     . TRP A 1 66  ? 2.569   -7.465  -3.542  1.00 54.24 ? 157 TRP A C     1 
ATOM   551  O O     . TRP A 1 66  ? 1.529   -8.109  -3.660  1.00 51.66 ? 157 TRP A O     1 
ATOM   552  C CB    . TRP A 1 66  ? 3.830   -7.537  -1.394  1.00 50.16 ? 157 TRP A CB    1 
ATOM   553  C CG    . TRP A 1 66  ? 4.541   -8.494  -0.509  1.00 57.52 ? 157 TRP A CG    1 
ATOM   554  C CD1   . TRP A 1 66  ? 5.738   -8.308  0.120   1.00 55.47 ? 157 TRP A CD1   1 
ATOM   555  C CD2   . TRP A 1 66  ? 4.124   -9.825  -0.196  1.00 56.07 ? 157 TRP A CD2   1 
ATOM   556  N NE1   . TRP A 1 66  ? 6.077   -9.432  0.831   1.00 54.45 ? 157 TRP A NE1   1 
ATOM   557  C CE2   . TRP A 1 66  ? 5.105   -10.382 0.649   1.00 59.70 ? 157 TRP A CE2   1 
ATOM   558  C CE3   . TRP A 1 66  ? 3.009   -10.597 -0.542  1.00 57.34 ? 157 TRP A CE3   1 
ATOM   559  C CZ2   . TRP A 1 66  ? 5.001   -11.677 1.161   1.00 59.38 ? 157 TRP A CZ2   1 
ATOM   560  C CZ3   . TRP A 1 66  ? 2.907   -11.880 -0.035  1.00 62.23 ? 157 TRP A CZ3   1 
ATOM   561  C CH2   . TRP A 1 66  ? 3.897   -12.408 0.807   1.00 60.76 ? 157 TRP A CH2   1 
ATOM   562  N N     . TRP A 1 67  ? 2.708   -6.236  -4.010  1.00 50.16 ? 158 TRP A N     1 
ATOM   563  C CA    . TRP A 1 67  ? 1.622   -5.602  -4.727  1.00 52.93 ? 158 TRP A CA    1 
ATOM   564  C C     . TRP A 1 67  ? 1.321   -6.400  -5.988  1.00 54.50 ? 158 TRP A C     1 
ATOM   565  O O     . TRP A 1 67  ? 0.162   -6.651  -6.325  1.00 50.52 ? 158 TRP A O     1 
ATOM   566  C CB    . TRP A 1 67  ? 1.987   -4.168  -5.090  1.00 51.77 ? 158 TRP A CB    1 
ATOM   567  C CG    . TRP A 1 67  ? 1.144   -3.625  -6.198  1.00 55.23 ? 158 TRP A CG    1 
ATOM   568  C CD1   . TRP A 1 67  ? 1.415   -3.674  -7.538  1.00 53.86 ? 158 TRP A CD1   1 
ATOM   569  C CD2   . TRP A 1 67  ? -0.112  -2.947  -6.066  1.00 53.45 ? 158 TRP A CD2   1 
ATOM   570  N NE1   . TRP A 1 67  ? 0.407   -3.066  -8.250  1.00 55.57 ? 158 TRP A NE1   1 
ATOM   571  C CE2   . TRP A 1 67  ? -0.545  -2.613  -7.368  1.00 55.09 ? 158 TRP A CE2   1 
ATOM   572  C CE3   . TRP A 1 67  ? -0.911  -2.588  -4.974  1.00 54.92 ? 158 TRP A CE3   1 
ATOM   573  C CZ2   . TRP A 1 67  ? -1.743  -1.939  -7.605  1.00 53.77 ? 158 TRP A CZ2   1 
ATOM   574  C CZ3   . TRP A 1 67  ? -2.097  -1.914  -5.213  1.00 53.60 ? 158 TRP A CZ3   1 
ATOM   575  C CH2   . TRP A 1 67  ? -2.502  -1.598  -6.520  1.00 51.81 ? 158 TRP A CH2   1 
ATOM   576  N N     . TRP A 1 68  ? 2.381   -6.801  -6.678  1.00 53.62 ? 159 TRP A N     1 
ATOM   577  C CA    . TRP A 1 68  ? 2.256   -7.538  -7.920  1.00 52.03 ? 159 TRP A CA    1 
ATOM   578  C C     . TRP A 1 68  ? 1.450   -8.801  -7.706  1.00 53.13 ? 159 TRP A C     1 
ATOM   579  O O     . TRP A 1 68  ? 0.521   -9.103  -8.450  1.00 53.49 ? 159 TRP A O     1 
ATOM   580  C CB    . TRP A 1 68  ? 3.648   -7.938  -8.421  1.00 58.04 ? 159 TRP A CB    1 
ATOM   581  C CG    . TRP A 1 68  ? 3.619   -8.632  -9.728  1.00 58.75 ? 159 TRP A CG    1 
ATOM   582  C CD1   . TRP A 1 68  ? 2.663   -8.509  -10.691 1.00 61.06 ? 159 TRP A CD1   1 
ATOM   583  C CD2   . TRP A 1 68  ? 4.584   -9.566  -10.233 1.00 65.36 ? 159 TRP A CD2   1 
ATOM   584  N NE1   . TRP A 1 68  ? 2.979   -9.295  -11.773 1.00 62.16 ? 159 TRP A NE1   1 
ATOM   585  C CE2   . TRP A 1 68  ? 4.150   -9.957  -11.516 1.00 68.03 ? 159 TRP A CE2   1 
ATOM   586  C CE3   . TRP A 1 68  ? 5.777   -10.098 -9.731  1.00 67.40 ? 159 TRP A CE3   1 
ATOM   587  C CZ2   . TRP A 1 68  ? 4.866   -10.866 -12.307 1.00 68.29 ? 159 TRP A CZ2   1 
ATOM   588  C CZ3   . TRP A 1 68  ? 6.491   -11.003 -10.518 1.00 68.33 ? 159 TRP A CZ3   1 
ATOM   589  C CH2   . TRP A 1 68  ? 6.029   -11.377 -11.794 1.00 69.26 ? 159 TRP A CH2   1 
ATOM   590  N N     . TYR A 1 69  ? 1.832   -9.558  -6.687  1.00 52.08 ? 160 TYR A N     1 
ATOM   591  C CA    . TYR A 1 69  ? 1.193   -10.836 -6.428  1.00 53.29 ? 160 TYR A CA    1 
ATOM   592  C C     . TYR A 1 69  ? -0.232  -10.688 -5.852  1.00 55.42 ? 160 TYR A C     1 
ATOM   593  O O     . TYR A 1 69  ? -1.166  -11.348 -6.307  1.00 55.15 ? 160 TYR A O     1 
ATOM   594  C CB    . TYR A 1 69  ? 2.072   -11.677 -5.500  1.00 52.59 ? 160 TYR A CB    1 
ATOM   595  C CG    . TYR A 1 69  ? 1.441   -13.003 -5.158  1.00 62.03 ? 160 TYR A CG    1 
ATOM   596  C CD1   . TYR A 1 69  ? 1.436   -14.052 -6.073  1.00 64.03 ? 160 TYR A CD1   1 
ATOM   597  C CD2   . TYR A 1 69  ? 0.841   -13.206 -3.928  1.00 60.01 ? 160 TYR A CD2   1 
ATOM   598  C CE1   . TYR A 1 69  ? 0.844   -15.273 -5.762  1.00 64.18 ? 160 TYR A CE1   1 
ATOM   599  C CE2   . TYR A 1 69  ? 0.260   -14.423 -3.605  1.00 66.00 ? 160 TYR A CE2   1 
ATOM   600  C CZ    . TYR A 1 69  ? 0.258   -15.450 -4.524  1.00 69.12 ? 160 TYR A CZ    1 
ATOM   601  O OH    . TYR A 1 69  ? -0.328  -16.658 -4.195  1.00 83.12 ? 160 TYR A OH    1 
ATOM   602  N N     . LEU A 1 70  ? -0.392  -9.819  -4.858  1.00 48.57 ? 161 LEU A N     1 
ATOM   603  C CA    . LEU A 1 70  ? -1.665  -9.685  -4.152  1.00 54.37 ? 161 LEU A CA    1 
ATOM   604  C C     . LEU A 1 70  ? -2.644  -8.763  -4.894  1.00 55.72 ? 161 LEU A C     1 
ATOM   605  O O     . LEU A 1 70  ? -3.790  -9.135  -5.149  1.00 56.31 ? 161 LEU A O     1 
ATOM   606  C CB    . LEU A 1 70  ? -1.436  -9.176  -2.728  1.00 54.90 ? 161 LEU A CB    1 
ATOM   607  C CG    . LEU A 1 70  ? -0.662  -10.102 -1.778  1.00 58.01 ? 161 LEU A CG    1 
ATOM   608  C CD1   . LEU A 1 70  ? -0.385  -9.408  -0.452  1.00 53.02 ? 161 LEU A CD1   1 
ATOM   609  C CD2   . LEU A 1 70  ? -1.420  -11.398 -1.547  1.00 54.35 ? 161 LEU A CD2   1 
ATOM   610  N N     . GLY A 1 71  ? -2.194  -7.557  -5.223  1.00 49.08 ? 162 GLY A N     1 
ATOM   611  C CA    . GLY A 1 71  ? -2.958  -6.676  -6.085  1.00 51.79 ? 162 GLY A CA    1 
ATOM   612  C C     . GLY A 1 71  ? -3.328  -7.370  -7.384  1.00 55.81 ? 162 GLY A C     1 
ATOM   613  O O     . GLY A 1 71  ? -4.481  -7.300  -7.824  1.00 53.70 ? 162 GLY A O     1 
ATOM   614  N N     . GLY A 1 72  ? -2.349  -8.037  -8.001  1.00 55.66 ? 163 GLY A N     1 
ATOM   615  C CA    . GLY A 1 72  ? -2.584  -8.810  -9.211  1.00 50.98 ? 163 GLY A CA    1 
ATOM   616  C C     . GLY A 1 72  ? -3.699  -9.838  -9.077  1.00 55.88 ? 163 GLY A C     1 
ATOM   617  O O     . GLY A 1 72  ? -4.535  -9.966  -9.975  1.00 57.17 ? 163 GLY A O     1 
ATOM   618  N N     . ALA A 1 73  ? -3.717  -10.572 -7.964  1.00 53.85 ? 164 ALA A N     1 
ATOM   619  C CA    . ALA A 1 73  ? -4.739  -11.600 -7.736  1.00 57.83 ? 164 ALA A CA    1 
ATOM   620  C C     . ALA A 1 73  ? -6.134  -11.000 -7.459  1.00 60.42 ? 164 ALA A C     1 
ATOM   621  O O     . ALA A 1 73  ? -7.152  -11.475 -7.987  1.00 62.58 ? 164 ALA A O     1 
ATOM   622  C CB    . ALA A 1 73  ? -4.311  -12.545 -6.597  1.00 52.42 ? 164 ALA A CB    1 
ATOM   623  N N     . VAL A 1 74  ? -6.181  -9.964  -6.628  1.00 56.85 ? 165 VAL A N     1 
ATOM   624  C CA    . VAL A 1 74  ? -7.428  -9.253  -6.383  1.00 59.30 ? 165 VAL A CA    1 
ATOM   625  C C     . VAL A 1 74  ? -8.043  -8.745  -7.689  1.00 59.49 ? 165 VAL A C     1 
ATOM   626  O O     . VAL A 1 74  ? -9.225  -8.982  -7.951  1.00 57.85 ? 165 VAL A O     1 
ATOM   627  C CB    . VAL A 1 74  ? -7.235  -8.080  -5.401  1.00 56.61 ? 165 VAL A CB    1 
ATOM   628  C CG1   . VAL A 1 74  ? -8.498  -7.187  -5.365  1.00 52.42 ? 165 VAL A CG1   1 
ATOM   629  C CG2   . VAL A 1 74  ? -6.869  -8.611  -3.995  1.00 52.72 ? 165 VAL A CG2   1 
ATOM   630  N N     . GLU A 1 75  ? -7.249  -8.057  -8.507  1.00 57.50 ? 166 GLU A N     1 
ATOM   631  C CA    . GLU A 1 75  ? -7.756  -7.479  -9.754  1.00 59.52 ? 166 GLU A CA    1 
ATOM   632  C C     . GLU A 1 75  ? -8.281  -8.566  -10.690 1.00 62.35 ? 166 GLU A C     1 
ATOM   633  O O     . GLU A 1 75  ? -9.323  -8.412  -11.330 1.00 62.48 ? 166 GLU A O     1 
ATOM   634  C CB    . GLU A 1 75  ? -6.667  -6.653  -10.463 1.00 57.55 ? 166 GLU A CB    1 
ATOM   635  C CG    . GLU A 1 75  ? -7.089  -6.101  -11.811 1.00 57.63 ? 166 GLU A CG    1 
ATOM   636  C CD    . GLU A 1 75  ? -6.223  -4.936  -12.261 1.00 61.80 ? 166 GLU A CD    1 
ATOM   637  O OE1   . GLU A 1 75  ? -4.997  -4.976  -11.982 1.00 60.88 ? 166 GLU A OE1   1 
ATOM   638  O OE2   . GLU A 1 75  ? -6.752  -3.977  -12.888 1.00 56.33 ? 166 GLU A OE2   1 
ATOM   639  N N     . LYS A 1 76  ? -7.560  -9.675  -10.760 1.00 60.73 ? 167 LYS A N     1 
ATOM   640  C CA    . LYS A 1 76  ? -7.915  -10.732 -11.690 1.00 62.02 ? 167 LYS A CA    1 
ATOM   641  C C     . LYS A 1 76  ? -9.184  -11.439 -11.234 1.00 64.83 ? 167 LYS A C     1 
ATOM   642  O O     . LYS A 1 76  ? -10.120 -11.627 -12.018 1.00 61.78 ? 167 LYS A O     1 
ATOM   643  C CB    . LYS A 1 76  ? -6.770  -11.736 -11.830 1.00 20.00 ? 167 LYS A CB    1 
ATOM   644  N N     . ARG A 1 77  ? -9.212  -11.801 -9.954  1.00 62.60 ? 168 ARG A N     1 
ATOM   645  C CA    . ARG A 1 77  ? -10.331 -12.527 -9.366  1.00 65.21 ? 168 ARG A CA    1 
ATOM   646  C C     . ARG A 1 77  ? -11.551 -11.676 -9.029  1.00 67.72 ? 168 ARG A C     1 
ATOM   647  O O     . ARG A 1 77  ? -12.679 -12.144 -9.186  1.00 68.64 ? 168 ARG A O     1 
ATOM   648  C CB    . ARG A 1 77  ? -9.887  -13.244 -8.091  1.00 69.50 ? 168 ARG A CB    1 
ATOM   649  C CG    . ARG A 1 77  ? -9.663  -14.727 -8.259  1.00 79.01 ? 168 ARG A CG    1 
ATOM   650  C CD    . ARG A 1 77  ? -8.198  -15.055 -8.448  1.00 75.91 ? 168 ARG A CD    1 
ATOM   651  N NE    . ARG A 1 77  ? -7.901  -16.388 -7.925  1.00 90.99 ? 168 ARG A NE    1 
ATOM   652  C CZ    . ARG A 1 77  ? -8.224  -17.521 -8.542  1.00 93.42 ? 168 ARG A CZ    1 
ATOM   653  N NH1   . ARG A 1 77  ? -8.857  -17.480 -9.708  1.00 94.68 ? 168 ARG A NH1   1 
ATOM   654  N NH2   . ARG A 1 77  ? -7.922  -18.693 -7.994  1.00 89.03 ? 168 ARG A NH2   1 
ATOM   655  N N     . LEU A 1 78  ? -11.340 -10.446 -8.552  1.00 65.13 ? 169 LEU A N     1 
ATOM   656  C CA    . LEU A 1 78  ? -12.454 -9.622  -8.031  1.00 65.08 ? 169 LEU A CA    1 
ATOM   657  C C     . LEU A 1 78  ? -12.710 -8.336  -8.819  1.00 61.65 ? 169 LEU A C     1 
ATOM   658  O O     . LEU A 1 78  ? -13.745 -7.703  -8.653  1.00 61.78 ? 169 LEU A O     1 
ATOM   659  C CB    . LEU A 1 78  ? -12.257 -9.290  -6.545  1.00 60.59 ? 169 LEU A CB    1 
ATOM   660  C CG    . LEU A 1 78  ? -11.963 -10.505 -5.674  1.00 64.04 ? 169 LEU A CG    1 
ATOM   661  C CD1   . LEU A 1 78  ? -11.703 -10.098 -4.225  1.00 63.79 ? 169 LEU A CD1   1 
ATOM   662  C CD2   . LEU A 1 78  ? -13.121 -11.484 -5.774  1.00 63.78 ? 169 LEU A CD2   1 
ATOM   663  N N     . GLY A 1 79  ? -11.765 -7.945  -9.664  1.00 65.20 ? 170 GLY A N     1 
ATOM   664  C CA    . GLY A 1 79  ? -11.975 -6.807  -10.541 1.00 56.61 ? 170 GLY A CA    1 
ATOM   665  C C     . GLY A 1 79  ? -11.141 -5.592  -10.185 1.00 57.42 ? 170 GLY A C     1 
ATOM   666  O O     . GLY A 1 79  ? -10.758 -5.392  -9.032  1.00 55.36 ? 170 GLY A O     1 
ATOM   667  N N     . SER A 1 80  ? -10.870 -4.773  -11.194 1.00 58.01 ? 171 SER A N     1 
ATOM   668  C CA    . SER A 1 80  ? -10.070 -3.577  -11.024 1.00 56.80 ? 171 SER A CA    1 
ATOM   669  C C     . SER A 1 80  ? -10.662 -2.642  -9.965  1.00 56.49 ? 171 SER A C     1 
ATOM   670  O O     . SER A 1 80  ? -9.935  -2.091  -9.125  1.00 54.48 ? 171 SER A O     1 
ATOM   671  C CB    . SER A 1 80  ? -9.921  -2.852  -12.362 1.00 59.95 ? 171 SER A CB    1 
ATOM   672  O OG    . SER A 1 80  ? -9.252  -3.672  -13.320 1.00 61.22 ? 171 SER A OG    1 
ATOM   673  N N     . GLY A 1 81  ? -11.981 -2.473  -9.987  1.00 55.18 ? 172 GLY A N     1 
ATOM   674  C CA    . GLY A 1 81  ? -12.637 -1.569  -9.058  1.00 54.62 ? 172 GLY A CA    1 
ATOM   675  C C     . GLY A 1 81  ? -12.299 -1.866  -7.608  1.00 52.93 ? 172 GLY A C     1 
ATOM   676  O O     . GLY A 1 81  ? -12.008 -0.950  -6.833  1.00 51.29 ? 172 GLY A O     1 
ATOM   677  N N     . LYS A 1 82  ? -12.344 -3.146  -7.239  1.00 51.37 ? 173 LYS A N     1 
ATOM   678  C CA    . LYS A 1 82  ? -12.011 -3.586  -5.885  1.00 51.28 ? 173 LYS A CA    1 
ATOM   679  C C     . LYS A 1 82  ? -10.582 -3.191  -5.505  1.00 52.35 ? 173 LYS A C     1 
ATOM   680  O O     . LYS A 1 82  ? -10.348 -2.658  -4.414  1.00 50.65 ? 173 LYS A O     1 
ATOM   681  C CB    . LYS A 1 82  ? -12.181 -5.111  -5.782  1.00 57.05 ? 173 LYS A CB    1 
ATOM   682  C CG    . LYS A 1 82  ? -11.855 -5.725  -4.426  1.00 57.47 ? 173 LYS A CG    1 
ATOM   683  C CD    . LYS A 1 82  ? -12.962 -5.456  -3.408  1.00 59.09 ? 173 LYS A CD    1 
ATOM   684  C CE    . LYS A 1 82  ? -14.307 -5.978  -3.907  1.00 61.21 ? 173 LYS A CE    1 
ATOM   685  N NZ    . LYS A 1 82  ? -15.060 -6.721  -2.860  1.00 60.91 ? 173 LYS A NZ    1 
ATOM   686  N N     . LEU A 1 83  ? -9.630  -3.447  -6.406  1.00 52.97 ? 174 LEU A N     1 
ATOM   687  C CA    . LEU A 1 83  ? -8.240  -3.059  -6.168  1.00 53.40 ? 174 LEU A CA    1 
ATOM   688  C C     . LEU A 1 83  ? -8.140  -1.560  -5.944  1.00 48.00 ? 174 LEU A C     1 
ATOM   689  O O     . LEU A 1 83  ? -7.503  -1.113  -4.989  1.00 45.48 ? 174 LEU A O     1 
ATOM   690  C CB    . LEU A 1 83  ? -7.323  -3.489  -7.330  1.00 51.46 ? 174 LEU A CB    1 
ATOM   691  C CG    . LEU A 1 83  ? -5.807  -3.348  -7.097  1.00 55.24 ? 174 LEU A CG    1 
ATOM   692  C CD1   . LEU A 1 83  ? -5.407  -3.848  -5.714  1.00 48.63 ? 174 LEU A CD1   1 
ATOM   693  C CD2   . LEU A 1 83  ? -4.967  -4.047  -8.203  1.00 48.76 ? 174 LEU A CD2   1 
ATOM   694  N N     . ILE A 1 84  ? -8.795  -0.791  -6.813  1.00 49.21 ? 175 ILE A N     1 
ATOM   695  C CA    . ILE A 1 84  ? -8.790  0.669   -6.715  1.00 46.41 ? 175 ILE A CA    1 
ATOM   696  C C     . ILE A 1 84  ? -9.264  1.163   -5.352  1.00 47.16 ? 175 ILE A C     1 
ATOM   697  O O     . ILE A 1 84  ? -8.622  2.019   -4.741  1.00 48.31 ? 175 ILE A O     1 
ATOM   698  C CB    . ILE A 1 84  ? -9.659  1.313   -7.827  1.00 49.75 ? 175 ILE A CB    1 
ATOM   699  C CG1   . ILE A 1 84  ? -8.919  1.259   -9.169  1.00 49.51 ? 175 ILE A CG1   1 
ATOM   700  C CG2   . ILE A 1 84  ? -10.012 2.756   -7.470  1.00 44.35 ? 175 ILE A CG2   1 
ATOM   701  C CD1   . ILE A 1 84  ? -9.844  1.191   -10.358 1.00 55.05 ? 175 ILE A CD1   1 
ATOM   702  N N     . VAL A 1 85  ? -10.372 0.619   -4.857  1.00 46.64 ? 176 VAL A N     1 
ATOM   703  C CA    . VAL A 1 85  ? -10.941 1.088   -3.591  1.00 48.13 ? 176 VAL A CA    1 
ATOM   704  C C     . VAL A 1 85  ? -10.062 0.706   -2.393  1.00 46.97 ? 176 VAL A C     1 
ATOM   705  O O     . VAL A 1 85  ? -9.762  1.542   -1.529  1.00 44.53 ? 176 VAL A O     1 
ATOM   706  C CB    . VAL A 1 85  ? -12.384 0.553   -3.399  1.00 50.53 ? 176 VAL A CB    1 
ATOM   707  C CG1   . VAL A 1 85  ? -12.953 1.006   -2.050  1.00 49.15 ? 176 VAL A CG1   1 
ATOM   708  C CG2   . VAL A 1 85  ? -13.271 1.011   -4.559  1.00 50.28 ? 176 VAL A CG2   1 
ATOM   709  N N     . ILE A 1 86  ? -9.644  -0.556  -2.334  1.00 49.00 ? 177 ILE A N     1 
ATOM   710  C CA    . ILE A 1 86  ? -8.716  -0.975  -1.287  1.00 50.50 ? 177 ILE A CA    1 
ATOM   711  C C     . ILE A 1 86  ? -7.505  -0.051  -1.275  1.00 47.91 ? 177 ILE A C     1 
ATOM   712  O O     . ILE A 1 86  ? -7.046  0.382   -0.214  1.00 50.03 ? 177 ILE A O     1 
ATOM   713  C CB    . ILE A 1 86  ? -8.221  -2.416  -1.511  1.00 52.68 ? 177 ILE A CB    1 
ATOM   714  C CG1   . ILE A 1 86  ? -9.387  -3.403  -1.368  1.00 54.56 ? 177 ILE A CG1   1 
ATOM   715  C CG2   . ILE A 1 86  ? -7.080  -2.752  -0.539  1.00 53.53 ? 177 ILE A CG2   1 
ATOM   716  C CD1   . ILE A 1 86  ? -9.004  -4.860  -1.677  1.00 58.34 ? 177 ILE A CD1   1 
ATOM   717  N N     . THR A 1 87  ? -6.999  0.259   -2.465  1.00 42.31 ? 178 THR A N     1 
ATOM   718  C CA    . THR A 1 87  ? -5.787  1.057   -2.587  1.00 44.18 ? 178 THR A CA    1 
ATOM   719  C C     . THR A 1 87  ? -6.018  2.472   -2.083  1.00 45.86 ? 178 THR A C     1 
ATOM   720  O O     . THR A 1 87  ? -5.223  2.982   -1.282  1.00 48.20 ? 178 THR A O     1 
ATOM   721  C CB    . THR A 1 87  ? -5.257  1.086   -4.051  1.00 46.94 ? 178 THR A CB    1 
ATOM   722  O OG1   . THR A 1 87  ? -4.821  -0.218  -4.427  1.00 45.47 ? 178 THR A OG1   1 
ATOM   723  C CG2   . THR A 1 87  ? -4.098  2.033   -4.175  1.00 43.64 ? 178 THR A CG2   1 
ATOM   724  N N     . LEU A 1 88  ? -7.103  3.103   -2.539  1.00 45.85 ? 179 LEU A N     1 
ATOM   725  C CA    . LEU A 1 88  ? -7.390  4.489   -2.169  1.00 47.20 ? 179 LEU A CA    1 
ATOM   726  C C     . LEU A 1 88  ? -7.635  4.619   -0.671  1.00 45.39 ? 179 LEU A C     1 
ATOM   727  O O     . LEU A 1 88  ? -7.185  5.585   -0.044  1.00 49.27 ? 179 LEU A O     1 
ATOM   728  C CB    . LEU A 1 88  ? -8.592  5.061   -2.963  1.00 46.14 ? 179 LEU A CB    1 
ATOM   729  C CG    . LEU A 1 88  ? -8.450  5.309   -4.482  1.00 52.21 ? 179 LEU A CG    1 
ATOM   730  C CD1   . LEU A 1 88  ? -9.802  5.686   -5.126  1.00 53.50 ? 179 LEU A CD1   1 
ATOM   731  C CD2   . LEU A 1 88  ? -7.401  6.381   -4.816  1.00 47.18 ? 179 LEU A CD2   1 
ATOM   732  N N     . ILE A 1 89  ? -8.349  3.660   -0.085  1.00 45.11 ? 180 ILE A N     1 
ATOM   733  C CA    . ILE A 1 89  ? -8.678  3.770   1.351   1.00 49.23 ? 180 ILE A CA    1 
ATOM   734  C C     . ILE A 1 89  ? -7.470  3.528   2.269   1.00 48.66 ? 180 ILE A C     1 
ATOM   735  O O     . ILE A 1 89  ? -7.256  4.294   3.217   1.00 47.51 ? 180 ILE A O     1 
ATOM   736  C CB    . ILE A 1 89  ? -9.869  2.856   1.777   1.00 51.81 ? 180 ILE A CB    1 
ATOM   737  C CG1   . ILE A 1 89  ? -11.149 3.249   1.017   1.00 51.08 ? 180 ILE A CG1   1 
ATOM   738  C CG2   . ILE A 1 89  ? -10.133 2.977   3.265   1.00 43.77 ? 180 ILE A CG2   1 
ATOM   739  C CD1   . ILE A 1 89  ? -12.360 2.377   1.343   1.00 51.86 ? 180 ILE A CD1   1 
ATOM   740  N N     . SER A 1 90  ? -6.676  2.496   1.978   1.00 48.35 ? 181 SER A N     1 
ATOM   741  C CA    . SER A 1 90  ? -5.493  2.207   2.791   1.00 51.24 ? 181 SER A CA    1 
ATOM   742  C C     . SER A 1 90  ? -4.447  3.319   2.680   1.00 49.16 ? 181 SER A C     1 
ATOM   743  O O     . SER A 1 90  ? -3.838  3.709   3.683   1.00 47.52 ? 181 SER A O     1 
ATOM   744  C CB    . SER A 1 90  ? -4.889  0.832   2.494   1.00 46.81 ? 181 SER A CB    1 
ATOM   745  O OG    . SER A 1 90  ? -4.558  0.637   1.145   1.00 43.98 ? 181 SER A OG    1 
ATOM   746  N N     . ALA A 1 91  ? -4.243  3.847   1.472   1.00 46.32 ? 182 ALA A N     1 
ATOM   747  C CA    . ALA A 1 91  ? -3.283  4.940   1.308   1.00 45.79 ? 182 ALA A CA    1 
ATOM   748  C C     . ALA A 1 91  ? -3.679  6.128   2.182   1.00 45.16 ? 182 ALA A C     1 
ATOM   749  O O     . ALA A 1 91  ? -2.864  6.643   2.952   1.00 42.26 ? 182 ALA A O     1 
ATOM   750  C CB    . ALA A 1 91  ? -3.153  5.372   -0.180  1.00 42.50 ? 182 ALA A CB    1 
ATOM   751  N N     . LEU A 1 92  ? -4.934  6.556   2.053   1.00 43.86 ? 183 LEU A N     1 
ATOM   752  C CA    . LEU A 1 92  ? -5.444  7.697   2.794   1.00 48.57 ? 183 LEU A CA    1 
ATOM   753  C C     . LEU A 1 92  ? -5.347  7.475   4.289   1.00 45.00 ? 183 LEU A C     1 
ATOM   754  O O     . LEU A 1 92  ? -4.841  8.332   5.012   1.00 47.79 ? 183 LEU A O     1 
ATOM   755  C CB    . LEU A 1 92  ? -6.914  7.963   2.446   1.00 47.37 ? 183 LEU A CB    1 
ATOM   756  C CG    . LEU A 1 92  ? -7.285  9.130   1.540   1.00 58.93 ? 183 LEU A CG    1 
ATOM   757  C CD1   . LEU A 1 92  ? -8.814  9.215   1.435   1.00 56.62 ? 183 LEU A CD1   1 
ATOM   758  C CD2   . LEU A 1 92  ? -6.696  10.453  2.040   1.00 55.84 ? 183 LEU A CD2   1 
ATOM   759  N N     . LEU A 1 93  ? -5.857  6.350   4.772   1.00 41.51 ? 184 LEU A N     1 
ATOM   760  C CA    . LEU A 1 93  ? -5.879  6.130   6.228   1.00 49.11 ? 184 LEU A CA    1 
ATOM   761  C C     . LEU A 1 93  ? -4.488  5.843   6.827   1.00 49.26 ? 184 LEU A C     1 
ATOM   762  O O     . LEU A 1 93  ? -4.128  6.392   7.863   1.00 46.94 ? 184 LEU A O     1 
ATOM   763  C CB    . LEU A 1 93  ? -6.874  5.024   6.604   1.00 49.48 ? 184 LEU A CB    1 
ATOM   764  C CG    . LEU A 1 93  ? -7.104  4.839   8.107   1.00 57.23 ? 184 LEU A CG    1 
ATOM   765  C CD1   . LEU A 1 93  ? -7.726  6.082   8.768   1.00 53.26 ? 184 LEU A CD1   1 
ATOM   766  C CD2   . LEU A 1 93  ? -7.956  3.600   8.395   1.00 59.44 ? 184 LEU A CD2   1 
ATOM   767  N N     . SER A 1 94  ? -3.696  5.004   6.174   1.00 44.49 ? 185 SER A N     1 
ATOM   768  C CA    . SER A 1 94  ? -2.364  4.751   6.710   1.00 51.99 ? 185 SER A CA    1 
ATOM   769  C C     . SER A 1 94  ? -1.543  6.041   6.609   1.00 48.32 ? 185 SER A C     1 
ATOM   770  O O     . SER A 1 94  ? -0.827  6.416   7.542   1.00 47.59 ? 185 SER A O     1 
ATOM   771  C CB    . SER A 1 94  ? -1.686  3.561   6.034   1.00 48.79 ? 185 SER A CB    1 
ATOM   772  O OG    . SER A 1 94  ? -1.511  3.785   4.653   1.00 50.39 ? 185 SER A OG    1 
ATOM   773  N N     . GLY A 1 95  ? -1.686  6.752   5.497   1.00 45.34 ? 186 GLY A N     1 
ATOM   774  C CA    . GLY A 1 95  ? -1.033  8.038   5.344   1.00 45.38 ? 186 GLY A CA    1 
ATOM   775  C C     . GLY A 1 95  ? -1.383  9.016   6.455   1.00 47.60 ? 186 GLY A C     1 
ATOM   776  O O     . GLY A 1 95  ? -0.505  9.689   6.994   1.00 46.66 ? 186 GLY A O     1 
ATOM   777  N N     . TYR A 1 96  ? -2.665  9.102   6.804   1.00 47.31 ? 187 TYR A N     1 
ATOM   778  C CA    . TYR A 1 96  ? -3.093  10.033  7.846   1.00 51.63 ? 187 TYR A CA    1 
ATOM   779  C C     . TYR A 1 96  ? -2.545  9.627   9.237   1.00 50.41 ? 187 TYR A C     1 
ATOM   780  O O     . TYR A 1 96  ? -2.115  10.474  10.029  1.00 48.97 ? 187 TYR A O     1 
ATOM   781  C CB    . TYR A 1 96  ? -4.627  10.155  7.890   1.00 50.24 ? 187 TYR A CB    1 
ATOM   782  C CG    . TYR A 1 96  ? -5.092  10.889  9.121   1.00 50.34 ? 187 TYR A CG    1 
ATOM   783  C CD1   . TYR A 1 96  ? -5.208  12.272  9.123   1.00 52.85 ? 187 TYR A CD1   1 
ATOM   784  C CD2   . TYR A 1 96  ? -5.369  10.203  10.296  1.00 52.44 ? 187 TYR A CD2   1 
ATOM   785  C CE1   . TYR A 1 96  ? -5.613  12.963  10.256  1.00 59.95 ? 187 TYR A CE1   1 
ATOM   786  C CE2   . TYR A 1 96  ? -5.778  10.884  11.448  1.00 56.64 ? 187 TYR A CE2   1 
ATOM   787  C CZ    . TYR A 1 96  ? -5.895  12.261  11.420  1.00 61.71 ? 187 TYR A CZ    1 
ATOM   788  O OH    . TYR A 1 96  ? -6.294  12.946  12.549  1.00 64.47 ? 187 TYR A OH    1 
ATOM   789  N N     . VAL A 1 97  ? -2.574  8.340   9.541   1.00 47.94 ? 188 VAL A N     1 
ATOM   790  C CA    . VAL A 1 97  ? -2.037  7.884   10.815  1.00 54.42 ? 188 VAL A CA    1 
ATOM   791  C C     . VAL A 1 97  ? -0.526  8.124   10.858  1.00 53.68 ? 188 VAL A C     1 
ATOM   792  O O     . VAL A 1 97  ? 0.010   8.632   11.847  1.00 52.69 ? 188 VAL A O     1 
ATOM   793  C CB    . VAL A 1 97  ? -2.367  6.396   11.072  1.00 54.91 ? 188 VAL A CB    1 
ATOM   794  C CG1   . VAL A 1 97  ? -1.779  5.950   12.401  1.00 51.95 ? 188 VAL A CG1   1 
ATOM   795  C CG2   . VAL A 1 97  ? -3.883  6.194   11.049  1.00 51.73 ? 188 VAL A CG2   1 
ATOM   796  N N     . GLN A 1 98  ? 0.157   7.772   9.775   1.00 53.18 ? 189 GLN A N     1 
ATOM   797  C CA    . GLN A 1 98  ? 1.602   7.958   9.692   1.00 52.51 ? 189 GLN A CA    1 
ATOM   798  C C     . GLN A 1 98  ? 1.991   9.393   10.018  1.00 54.22 ? 189 GLN A C     1 
ATOM   799  O O     . GLN A 1 98  ? 2.850   9.639   10.867  1.00 54.57 ? 189 GLN A O     1 
ATOM   800  C CB    . GLN A 1 98  ? 2.095   7.596   8.284   1.00 51.51 ? 189 GLN A CB    1 
ATOM   801  C CG    . GLN A 1 98  ? 3.578   7.815   8.071   1.00 51.01 ? 189 GLN A CG    1 
ATOM   802  C CD    . GLN A 1 98  ? 4.420   6.891   8.948   1.00 60.93 ? 189 GLN A CD    1 
ATOM   803  O OE1   . GLN A 1 98  ? 4.003   5.773   9.268   1.00 61.42 ? 189 GLN A OE1   1 
ATOM   804  N NE2   . GLN A 1 98  ? 5.609   7.355   9.337   1.00 59.22 ? 189 GLN A NE2   1 
ATOM   805  N N     . GLN A 1 99  ? 1.351   10.326  9.318   1.00 52.56 ? 190 GLN A N     1 
ATOM   806  C CA    . GLN A 1 99  ? 1.607   11.761  9.445   1.00 53.23 ? 190 GLN A CA    1 
ATOM   807  C C     . GLN A 1 99  ? 1.285   12.267  10.851  1.00 55.79 ? 190 GLN A C     1 
ATOM   808  O O     . GLN A 1 99  ? 1.962   13.148  11.382  1.00 53.45 ? 190 GLN A O     1 
ATOM   809  C CB    . GLN A 1 99  ? 0.771   12.513  8.411   1.00 52.44 ? 190 GLN A CB    1 
ATOM   810  C CG    . GLN A 1 99  ? 0.592   13.988  8.678   1.00 58.97 ? 190 GLN A CG    1 
ATOM   811  C CD    . GLN A 1 99  ? -0.583  14.298  9.574   1.00 56.78 ? 190 GLN A CD    1 
ATOM   812  O OE1   . GLN A 1 99  ? -1.617  13.625  9.534   1.00 61.29 ? 190 GLN A OE1   1 
ATOM   813  N NE2   . GLN A 1 99  ? -0.425  15.316  10.411  1.00 62.19 ? 190 GLN A NE2   1 
ATOM   814  N N     . LYS A 1 100 ? 0.246   11.700  11.454  1.00 55.77 ? 191 LYS A N     1 
ATOM   815  C CA    . LYS A 1 100 ? -0.178  12.117  12.781  1.00 59.69 ? 191 LYS A CA    1 
ATOM   816  C C     . LYS A 1 100 ? 0.879   11.777  13.831  1.00 58.99 ? 191 LYS A C     1 
ATOM   817  O O     . LYS A 1 100 ? 1.134   12.560  14.738  1.00 60.51 ? 191 LYS A O     1 
ATOM   818  C CB    . LYS A 1 100 ? -1.509  11.458  13.150  1.00 60.08 ? 191 LYS A CB    1 
ATOM   819  C CG    . LYS A 1 100 ? -2.125  11.953  14.459  1.00 58.09 ? 191 LYS A CG    1 
ATOM   820  C CD    . LYS A 1 100 ? -3.098  13.112  14.223  1.00 67.35 ? 191 LYS A CD    1 
ATOM   821  C CE    . LYS A 1 100 ? -2.398  14.443  13.965  1.00 69.98 ? 191 LYS A CE    1 
ATOM   822  N NZ    . LYS A 1 100 ? -3.159  15.306  12.986  1.00 66.57 ? 191 LYS A NZ    1 
ATOM   823  N N     . PHE A 1 101 ? 1.500   10.616  13.713  1.00 57.93 ? 192 PHE A N     1 
ATOM   824  C CA    . PHE A 1 101 ? 2.535   10.243  14.672  1.00 63.55 ? 192 PHE A CA    1 
ATOM   825  C C     . PHE A 1 101 ? 3.915   10.789  14.324  1.00 66.37 ? 192 PHE A C     1 
ATOM   826  O O     . PHE A 1 101 ? 4.659   11.197  15.222  1.00 69.35 ? 192 PHE A O     1 
ATOM   827  C CB    . PHE A 1 101 ? 2.608   8.719   14.822  1.00 61.98 ? 192 PHE A CB    1 
ATOM   828  C CG    . PHE A 1 101 ? 1.414   8.130   15.494  1.00 62.89 ? 192 PHE A CG    1 
ATOM   829  C CD1   . PHE A 1 101 ? 1.104   8.481   16.800  1.00 68.50 ? 192 PHE A CD1   1 
ATOM   830  C CD2   . PHE A 1 101 ? 0.585   7.242   14.824  1.00 62.38 ? 192 PHE A CD2   1 
ATOM   831  C CE1   . PHE A 1 101 ? -0.011  7.952   17.436  1.00 71.76 ? 192 PHE A CE1   1 
ATOM   832  C CE2   . PHE A 1 101 ? -0.532  6.705   15.453  1.00 69.08 ? 192 PHE A CE2   1 
ATOM   833  C CZ    . PHE A 1 101 ? -0.830  7.062   16.764  1.00 72.93 ? 192 PHE A CZ    1 
ATOM   834  N N     . SER A 1 102 ? 4.255   10.795  13.034  1.00 59.91 ? 193 SER A N     1 
ATOM   835  C CA    . SER A 1 102 ? 5.637   11.065  12.621  1.00 63.90 ? 193 SER A CA    1 
ATOM   836  C C     . SER A 1 102 ? 5.823   12.178  11.599  1.00 55.91 ? 193 SER A C     1 
ATOM   837  O O     . SER A 1 102 ? 6.924   12.378  11.107  1.00 58.90 ? 193 SER A O     1 
ATOM   838  C CB    . SER A 1 102 ? 6.318   9.785   12.116  1.00 59.92 ? 193 SER A CB    1 
ATOM   839  O OG    . SER A 1 102 ? 5.437   8.686   12.179  1.00 66.76 ? 193 SER A OG    1 
ATOM   840  N N     . GLY A 1 103 ? 4.757   12.892  11.264  1.00 53.51 ? 194 GLY A N     1 
ATOM   841  C CA    . GLY A 1 103 ? 4.875   14.018  10.357  1.00 48.01 ? 194 GLY A CA    1 
ATOM   842  C C     . GLY A 1 103 ? 4.756   13.594  8.899   1.00 55.03 ? 194 GLY A C     1 
ATOM   843  O O     . GLY A 1 103 ? 4.689   12.397  8.605   1.00 48.69 ? 194 GLY A O     1 
ATOM   844  N N     . PRO A 1 104 ? 4.730   14.577  7.978   1.00 50.12 ? 195 PRO A N     1 
ATOM   845  C CA    . PRO A 1 104 ? 4.414   14.354  6.562   1.00 50.61 ? 195 PRO A CA    1 
ATOM   846  C C     . PRO A 1 104 ? 5.579   13.846  5.699   1.00 54.24 ? 195 PRO A C     1 
ATOM   847  O O     . PRO A 1 104 ? 5.392   13.672  4.486   1.00 53.41 ? 195 PRO A O     1 
ATOM   848  C CB    . PRO A 1 104 ? 3.982   15.749  6.089   1.00 51.07 ? 195 PRO A CB    1 
ATOM   849  C CG    . PRO A 1 104 ? 4.809   16.682  6.958   1.00 51.69 ? 195 PRO A CG    1 
ATOM   850  C CD    . PRO A 1 104 ? 4.861   16.011  8.305   1.00 47.47 ? 195 PRO A CD    1 
ATOM   851  N N     . TRP A 1 105 ? 6.754   13.618  6.283   1.00 55.29 ? 196 TRP A N     1 
ATOM   852  C CA    . TRP A 1 105 ? 7.902   13.170  5.487   1.00 58.80 ? 196 TRP A CA    1 
ATOM   853  C C     . TRP A 1 105 ? 8.027   11.652  5.486   1.00 58.18 ? 196 TRP A C     1 
ATOM   854  O O     . TRP A 1 105 ? 8.747   11.065  6.290   1.00 59.51 ? 196 TRP A O     1 
ATOM   855  C CB    . TRP A 1 105 ? 9.191   13.848  5.959   1.00 59.19 ? 196 TRP A CB    1 
ATOM   856  C CG    . TRP A 1 105 ? 9.033   15.334  6.017   1.00 61.57 ? 196 TRP A CG    1 
ATOM   857  C CD1   . TRP A 1 105 ? 8.929   16.101  7.139   1.00 60.18 ? 196 TRP A CD1   1 
ATOM   858  C CD2   . TRP A 1 105 ? 8.897   16.227  4.902   1.00 60.30 ? 196 TRP A CD2   1 
ATOM   859  N NE1   . TRP A 1 105 ? 8.765   17.421  6.794   1.00 61.25 ? 196 TRP A NE1   1 
ATOM   860  C CE2   . TRP A 1 105 ? 8.737   17.527  5.429   1.00 58.50 ? 196 TRP A CE2   1 
ATOM   861  C CE3   . TRP A 1 105 ? 8.915   16.057  3.512   1.00 59.66 ? 196 TRP A CE3   1 
ATOM   862  C CZ2   . TRP A 1 105 ? 8.591   18.651  4.615   1.00 57.37 ? 196 TRP A CZ2   1 
ATOM   863  C CZ3   . TRP A 1 105 ? 8.770   17.171  2.705   1.00 61.44 ? 196 TRP A CZ3   1 
ATOM   864  C CH2   . TRP A 1 105 ? 8.612   18.454  3.258   1.00 59.23 ? 196 TRP A CH2   1 
ATOM   865  N N     . PHE A 1 106 ? 7.303   11.030  4.561   1.00 54.42 ? 197 PHE A N     1 
ATOM   866  C CA    . PHE A 1 106 ? 7.235   9.577   4.448   1.00 51.85 ? 197 PHE A CA    1 
ATOM   867  C C     . PHE A 1 106 ? 6.731   9.219   3.058   1.00 52.30 ? 197 PHE A C     1 
ATOM   868  O O     . PHE A 1 106 ? 6.261   10.089  2.311   1.00 52.37 ? 197 PHE A O     1 
ATOM   869  C CB    . PHE A 1 106 ? 6.292   8.986   5.516   1.00 46.77 ? 197 PHE A CB    1 
ATOM   870  C CG    . PHE A 1 106 ? 4.820   9.360   5.325   1.00 51.01 ? 197 PHE A CG    1 
ATOM   871  C CD1   . PHE A 1 106 ? 3.987   8.581   4.525   1.00 47.81 ? 197 PHE A CD1   1 
ATOM   872  C CD2   . PHE A 1 106 ? 4.274   10.481  5.955   1.00 48.88 ? 197 PHE A CD2   1 
ATOM   873  C CE1   . PHE A 1 106 ? 2.637   8.904   4.359   1.00 49.21 ? 197 PHE A CE1   1 
ATOM   874  C CE2   . PHE A 1 106 ? 2.911   10.819  5.785   1.00 51.09 ? 197 PHE A CE2   1 
ATOM   875  C CZ    . PHE A 1 106 ? 2.099   10.025  4.983   1.00 51.47 ? 197 PHE A CZ    1 
ATOM   876  N N     . GLY A 1 107 ? 6.828   7.939   2.719   1.00 50.82 ? 198 GLY A N     1 
ATOM   877  C CA    . GLY A 1 107 ? 6.365   7.456   1.437   1.00 49.40 ? 198 GLY A CA    1 
ATOM   878  C C     . GLY A 1 107 ? 6.436   5.945   1.378   1.00 50.05 ? 198 GLY A C     1 
ATOM   879  O O     . GLY A 1 107 ? 7.139   5.314   2.158   1.00 50.57 ? 198 GLY A O     1 
ATOM   880  N N     . GLY A 1 108 ? 5.693   5.352   0.456   1.00 51.20 ? 199 GLY A N     1 
ATOM   881  C CA    . GLY A 1 108 ? 5.795   3.923   0.240   1.00 48.30 ? 199 GLY A CA    1 
ATOM   882  C C     . GLY A 1 108 ? 4.459   3.246   0.089   1.00 50.13 ? 199 GLY A C     1 
ATOM   883  O O     . GLY A 1 108 ? 3.436   3.720   0.612   1.00 47.32 ? 199 GLY A O     1 
ATOM   884  N N     . LEU A 1 109 ? 4.491   2.120   -0.616  1.00 48.26 ? 200 LEU A N     1 
ATOM   885  C CA    . LEU A 1 109 ? 3.297   1.345   -0.938  1.00 49.42 ? 200 LEU A CA    1 
ATOM   886  C C     . LEU A 1 109 ? 2.894   0.374   0.179   1.00 49.60 ? 200 LEU A C     1 
ATOM   887  O O     . LEU A 1 109 ? 1.866   -0.284  0.086   1.00 51.91 ? 200 LEU A O     1 
ATOM   888  C CB    . LEU A 1 109 ? 3.510   0.589   -2.270  1.00 47.22 ? 200 LEU A CB    1 
ATOM   889  C CG    . LEU A 1 109 ? 2.261   0.131   -3.035  1.00 52.39 ? 200 LEU A CG    1 
ATOM   890  C CD1   . LEU A 1 109 ? 1.210   1.277   -3.093  1.00 50.44 ? 200 LEU A CD1   1 
ATOM   891  C CD2   . LEU A 1 109 ? 2.612   -0.379  -4.436  1.00 48.16 ? 200 LEU A CD2   1 
ATOM   892  N N     . SER A 1 110 ? 3.666   0.310   1.255   1.00 47.29 ? 201 SER A N     1 
ATOM   893  C CA    . SER A 1 110 ? 3.464   -0.772  2.232   1.00 52.79 ? 201 SER A CA    1 
ATOM   894  C C     . SER A 1 110 ? 2.156   -0.707  3.039   1.00 52.90 ? 201 SER A C     1 
ATOM   895  O O     . SER A 1 110 ? 1.664   -1.741  3.514   1.00 53.90 ? 201 SER A O     1 
ATOM   896  C CB    . SER A 1 110 ? 4.660   -0.898  3.175   1.00 52.31 ? 201 SER A CB    1 
ATOM   897  O OG    . SER A 1 110 ? 4.692   0.180   4.094   1.00 51.47 ? 201 SER A OG    1 
ATOM   898  N N     . GLY A 1 111 ? 1.591   0.487   3.207   1.00 52.98 ? 202 GLY A N     1 
ATOM   899  C CA    . GLY A 1 111 ? 0.317   0.597   3.900   1.00 46.91 ? 202 GLY A CA    1 
ATOM   900  C C     . GLY A 1 111 ? -0.690  -0.176  3.070   1.00 50.48 ? 202 GLY A C     1 
ATOM   901  O O     . GLY A 1 111 ? -1.490  -0.950  3.595   1.00 50.37 ? 202 GLY A O     1 
ATOM   902  N N     . VAL A 1 112 ? -0.618  0.022   1.753   1.00 47.82 ? 203 VAL A N     1 
ATOM   903  C CA    . VAL A 1 112 ? -1.490  -0.644  0.789   1.00 47.44 ? 203 VAL A CA    1 
ATOM   904  C C     . VAL A 1 112 ? -1.257  -2.159  0.745   1.00 49.33 ? 203 VAL A C     1 
ATOM   905  O O     . VAL A 1 112 ? -2.204  -2.957  0.708   1.00 46.00 ? 203 VAL A O     1 
ATOM   906  C CB    . VAL A 1 112 ? -1.265  -0.051  -0.630  1.00 46.34 ? 203 VAL A CB    1 
ATOM   907  C CG1   . VAL A 1 112 ? -1.990  -0.864  -1.676  1.00 43.39 ? 203 VAL A CG1   1 
ATOM   908  C CG2   . VAL A 1 112 ? -1.703  1.388   -0.664  1.00 44.15 ? 203 VAL A CG2   1 
ATOM   909  N N     . VAL A 1 113 ? 0.016   -2.546  0.728   1.00 50.14 ? 204 VAL A N     1 
ATOM   910  C CA    . VAL A 1 113 ? 0.394   -3.949  0.736   1.00 47.30 ? 204 VAL A CA    1 
ATOM   911  C C     . VAL A 1 113 ? -0.134  -4.660  1.988   1.00 50.59 ? 204 VAL A C     1 
ATOM   912  O O     . VAL A 1 113 ? -0.676  -5.767  1.908   1.00 48.52 ? 204 VAL A O     1 
ATOM   913  C CB    . VAL A 1 113 ? 1.921   -4.107  0.630   1.00 49.31 ? 204 VAL A CB    1 
ATOM   914  C CG1   . VAL A 1 113 ? 2.318   -5.546  0.924   1.00 47.15 ? 204 VAL A CG1   1 
ATOM   915  C CG2   . VAL A 1 113 ? 2.407   -3.645  -0.759  1.00 47.09 ? 204 VAL A CG2   1 
ATOM   916  N N     . TYR A 1 114 ? 0.005   -4.027  3.150   1.00 46.91 ? 205 TYR A N     1 
ATOM   917  C CA    . TYR A 1 114 ? -0.536  -4.610  4.382   1.00 52.20 ? 205 TYR A CA    1 
ATOM   918  C C     . TYR A 1 114 ? -2.043  -4.809  4.280   1.00 54.17 ? 205 TYR A C     1 
ATOM   919  O O     . TYR A 1 114 ? -2.561  -5.848  4.699   1.00 50.96 ? 205 TYR A O     1 
ATOM   920  C CB    . TYR A 1 114 ? -0.173  -3.766  5.608   1.00 52.83 ? 205 TYR A CB    1 
ATOM   921  C CG    . TYR A 1 114 ? 1.315   -3.756  5.878   1.00 57.80 ? 205 TYR A CG    1 
ATOM   922  C CD1   . TYR A 1 114 ? 2.103   -4.854  5.559   1.00 57.99 ? 205 TYR A CD1   1 
ATOM   923  C CD2   . TYR A 1 114 ? 1.936   -2.650  6.435   1.00 57.67 ? 205 TYR A CD2   1 
ATOM   924  C CE1   . TYR A 1 114 ? 3.466   -4.858  5.807   1.00 61.48 ? 205 TYR A CE1   1 
ATOM   925  C CE2   . TYR A 1 114 ? 3.293   -2.642  6.681   1.00 59.81 ? 205 TYR A CE2   1 
ATOM   926  C CZ    . TYR A 1 114 ? 4.056   -3.752  6.367   1.00 63.99 ? 205 TYR A CZ    1 
ATOM   927  O OH    . TYR A 1 114 ? 5.413   -3.762  6.610   1.00 59.91 ? 205 TYR A OH    1 
ATOM   928  N N     . ALA A 1 115 ? -2.739  -3.815  3.712   1.00 50.47 ? 206 ALA A N     1 
ATOM   929  C CA    . ALA A 1 115 ? -4.178  -3.926  3.478   1.00 53.09 ? 206 ALA A CA    1 
ATOM   930  C C     . ALA A 1 115 ? -4.485  -5.139  2.612   1.00 52.42 ? 206 ALA A C     1 
ATOM   931  O O     . ALA A 1 115 ? -5.368  -5.936  2.936   1.00 52.21 ? 206 ALA A O     1 
ATOM   932  C CB    . ALA A 1 115 ? -4.739  -2.652  2.827   1.00 47.87 ? 206 ALA A CB    1 
ATOM   933  N N     . LEU A 1 116 ? -3.747  -5.276  1.512   1.00 49.84 ? 207 LEU A N     1 
ATOM   934  C CA    . LEU A 1 116 ? -3.917  -6.414  0.610   1.00 52.30 ? 207 LEU A CA    1 
ATOM   935  C C     . LEU A 1 116 ? -3.622  -7.740  1.311   1.00 54.12 ? 207 LEU A C     1 
ATOM   936  O O     . LEU A 1 116 ? -4.301  -8.739  1.067   1.00 51.45 ? 207 LEU A O     1 
ATOM   937  C CB    . LEU A 1 116 ? -3.028  -6.263  -0.620  1.00 51.81 ? 207 LEU A CB    1 
ATOM   938  C CG    . LEU A 1 116 ? -3.482  -5.143  -1.554  1.00 54.74 ? 207 LEU A CG    1 
ATOM   939  C CD1   . LEU A 1 116 ? -2.408  -4.787  -2.581  1.00 48.98 ? 207 LEU A CD1   1 
ATOM   940  C CD2   . LEU A 1 116 ? -4.789  -5.558  -2.225  1.00 51.02 ? 207 LEU A CD2   1 
ATOM   941  N N     . MET A 1 117 ? -2.613  -7.744  2.178   1.00 51.46 ? 208 MET A N     1 
ATOM   942  C CA    . MET A 1 117 ? -2.313  -8.917  3.008   1.00 54.67 ? 208 MET A CA    1 
ATOM   943  C C     . MET A 1 117 ? -3.469  -9.273  3.935   1.00 54.77 ? 208 MET A C     1 
ATOM   944  O O     . MET A 1 117 ? -3.927  -10.409 3.935   1.00 54.99 ? 208 MET A O     1 
ATOM   945  C CB    . MET A 1 117 ? -1.025  -8.700  3.816   1.00 50.83 ? 208 MET A CB    1 
ATOM   946  C CG    . MET A 1 117 ? 0.249   -8.738  2.974   1.00 50.66 ? 208 MET A CG    1 
ATOM   947  S SD    . MET A 1 117 ? 1.689   -8.430  4.001   1.00 53.61 ? 208 MET A SD    1 
ATOM   948  C CE    . MET A 1 117 ? 3.012   -8.654  2.781   1.00 56.66 ? 208 MET A CE    1 
ATOM   949  N N     . GLY A 1 118 ? -3.930  -8.305  4.725   1.00 50.71 ? 209 GLY A N     1 
ATOM   950  C CA    . GLY A 1 118 ? -5.082  -8.514  5.582   1.00 56.40 ? 209 GLY A CA    1 
ATOM   951  C C     . GLY A 1 118 ? -6.305  -8.951  4.793   1.00 57.80 ? 209 GLY A C     1 
ATOM   952  O O     . GLY A 1 118 ? -6.964  -9.927  5.141   1.00 58.65 ? 209 GLY A O     1 
ATOM   953  N N     . TYR A 1 119 ? -6.605  -8.237  3.715   1.00 56.66 ? 210 TYR A N     1 
ATOM   954  C CA    . TYR A 1 119 ? -7.779  -8.552  2.910   1.00 56.06 ? 210 TYR A CA    1 
ATOM   955  C C     . TYR A 1 119 ? -7.746  -9.957  2.304   1.00 54.36 ? 210 TYR A C     1 
ATOM   956  O O     . TYR A 1 119 ? -8.724  -10.701 2.378   1.00 53.45 ? 210 TYR A O     1 
ATOM   957  C CB    . TYR A 1 119 ? -7.972  -7.528  1.785   1.00 52.67 ? 210 TYR A CB    1 
ATOM   958  C CG    . TYR A 1 119 ? -9.222  -7.816  0.985   1.00 56.18 ? 210 TYR A CG    1 
ATOM   959  C CD1   . TYR A 1 119 ? -9.211  -8.741  -0.051  1.00 52.80 ? 210 TYR A CD1   1 
ATOM   960  C CD2   . TYR A 1 119 ? -10.428 -7.185  1.290   1.00 53.29 ? 210 TYR A CD2   1 
ATOM   961  C CE1   . TYR A 1 119 ? -10.366 -9.025  -0.773  1.00 57.68 ? 210 TYR A CE1   1 
ATOM   962  C CE2   . TYR A 1 119 ? -11.583 -7.460  0.575   1.00 51.85 ? 210 TYR A CE2   1 
ATOM   963  C CZ    . TYR A 1 119 ? -11.552 -8.379  -0.454  1.00 55.95 ? 210 TYR A CZ    1 
ATOM   964  O OH    . TYR A 1 119 ? -12.704 -8.652  -1.164  1.00 56.95 ? 210 TYR A OH    1 
ATOM   965  N N     . VAL A 1 120 ? -6.637  -10.312 1.666   1.00 54.35 ? 211 VAL A N     1 
ATOM   966  C CA    . VAL A 1 120 ? -6.561  -11.596 0.970   1.00 58.16 ? 211 VAL A CA    1 
ATOM   967  C C     . VAL A 1 120 ? -6.590  -12.783 1.953   1.00 59.23 ? 211 VAL A C     1 
ATOM   968  O O     . VAL A 1 120 ? -7.206  -13.818 1.676   1.00 58.30 ? 211 VAL A O     1 
ATOM   969  C CB    . VAL A 1 120 ? -5.345  -11.652 0.003   1.00 60.43 ? 211 VAL A CB    1 
ATOM   970  C CG1   . VAL A 1 120 ? -5.169  -13.057 -0.583  1.00 54.98 ? 211 VAL A CG1   1 
ATOM   971  C CG2   . VAL A 1 120 ? -5.505  -10.604 -1.116  1.00 52.71 ? 211 VAL A CG2   1 
ATOM   972  N N     . TRP A 1 121 ? -5.957  -12.615 3.110   1.00 57.37 ? 212 TRP A N     1 
ATOM   973  C CA    . TRP A 1 121 ? -5.976  -13.655 4.133   1.00 62.85 ? 212 TRP A CA    1 
ATOM   974  C C     . TRP A 1 121 ? -7.362  -13.844 4.739   1.00 62.07 ? 212 TRP A C     1 
ATOM   975  O O     . TRP A 1 121 ? -7.892  -14.950 4.753   1.00 61.75 ? 212 TRP A O     1 
ATOM   976  C CB    . TRP A 1 121 ? -4.962  -13.369 5.240   1.00 59.62 ? 212 TRP A CB    1 
ATOM   977  C CG    . TRP A 1 121 ? -5.154  -14.242 6.439   1.00 64.49 ? 212 TRP A CG    1 
ATOM   978  C CD1   . TRP A 1 121 ? -4.794  -15.555 6.565   1.00 62.06 ? 212 TRP A CD1   1 
ATOM   979  C CD2   . TRP A 1 121 ? -5.765  -13.870 7.687   1.00 65.10 ? 212 TRP A CD2   1 
ATOM   980  N NE1   . TRP A 1 121 ? -5.136  -16.021 7.816   1.00 67.20 ? 212 TRP A NE1   1 
ATOM   981  C CE2   . TRP A 1 121 ? -5.737  -15.010 8.523   1.00 70.60 ? 212 TRP A CE2   1 
ATOM   982  C CE3   . TRP A 1 121 ? -6.330  -12.687 8.179   1.00 65.32 ? 212 TRP A CE3   1 
ATOM   983  C CZ2   . TRP A 1 121 ? -6.251  -15.001 9.826   1.00 65.24 ? 212 TRP A CZ2   1 
ATOM   984  C CZ3   . TRP A 1 121 ? -6.845  -12.680 9.476   1.00 66.56 ? 212 TRP A CZ3   1 
ATOM   985  C CH2   . TRP A 1 121 ? -6.799  -13.830 10.283  1.00 64.71 ? 212 TRP A CH2   1 
ATOM   986  N N     . LEU A 1 122 ? -7.953  -12.767 5.248   1.00 62.76 ? 213 LEU A N     1 
ATOM   987  C CA    . LEU A 1 122 ? -9.267  -12.881 5.884   1.00 62.65 ? 213 LEU A CA    1 
ATOM   988  C C     . LEU A 1 122 ? -10.338 -13.369 4.905   1.00 65.20 ? 213 LEU A C     1 
ATOM   989  O O     . LEU A 1 122 ? -11.216 -14.148 5.276   1.00 64.50 ? 213 LEU A O     1 
ATOM   990  C CB    . LEU A 1 122 ? -9.687  -11.564 6.531   1.00 57.76 ? 213 LEU A CB    1 
ATOM   991  C CG    . LEU A 1 122 ? -10.922 -11.676 7.424   1.00 62.89 ? 213 LEU A CG    1 
ATOM   992  C CD1   . LEU A 1 122 ? -10.712 -12.801 8.451   1.00 61.94 ? 213 LEU A CD1   1 
ATOM   993  C CD2   . LEU A 1 122 ? -11.271 -10.336 8.107   1.00 58.15 ? 213 LEU A CD2   1 
ATOM   994  N N     . ARG A 1 123 ? -10.250 -12.918 3.654   1.00 60.93 ? 214 ARG A N     1 
ATOM   995  C CA    . ARG A 1 123 ? -11.211 -13.322 2.629   1.00 64.31 ? 214 ARG A CA    1 
ATOM   996  C C     . ARG A 1 123 ? -11.111 -14.813 2.283   1.00 68.70 ? 214 ARG A C     1 
ATOM   997  O O     . ARG A 1 123 ? -12.121 -15.448 1.981   1.00 69.34 ? 214 ARG A O     1 
ATOM   998  C CB    . ARG A 1 123 ? -11.047 -12.479 1.367   1.00 62.31 ? 214 ARG A CB    1 
ATOM   999  C CG    . ARG A 1 123 ? -12.147 -12.665 0.343   1.00 65.93 ? 214 ARG A CG    1 
ATOM   1000 C CD    . ARG A 1 123 ? -13.446 -11.984 0.758   1.00 67.25 ? 214 ARG A CD    1 
ATOM   1001 N NE    . ARG A 1 123 ? -14.584 -12.501 0.001   1.00 69.00 ? 214 ARG A NE    1 
ATOM   1002 C CZ    . ARG A 1 123 ? -14.934 -12.087 -1.212  1.00 67.13 ? 214 ARG A CZ    1 
ATOM   1003 N NH1   . ARG A 1 123 ? -14.246 -11.128 -1.818  1.00 66.22 ? 214 ARG A NH1   1 
ATOM   1004 N NH2   . ARG A 1 123 ? -15.981 -12.628 -1.820  1.00 69.71 ? 214 ARG A NH2   1 
ATOM   1005 N N     . GLY A 1 124 ? -9.896  -15.363 2.322   1.00 68.62 ? 215 GLY A N     1 
ATOM   1006 C CA    . GLY A 1 124 ? -9.665  -16.770 2.024   1.00 68.24 ? 215 GLY A CA    1 
ATOM   1007 C C     . GLY A 1 124 ? -10.132 -17.708 3.126   1.00 71.82 ? 215 GLY A C     1 
ATOM   1008 O O     . GLY A 1 124 ? -10.574 -18.826 2.855   1.00 74.56 ? 215 GLY A O     1 
ATOM   1009 N N     . GLU A 1 125 ? -10.021 -17.252 4.372   1.00 68.78 ? 216 GLU A N     1 
ATOM   1010 C CA    . GLU A 1 125 ? -10.508 -17.998 5.520   1.00 74.82 ? 216 GLU A CA    1 
ATOM   1011 C C     . GLU A 1 125 ? -12.030 -18.014 5.547   1.00 77.93 ? 216 GLU A C     1 
ATOM   1012 O O     . GLU A 1 125 ? -12.652 -19.070 5.652   1.00 80.72 ? 216 GLU A O     1 
ATOM   1013 C CB    . GLU A 1 125 ? -9.991  -17.367 6.826   1.00 71.61 ? 216 GLU A CB    1 
ATOM   1014 C CG    . GLU A 1 125 ? -8.481  -17.456 7.028   1.00 74.82 ? 216 GLU A CG    1 
ATOM   1015 C CD    . GLU A 1 125 ? -8.047  -18.734 7.746   1.00 79.93 ? 216 GLU A CD    1 
ATOM   1016 O OE1   . GLU A 1 125 ? -8.909  -19.417 8.343   1.00 83.65 ? 216 GLU A OE1   1 
ATOM   1017 O OE2   . GLU A 1 125 ? -6.836  -19.058 7.722   1.00 81.63 ? 216 GLU A OE2   1 
ATOM   1018 N N     . ARG A 1 126 ? -12.621 -16.828 5.436   1.00 76.89 ? 217 ARG A N     1 
ATOM   1019 C CA    . ARG A 1 126 ? -14.051 -16.640 5.661   1.00 75.66 ? 217 ARG A CA    1 
ATOM   1020 C C     . ARG A 1 126 ? -14.920 -16.877 4.424   1.00 80.15 ? 217 ARG A C     1 
ATOM   1021 O O     . ARG A 1 126 ? -16.070 -17.299 4.544   1.00 84.20 ? 217 ARG A O     1 
ATOM   1022 C CB    . ARG A 1 126 ? -14.313 -15.237 6.200   1.00 72.98 ? 217 ARG A CB    1 
ATOM   1023 C CG    . ARG A 1 126 ? -13.720 -14.978 7.566   1.00 73.45 ? 217 ARG A CG    1 
ATOM   1024 C CD    . ARG A 1 126 ? -14.134 -13.599 8.022   1.00 73.65 ? 217 ARG A CD    1 
ATOM   1025 N NE    . ARG A 1 126 ? -15.503 -13.304 7.601   1.00 80.94 ? 217 ARG A NE    1 
ATOM   1026 C CZ    . ARG A 1 126 ? -16.579 -13.443 8.375   1.00 79.71 ? 217 ARG A CZ    1 
ATOM   1027 N NH1   . ARG A 1 126 ? -16.446 -13.860 9.626   1.00 77.12 ? 217 ARG A NH1   1 
ATOM   1028 N NH2   . ARG A 1 126 ? -17.786 -13.153 7.900   1.00 76.37 ? 217 ARG A NH2   1 
ATOM   1029 N N     . ASP A 1 127 ? -14.385 -16.594 3.241   1.00 77.77 ? 218 ASP A N     1 
ATOM   1030 C CA    . ASP A 1 127 ? -15.133 -16.830 2.008   1.00 80.55 ? 218 ASP A CA    1 
ATOM   1031 C C     . ASP A 1 127 ? -14.286 -17.607 1.002   1.00 80.94 ? 218 ASP A C     1 
ATOM   1032 O O     . ASP A 1 127 ? -13.846 -17.052 -0.009  1.00 81.02 ? 218 ASP A O     1 
ATOM   1033 C CB    . ASP A 1 127 ? -15.630 -15.501 1.415   1.00 78.42 ? 218 ASP A CB    1 
ATOM   1034 C CG    . ASP A 1 127 ? -16.601 -15.697 0.250   1.00 78.96 ? 218 ASP A CG    1 
ATOM   1035 O OD1   . ASP A 1 127 ? -17.044 -16.839 0.003   1.00 84.41 ? 218 ASP A OD1   1 
ATOM   1036 O OD2   . ASP A 1 127 ? -16.935 -14.699 -0.423  1.00 80.63 ? 218 ASP A OD2   1 
ATOM   1037 N N     . PRO A 1 128 ? -14.041 -18.897 1.292   1.00 82.84 ? 219 PRO A N     1 
ATOM   1038 C CA    . PRO A 1 128 ? -13.246 -19.774 0.421   1.00 82.96 ? 219 PRO A CA    1 
ATOM   1039 C C     . PRO A 1 128 ? -13.826 -19.826 -0.990  1.00 86.09 ? 219 PRO A C     1 
ATOM   1040 O O     . PRO A 1 128 ? -13.081 -19.758 -1.971  1.00 84.55 ? 219 PRO A O     1 
ATOM   1041 C CB    . PRO A 1 128 ? -13.370 -21.141 1.098   1.00 80.45 ? 219 PRO A CB    1 
ATOM   1042 C CG    . PRO A 1 128 ? -13.636 -20.820 2.536   1.00 81.07 ? 219 PRO A CG    1 
ATOM   1043 C CD    . PRO A 1 128 ? -14.487 -19.590 2.514   1.00 79.20 ? 219 PRO A CD    1 
ATOM   1044 N N     . GLN A 1 129 ? -15.153 -19.923 -1.075  1.00 90.40 ? 220 GLN A N     1 
ATOM   1045 C CA    . GLN A 1 129 ? -15.877 -19.964 -2.349  1.00 90.14 ? 220 GLN A CA    1 
ATOM   1046 C C     . GLN A 1 129 ? -15.630 -18.737 -3.246  1.00 93.05 ? 220 GLN A C     1 
ATOM   1047 O O     . GLN A 1 129 ? -16.246 -18.595 -4.305  1.00 93.22 ? 220 GLN A O     1 
ATOM   1048 C CB    . GLN A 1 129 ? -17.380 -20.122 -2.088  1.00 86.55 ? 220 GLN A CB    1 
ATOM   1049 N N     . SER A 1 130 ? -14.725 -17.861 -2.817  1.00 90.64 ? 221 SER A N     1 
ATOM   1050 C CA    . SER A 1 130 ? -14.403 -16.646 -3.560  1.00 87.17 ? 221 SER A CA    1 
ATOM   1051 C C     . SER A 1 130 ? -13.234 -16.863 -4.517  1.00 83.36 ? 221 SER A C     1 
ATOM   1052 O O     . SER A 1 130 ? -13.026 -16.072 -5.438  1.00 88.06 ? 221 SER A O     1 
ATOM   1053 C CB    . SER A 1 130 ? -14.070 -15.513 -2.593  1.00 83.47 ? 221 SER A CB    1 
ATOM   1054 O OG    . SER A 1 130 ? -13.102 -15.924 -1.640  1.00 84.51 ? 221 SER A OG    1 
ATOM   1055 N N     . GLY A 1 131 ? -12.470 -17.929 -4.286  1.00 80.90 ? 222 GLY A N     1 
ATOM   1056 C CA    . GLY A 1 131 ? -11.345 -18.265 -5.142  1.00 84.69 ? 222 GLY A CA    1 
ATOM   1057 C C     . GLY A 1 131 ? -10.078 -17.539 -4.736  1.00 83.47 ? 222 GLY A C     1 
ATOM   1058 O O     . GLY A 1 131 ? -9.016  -17.717 -5.336  1.00 85.07 ? 222 GLY A O     1 
ATOM   1059 N N     . ILE A 1 132 ? -10.193 -16.720 -3.697  1.00 85.14 ? 223 ILE A N     1 
ATOM   1060 C CA    . ILE A 1 132 ? -9.078  -15.902 -3.244  1.00 80.86 ? 223 ILE A CA    1 
ATOM   1061 C C     . ILE A 1 132 ? -8.655  -16.285 -1.823  1.00 75.29 ? 223 ILE A C     1 
ATOM   1062 O O     . ILE A 1 132 ? -9.492  -16.421 -0.931  1.00 73.27 ? 223 ILE A O     1 
ATOM   1063 C CB    . ILE A 1 132 ? -9.434  -14.404 -3.305  1.00 79.74 ? 223 ILE A CB    1 
ATOM   1064 C CG1   . ILE A 1 132 ? -8.389  -13.573 -2.558  1.00 77.90 ? 223 ILE A CG1   1 
ATOM   1065 C CG2   . ILE A 1 132 ? -10.819 -14.166 -2.731  1.00 80.01 ? 223 ILE A CG2   1 
ATOM   1066 C CD1   . ILE A 1 132 ? -8.788  -12.131 -2.358  1.00 73.85 ? 223 ILE A CD1   1 
ATOM   1067 N N     . TYR A 1 133 ? -7.349  -16.465 -1.632  1.00 72.17 ? 224 TYR A N     1 
ATOM   1068 C CA    . TYR A 1 133 ? -6.795  -16.930 -0.362  1.00 71.20 ? 224 TYR A CA    1 
ATOM   1069 C C     . TYR A 1 133 ? -5.285  -16.642 -0.284  1.00 69.14 ? 224 TYR A C     1 
ATOM   1070 O O     . TYR A 1 133 ? -4.626  -16.473 -1.314  1.00 61.40 ? 224 TYR A O     1 
ATOM   1071 C CB    . TYR A 1 133 ? -7.062  -18.443 -0.189  1.00 72.50 ? 224 TYR A CB    1 
ATOM   1072 C CG    . TYR A 1 133 ? -6.451  -19.303 -1.286  1.00 76.66 ? 224 TYR A CG    1 
ATOM   1073 C CD1   . TYR A 1 133 ? -7.093  -19.465 -2.511  1.00 81.53 ? 224 TYR A CD1   1 
ATOM   1074 C CD2   . TYR A 1 133 ? -5.225  -19.939 -1.106  1.00 77.75 ? 224 TYR A CD2   1 
ATOM   1075 C CE1   . TYR A 1 133 ? -6.531  -20.243 -3.528  1.00 81.33 ? 224 TYR A CE1   1 
ATOM   1076 C CE2   . TYR A 1 133 ? -4.656  -20.721 -2.119  1.00 82.01 ? 224 TYR A CE2   1 
ATOM   1077 C CZ    . TYR A 1 133 ? -5.315  -20.870 -3.327  1.00 86.64 ? 224 TYR A CZ    1 
ATOM   1078 O OH    . TYR A 1 133 ? -4.760  -21.643 -4.334  1.00 87.91 ? 224 TYR A OH    1 
ATOM   1079 N N     . LEU A 1 134 ? -4.745  -16.586 0.936   1.00 65.18 ? 225 LEU A N     1 
ATOM   1080 C CA    . LEU A 1 134 ? -3.296  -16.504 1.125   1.00 68.06 ? 225 LEU A CA    1 
ATOM   1081 C C     . LEU A 1 134 ? -2.737  -17.857 1.594   1.00 67.69 ? 225 LEU A C     1 
ATOM   1082 O O     . LEU A 1 134 ? -3.040  -18.317 2.699   1.00 62.20 ? 225 LEU A O     1 
ATOM   1083 C CB    . LEU A 1 134 ? -2.915  -15.375 2.101   1.00 62.49 ? 225 LEU A CB    1 
ATOM   1084 C CG    . LEU A 1 134 ? -1.432  -14.971 2.090   1.00 63.51 ? 225 LEU A CG    1 
ATOM   1085 C CD1   . LEU A 1 134 ? -1.001  -14.461 0.711   1.00 60.36 ? 225 LEU A CD1   1 
ATOM   1086 C CD2   . LEU A 1 134 ? -1.143  -13.934 3.168   1.00 64.86 ? 225 LEU A CD2   1 
ATOM   1087 N N     . GLN A 1 135 ? -1.932  -18.495 0.745   1.00 70.96 ? 226 GLN A N     1 
ATOM   1088 C CA    . GLN A 1 135 ? -1.373  -19.815 1.061   1.00 69.06 ? 226 GLN A CA    1 
ATOM   1089 C C     . GLN A 1 135 ? -0.530  -19.797 2.326   1.00 63.84 ? 226 GLN A C     1 
ATOM   1090 O O     . GLN A 1 135 ? 0.099   -18.780 2.647   1.00 63.62 ? 226 GLN A O     1 
ATOM   1091 C CB    . GLN A 1 135 ? -0.539  -20.346 -0.110  1.00 72.69 ? 226 GLN A CB    1 
ATOM   1092 C CG    . GLN A 1 135 ? -1.316  -21.255 -1.035  1.00 81.16 ? 226 GLN A CG    1 
ATOM   1093 C CD    . GLN A 1 135 ? -0.736  -21.301 -2.425  1.00 94.57 ? 226 GLN A CD    1 
ATOM   1094 O OE1   . GLN A 1 135 ? 0.302   -20.690 -2.703  1.00 93.74 ? 226 GLN A OE1   1 
ATOM   1095 N NE2   . GLN A 1 135 ? -1.408  -22.025 -3.321  1.00 96.75 ? 226 GLN A NE2   1 
ATOM   1096 N N     . ARG A 1 136 ? -0.522  -20.924 3.037   1.00 58.66 ? 227 ARG A N     1 
ATOM   1097 C CA    . ARG A 1 136 ? 0.271   -21.079 4.255   1.00 62.62 ? 227 ARG A CA    1 
ATOM   1098 C C     . ARG A 1 136 ? 1.675   -20.495 4.109   1.00 61.86 ? 227 ARG A C     1 
ATOM   1099 O O     . ARG A 1 136 ? 2.081   -19.641 4.896   1.00 63.82 ? 227 ARG A O     1 
ATOM   1100 C CB    . ARG A 1 136 ? 0.388   -22.569 4.634   1.00 65.16 ? 227 ARG A CB    1 
ATOM   1101 C CG    . ARG A 1 136 ? -0.757  -23.117 5.466   1.00 64.65 ? 227 ARG A CG    1 
ATOM   1102 C CD    . ARG A 1 136 ? -0.472  -24.570 5.839   1.00 67.82 ? 227 ARG A CD    1 
ATOM   1103 N NE    . ARG A 1 136 ? -1.503  -25.132 6.700   1.00 67.67 ? 227 ARG A NE    1 
ATOM   1104 C CZ    . ARG A 1 136 ? -1.499  -26.376 7.160   1.00 67.66 ? 227 ARG A CZ    1 
ATOM   1105 N NH1   . ARG A 1 136 ? -0.507  -27.200 6.846   1.00 69.68 ? 227 ARG A NH1   1 
ATOM   1106 N NH2   . ARG A 1 136 ? -2.490  -26.797 7.939   1.00 69.75 ? 227 ARG A NH2   1 
ATOM   1107 N N     . GLY A 1 137 ? 2.418   -20.973 3.115   1.00 56.37 ? 228 GLY A N     1 
ATOM   1108 C CA    . GLY A 1 137 ? 3.781   -20.529 2.928   1.00 61.83 ? 228 GLY A CA    1 
ATOM   1109 C C     . GLY A 1 137 ? 3.849   -19.018 2.884   1.00 64.27 ? 228 GLY A C     1 
ATOM   1110 O O     . GLY A 1 137 ? 4.672   -18.408 3.564   1.00 65.26 ? 228 GLY A O     1 
ATOM   1111 N N     . LEU A 1 138 ? 2.971   -18.413 2.088   1.00 64.21 ? 229 LEU A N     1 
ATOM   1112 C CA    . LEU A 1 138 ? 2.995   -16.965 1.878   1.00 63.83 ? 229 LEU A CA    1 
ATOM   1113 C C     . LEU A 1 138 ? 2.543   -16.186 3.105   1.00 59.96 ? 229 LEU A C     1 
ATOM   1114 O O     . LEU A 1 138 ? 2.969   -15.044 3.297   1.00 59.66 ? 229 LEU A O     1 
ATOM   1115 C CB    . LEU A 1 138 ? 2.181   -16.583 0.643   1.00 63.08 ? 229 LEU A CB    1 
ATOM   1116 C CG    . LEU A 1 138 ? 2.789   -17.178 -0.621  1.00 64.20 ? 229 LEU A CG    1 
ATOM   1117 C CD1   . LEU A 1 138 ? 1.899   -16.883 -1.807  1.00 73.39 ? 229 LEU A CD1   1 
ATOM   1118 C CD2   . LEU A 1 138 ? 4.189   -16.625 -0.834  1.00 64.95 ? 229 LEU A CD2   1 
ATOM   1119 N N     . ILE A 1 139 ? 1.691   -16.798 3.930   1.00 58.61 ? 230 ILE A N     1 
ATOM   1120 C CA    . ILE A 1 139 ? 1.286   -16.192 5.200   1.00 61.22 ? 230 ILE A CA    1 
ATOM   1121 C C     . ILE A 1 139 ? 2.524   -15.903 6.044   1.00 62.63 ? 230 ILE A C     1 
ATOM   1122 O O     . ILE A 1 139 ? 2.653   -14.832 6.643   1.00 64.02 ? 230 ILE A O     1 
ATOM   1123 C CB    . ILE A 1 139 ? 0.343   -17.115 6.011   1.00 60.51 ? 230 ILE A CB    1 
ATOM   1124 C CG1   . ILE A 1 139 ? -0.986  -17.323 5.279   1.00 63.55 ? 230 ILE A CG1   1 
ATOM   1125 C CG2   . ILE A 1 139 ? 0.072   -16.538 7.398   1.00 62.19 ? 230 ILE A CG2   1 
ATOM   1126 C CD1   . ILE A 1 139 ? -2.022  -18.051 6.118   1.00 56.94 ? 230 ILE A CD1   1 
ATOM   1127 N N     . ILE A 1 140 ? 3.431   -16.873 6.082   1.00 59.25 ? 231 ILE A N     1 
ATOM   1128 C CA    . ILE A 1 140 ? 4.678   -16.760 6.824   1.00 59.83 ? 231 ILE A CA    1 
ATOM   1129 C C     . ILE A 1 140 ? 5.484   -15.566 6.341   1.00 59.18 ? 231 ILE A C     1 
ATOM   1130 O O     . ILE A 1 140 ? 5.885   -14.711 7.128   1.00 60.13 ? 231 ILE A O     1 
ATOM   1131 C CB    . ILE A 1 140 ? 5.524   -18.058 6.653   1.00 58.74 ? 231 ILE A CB    1 
ATOM   1132 C CG1   . ILE A 1 140 ? 4.848   -19.231 7.374   1.00 54.84 ? 231 ILE A CG1   1 
ATOM   1133 C CG2   . ILE A 1 140 ? 6.974   -17.845 7.095   1.00 53.70 ? 231 ILE A CG2   1 
ATOM   1134 C CD1   . ILE A 1 140 ? 4.545   -18.969 8.831   1.00 52.65 ? 231 ILE A CD1   1 
ATOM   1135 N N     . PHE A 1 141 ? 5.726   -15.514 5.037   1.00 56.43 ? 232 PHE A N     1 
ATOM   1136 C CA    . PHE A 1 141 ? 6.517   -14.437 4.466   1.00 63.79 ? 232 PHE A CA    1 
ATOM   1137 C C     . PHE A 1 141 ? 5.793   -13.068 4.495   1.00 65.29 ? 232 PHE A C     1 
ATOM   1138 O O     . PHE A 1 141 ? 6.450   -12.027 4.538   1.00 67.44 ? 232 PHE A O     1 
ATOM   1139 C CB    . PHE A 1 141 ? 7.011   -14.825 3.067   1.00 60.01 ? 232 PHE A CB    1 
ATOM   1140 C CG    . PHE A 1 141 ? 7.763   -16.148 3.037   1.00 66.84 ? 232 PHE A CG    1 
ATOM   1141 C CD1   . PHE A 1 141 ? 9.071   -16.241 3.510   1.00 63.96 ? 232 PHE A CD1   1 
ATOM   1142 C CD2   . PHE A 1 141 ? 7.156   -17.300 2.553   1.00 65.95 ? 232 PHE A CD2   1 
ATOM   1143 C CE1   . PHE A 1 141 ? 9.758   -17.458 3.496   1.00 58.87 ? 232 PHE A CE1   1 
ATOM   1144 C CE2   . PHE A 1 141 ? 7.839   -18.514 2.535   1.00 64.51 ? 232 PHE A CE2   1 
ATOM   1145 C CZ    . PHE A 1 141 ? 9.138   -18.591 3.005   1.00 59.42 ? 232 PHE A CZ    1 
ATOM   1146 N N     . ALA A 1 142 ? 4.460   -13.061 4.492   1.00 59.15 ? 233 ALA A N     1 
ATOM   1147 C CA    . ALA A 1 142 ? 3.725   -11.810 4.664   1.00 64.97 ? 233 ALA A CA    1 
ATOM   1148 C C     . ALA A 1 142 ? 3.971   -11.275 6.069   1.00 65.83 ? 233 ALA A C     1 
ATOM   1149 O O     . ALA A 1 142 ? 4.202   -10.081 6.266   1.00 62.82 ? 233 ALA A O     1 
ATOM   1150 C CB    . ALA A 1 142 ? 2.230   -12.009 4.414   1.00 62.34 ? 233 ALA A CB    1 
ATOM   1151 N N     . LEU A 1 143 ? 3.940   -12.183 7.040   1.00 65.31 ? 234 LEU A N     1 
ATOM   1152 C CA    . LEU A 1 143 ? 4.187   -11.849 8.442   1.00 66.20 ? 234 LEU A CA    1 
ATOM   1153 C C     . LEU A 1 143 ? 5.583   -11.279 8.662   1.00 66.93 ? 234 LEU A C     1 
ATOM   1154 O O     . LEU A 1 143 ? 5.822   -10.546 9.621   1.00 68.57 ? 234 LEU A O     1 
ATOM   1155 C CB    . LEU A 1 143 ? 3.992   -13.082 9.329   1.00 62.68 ? 234 LEU A CB    1 
ATOM   1156 C CG    . LEU A 1 143 ? 2.547   -13.400 9.694   1.00 63.78 ? 234 LEU A CG    1 
ATOM   1157 C CD1   . LEU A 1 143 ? 2.451   -14.765 10.356  1.00 59.69 ? 234 LEU A CD1   1 
ATOM   1158 C CD2   . LEU A 1 143 ? 1.978   -12.309 10.601  1.00 63.51 ? 234 LEU A CD2   1 
ATOM   1159 N N     . ILE A 1 144 ? 6.503   -11.615 7.768   1.00 66.37 ? 235 ILE A N     1 
ATOM   1160 C CA    . ILE A 1 144 ? 7.873   -11.139 7.883   1.00 70.32 ? 235 ILE A CA    1 
ATOM   1161 C C     . ILE A 1 144 ? 7.992   -9.693  7.385   1.00 68.29 ? 235 ILE A C     1 
ATOM   1162 O O     . ILE A 1 144 ? 8.614   -8.862  8.044   1.00 70.74 ? 235 ILE A O     1 
ATOM   1163 C CB    . ILE A 1 144 ? 8.874   -12.082 7.159   1.00 67.29 ? 235 ILE A CB    1 
ATOM   1164 C CG1   . ILE A 1 144 ? 9.004   -13.403 7.930   1.00 65.63 ? 235 ILE A CG1   1 
ATOM   1165 C CG2   . ILE A 1 144 ? 10.242  -11.417 7.012   1.00 67.11 ? 235 ILE A CG2   1 
ATOM   1166 C CD1   . ILE A 1 144 ? 9.755   -14.498 7.171   1.00 63.97 ? 235 ILE A CD1   1 
ATOM   1167 N N     . TRP A 1 145 ? 7.396   -9.390  6.234   1.00 64.46 ? 236 TRP A N     1 
ATOM   1168 C CA    . TRP A 1 145 ? 7.343   -8.003  5.776   1.00 67.01 ? 236 TRP A CA    1 
ATOM   1169 C C     . TRP A 1 145 ? 6.565   -7.178  6.827   1.00 65.11 ? 236 TRP A C     1 
ATOM   1170 O O     . TRP A 1 145 ? 6.939   -6.058  7.148   1.00 66.80 ? 236 TRP A O     1 
ATOM   1171 C CB    . TRP A 1 145 ? 6.726   -7.921  4.368   1.00 62.57 ? 236 TRP A CB    1 
ATOM   1172 C CG    . TRP A 1 145 ? 6.890   -6.585  3.636   1.00 66.46 ? 236 TRP A CG    1 
ATOM   1173 C CD1   . TRP A 1 145 ? 5.909   -5.885  2.979   1.00 60.26 ? 236 TRP A CD1   1 
ATOM   1174 C CD2   . TRP A 1 145 ? 8.101   -5.816  3.474   1.00 66.49 ? 236 TRP A CD2   1 
ATOM   1175 N NE1   . TRP A 1 145 ? 6.431   -4.736  2.428   1.00 63.36 ? 236 TRP A NE1   1 
ATOM   1176 C CE2   . TRP A 1 145 ? 7.769   -4.665  2.715   1.00 63.03 ? 236 TRP A CE2   1 
ATOM   1177 C CE3   . TRP A 1 145 ? 9.427   -5.987  3.901   1.00 65.48 ? 236 TRP A CE3   1 
ATOM   1178 C CZ2   . TRP A 1 145 ? 8.713   -3.688  2.375   1.00 60.19 ? 236 TRP A CZ2   1 
ATOM   1179 C CZ3   . TRP A 1 145 ? 10.366  -5.014  3.564   1.00 69.29 ? 236 TRP A CZ3   1 
ATOM   1180 C CH2   . TRP A 1 145 ? 10.003  -3.876  2.806   1.00 66.50 ? 236 TRP A CH2   1 
ATOM   1181 N N     . ILE A 1 146 ? 5.512   -7.760  7.389   1.00 63.26 ? 237 ILE A N     1 
ATOM   1182 C CA    . ILE A 1 146 ? 4.725   -7.107  8.431   1.00 65.26 ? 237 ILE A CA    1 
ATOM   1183 C C     . ILE A 1 146 ? 5.531   -6.807  9.697   1.00 69.53 ? 237 ILE A C     1 
ATOM   1184 O O     . ILE A 1 146 ? 5.446   -5.713  10.263  1.00 69.11 ? 237 ILE A O     1 
ATOM   1185 C CB    . ILE A 1 146 ? 3.511   -7.966  8.830   1.00 65.72 ? 237 ILE A CB    1 
ATOM   1186 C CG1   . ILE A 1 146 ? 2.487   -8.016  7.693   1.00 64.45 ? 237 ILE A CG1   1 
ATOM   1187 C CG2   . ILE A 1 146 ? 2.876   -7.442  10.122  1.00 65.62 ? 237 ILE A CG2   1 
ATOM   1188 C CD1   . ILE A 1 146 ? 1.227   -8.809  8.051   1.00 62.79 ? 237 ILE A CD1   1 
ATOM   1189 N N     . VAL A 1 147 ? 6.285   -7.801  10.160  1.00 71.32 ? 238 VAL A N     1 
ATOM   1190 C CA    . VAL A 1 147 ? 7.176   -7.649  11.311  1.00 67.84 ? 238 VAL A CA    1 
ATOM   1191 C C     . VAL A 1 147 ? 8.315   -6.673  11.000  1.00 65.83 ? 238 VAL A C     1 
ATOM   1192 O O     . VAL A 1 147 ? 8.788   -5.966  11.886  1.00 68.39 ? 238 VAL A O     1 
ATOM   1193 C CB    . VAL A 1 147 ? 7.769   -9.019  11.741  1.00 70.69 ? 238 VAL A CB    1 
ATOM   1194 C CG1   . VAL A 1 147 ? 9.047   -8.831  12.558  1.00 62.78 ? 238 VAL A CG1   1 
ATOM   1195 C CG2   . VAL A 1 147 ? 6.735   -9.826  12.506  1.00 65.64 ? 238 VAL A CG2   1 
ATOM   1196 N N     . ALA A 1 148 ? 8.754   -6.641  9.748   1.00 64.16 ? 239 ALA A N     1 
ATOM   1197 C CA    . ALA A 1 148 ? 9.782   -5.693  9.343   1.00 69.57 ? 239 ALA A CA    1 
ATOM   1198 C C     . ALA A 1 148 ? 9.264   -4.276  9.545   1.00 73.51 ? 239 ALA A C     1 
ATOM   1199 O O     . ALA A 1 148 ? 10.030  -3.347  9.807   1.00 72.19 ? 239 ALA A O     1 
ATOM   1200 C CB    . ALA A 1 148 ? 10.170  -5.909  7.890   1.00 66.81 ? 239 ALA A CB    1 
ATOM   1201 N N     . GLY A 1 149 ? 7.951   -4.121  9.427   1.00 72.03 ? 240 GLY A N     1 
ATOM   1202 C CA    . GLY A 1 149 ? 7.332   -2.819  9.540   1.00 71.79 ? 240 GLY A CA    1 
ATOM   1203 C C     . GLY A 1 149 ? 7.106   -2.414  10.980  1.00 72.18 ? 240 GLY A C     1 
ATOM   1204 O O     . GLY A 1 149 ? 7.359   -1.266  11.352  1.00 71.73 ? 240 GLY A O     1 
ATOM   1205 N N     . TRP A 1 150 ? 6.638   -3.362  11.792  1.00 72.27 ? 241 TRP A N     1 
ATOM   1206 C CA    . TRP A 1 150 ? 6.284   -3.083  13.183  1.00 69.94 ? 241 TRP A CA    1 
ATOM   1207 C C     . TRP A 1 150 ? 7.491   -2.757  14.064  1.00 71.47 ? 241 TRP A C     1 
ATOM   1208 O O     . TRP A 1 150 ? 7.387   -1.939  14.983  1.00 72.21 ? 241 TRP A O     1 
ATOM   1209 C CB    . TRP A 1 150 ? 5.485   -4.243  13.788  1.00 69.80 ? 241 TRP A CB    1 
ATOM   1210 C CG    . TRP A 1 150 ? 4.976   -3.965  15.177  1.00 72.52 ? 241 TRP A CG    1 
ATOM   1211 C CD1   . TRP A 1 150 ? 5.662   -4.124  16.352  1.00 76.83 ? 241 TRP A CD1   1 
ATOM   1212 C CD2   . TRP A 1 150 ? 3.670   -3.488  15.540  1.00 79.26 ? 241 TRP A CD2   1 
ATOM   1213 N NE1   . TRP A 1 150 ? 4.866   -3.774  17.420  1.00 77.40 ? 241 TRP A NE1   1 
ATOM   1214 C CE2   . TRP A 1 150 ? 3.639   -3.380  16.950  1.00 81.19 ? 241 TRP A CE2   1 
ATOM   1215 C CE3   . TRP A 1 150 ? 2.525   -3.144  14.813  1.00 75.78 ? 241 TRP A CE3   1 
ATOM   1216 C CZ2   . TRP A 1 150 ? 2.507   -2.938  17.645  1.00 77.99 ? 241 TRP A CZ2   1 
ATOM   1217 C CZ3   . TRP A 1 150 ? 1.402   -2.705  15.507  1.00 79.52 ? 241 TRP A CZ3   1 
ATOM   1218 C CH2   . TRP A 1 150 ? 1.404   -2.604  16.908  1.00 78.22 ? 241 TRP A CH2   1 
ATOM   1219 N N     . PHE A 1 151 ? 8.627   -3.402  13.798  1.00 74.07 ? 242 PHE A N     1 
ATOM   1220 C CA    . PHE A 1 151 ? 9.817   -3.230  14.639  1.00 73.55 ? 242 PHE A CA    1 
ATOM   1221 C C     . PHE A 1 151 ? 10.895  -2.403  13.959  1.00 73.49 ? 242 PHE A C     1 
ATOM   1222 O O     . PHE A 1 151 ? 12.076  -2.522  14.287  1.00 77.56 ? 242 PHE A O     1 
ATOM   1223 C CB    . PHE A 1 151 ? 10.377  -4.590  15.096  1.00 70.29 ? 242 PHE A CB    1 
ATOM   1224 C CG    . PHE A 1 151 ? 9.444   -5.345  15.998  1.00 69.67 ? 242 PHE A CG    1 
ATOM   1225 C CD1   . PHE A 1 151 ? 9.324   -5.001  17.334  1.00 68.16 ? 242 PHE A CD1   1 
ATOM   1226 C CD2   . PHE A 1 151 ? 8.658   -6.373  15.500  1.00 69.12 ? 242 PHE A CD2   1 
ATOM   1227 C CE1   . PHE A 1 151 ? 8.444   -5.684  18.166  1.00 69.76 ? 242 PHE A CE1   1 
ATOM   1228 C CE2   . PHE A 1 151 ? 7.775   -7.056  16.323  1.00 67.33 ? 242 PHE A CE2   1 
ATOM   1229 C CZ    . PHE A 1 151 ? 7.668   -6.712  17.657  1.00 69.64 ? 242 PHE A CZ    1 
ATOM   1230 N N     . ASP A 1 152 ? 10.476  -1.562  13.018  1.00 72.29 ? 243 ASP A N     1 
ATOM   1231 C CA    . ASP A 1 152 ? 11.392  -0.697  12.273  1.00 79.04 ? 243 ASP A CA    1 
ATOM   1232 C C     . ASP A 1 152 ? 12.714  -1.407  11.918  1.00 77.22 ? 243 ASP A C     1 
ATOM   1233 O O     . ASP A 1 152 ? 13.806  -0.875  12.140  1.00 74.21 ? 243 ASP A O     1 
ATOM   1234 C CB    . ASP A 1 152 ? 11.635  0.626   13.027  1.00 76.01 ? 243 ASP A CB    1 
ATOM   1235 N N     . LEU A 1 153 ? 12.594  -2.605  11.353  1.00 75.25 ? 244 LEU A N     1 
ATOM   1236 C CA    . LEU A 1 153 ? 13.753  -3.421  10.999  1.00 77.73 ? 244 LEU A CA    1 
ATOM   1237 C C     . LEU A 1 153 ? 14.405  -2.973  9.685   1.00 78.61 ? 244 LEU A C     1 
ATOM   1238 O O     . LEU A 1 153 ? 13.727  -2.498  8.768   1.00 82.21 ? 244 LEU A O     1 
ATOM   1239 C CB    . LEU A 1 153 ? 13.371  -4.905  10.929  1.00 71.93 ? 244 LEU A CB    1 
ATOM   1240 C CG    . LEU A 1 153 ? 13.013  -5.611  12.244  1.00 75.14 ? 244 LEU A CG    1 
ATOM   1241 C CD1   . LEU A 1 153 ? 12.707  -7.099  12.021  1.00 65.70 ? 244 LEU A CD1   1 
ATOM   1242 C CD2   . LEU A 1 153 ? 14.137  -5.451  13.257  1.00 75.99 ? 244 LEU A CD2   1 
ATOM   1243 N N     . MET A 1 158 ? 7.896   2.729   9.718   1.00 74.87 ? 249 MET A N     1 
ATOM   1244 C CA    . MET A 1 158 ? 6.556   3.296   9.811   1.00 69.71 ? 249 MET A CA    1 
ATOM   1245 C C     . MET A 1 158 ? 6.052   3.333   11.250  1.00 69.49 ? 249 MET A C     1 
ATOM   1246 O O     . MET A 1 158 ? 6.513   2.563   12.101  1.00 71.04 ? 249 MET A O     1 
ATOM   1247 C CB    . MET A 1 158 ? 5.572   2.531   8.905   1.00 65.74 ? 249 MET A CB    1 
ATOM   1248 C CG    . MET A 1 158 ? 5.133   1.175   9.418   1.00 72.73 ? 249 MET A CG    1 
ATOM   1249 S SD    . MET A 1 158 ? 4.088   0.301   8.226   1.00 81.75 ? 249 MET A SD    1 
ATOM   1250 C CE    . MET A 1 158 ? 2.901   1.548   7.748   1.00 65.54 ? 249 MET A CE    1 
ATOM   1251 N N     . ALA A 1 159 ? 5.127   4.257   11.516  1.00 64.63 ? 250 ALA A N     1 
ATOM   1252 C CA    . ALA A 1 159 ? 4.405   4.305   12.781  1.00 62.94 ? 250 ALA A CA    1 
ATOM   1253 C C     . ALA A 1 159 ? 3.463   3.109   12.839  1.00 66.65 ? 250 ALA A C     1 
ATOM   1254 O O     . ALA A 1 159 ? 2.676   2.874   11.915  1.00 65.76 ? 250 ALA A O     1 
ATOM   1255 C CB    . ALA A 1 159 ? 3.618   5.593   12.893  1.00 63.14 ? 250 ALA A CB    1 
ATOM   1256 N N     . ASN A 1 160 ? 3.532   2.349   13.923  1.00 67.95 ? 251 ASN A N     1 
ATOM   1257 C CA    . ASN A 1 160 ? 2.751   1.126   14.004  1.00 70.46 ? 251 ASN A CA    1 
ATOM   1258 C C     . ASN A 1 160 ? 1.238   1.361   13.944  1.00 68.84 ? 251 ASN A C     1 
ATOM   1259 O O     . ASN A 1 160 ? 0.482   0.483   13.527  1.00 67.48 ? 251 ASN A O     1 
ATOM   1260 C CB    . ASN A 1 160 ? 3.185   0.314   15.219  1.00 72.89 ? 251 ASN A CB    1 
ATOM   1261 C CG    . ASN A 1 160 ? 4.665   -0.005  15.178  1.00 75.05 ? 251 ASN A CG    1 
ATOM   1262 O OD1   . ASN A 1 160 ? 5.295   0.086   14.113  1.00 78.25 ? 251 ASN A OD1   1 
ATOM   1263 N ND2   . ASN A 1 160 ? 5.233   -0.371  16.323  1.00 72.64 ? 251 ASN A ND2   1 
ATOM   1264 N N     . GLY A 1 161 ? 0.803   2.554   14.340  1.00 65.41 ? 252 GLY A N     1 
ATOM   1265 C CA    . GLY A 1 161 ? -0.578  2.958   14.143  1.00 69.55 ? 252 GLY A CA    1 
ATOM   1266 C C     . GLY A 1 161 ? -0.973  2.972   12.672  1.00 67.46 ? 252 GLY A C     1 
ATOM   1267 O O     . GLY A 1 161 ? -2.110  2.632   12.332  1.00 68.25 ? 252 GLY A O     1 
ATOM   1268 N N     . ALA A 1 162 ? -0.037  3.370   11.805  1.00 62.70 ? 253 ALA A N     1 
ATOM   1269 C CA    . ALA A 1 162 ? -0.271  3.412   10.359  1.00 62.47 ? 253 ALA A CA    1 
ATOM   1270 C C     . ALA A 1 162 ? -0.286  1.995   9.820   1.00 64.60 ? 253 ALA A C     1 
ATOM   1271 O O     . ALA A 1 162 ? -1.120  1.634   8.982   1.00 66.32 ? 253 ALA A O     1 
ATOM   1272 C CB    . ALA A 1 162 ? 0.815   4.224   9.656   1.00 58.44 ? 253 ALA A CB    1 
ATOM   1273 N N     . HIS A 1 163 ? 0.671   1.213   10.305  1.00 61.99 ? 254 HIS A N     1 
ATOM   1274 C CA    . HIS A 1 163 ? 0.740   -0.223  10.088  1.00 65.48 ? 254 HIS A CA    1 
ATOM   1275 C C     . HIS A 1 163 ? -0.623  -0.863  10.357  1.00 61.06 ? 254 HIS A C     1 
ATOM   1276 O O     . HIS A 1 163 ? -1.195  -1.536  9.502   1.00 59.46 ? 254 HIS A O     1 
ATOM   1277 C CB    . HIS A 1 163 ? 1.781   -0.788  11.054  1.00 67.92 ? 254 HIS A CB    1 
ATOM   1278 C CG    . HIS A 1 163 ? 2.270   -2.145  10.689  1.00 73.12 ? 254 HIS A CG    1 
ATOM   1279 N ND1   . HIS A 1 163 ? 1.423   -3.196  10.431  1.00 74.02 ? 254 HIS A ND1   1 
ATOM   1280 C CD2   . HIS A 1 163 ? 3.531   -2.629  10.562  1.00 72.03 ? 254 HIS A CD2   1 
ATOM   1281 C CE1   . HIS A 1 163 ? 2.136   -4.273  10.149  1.00 73.53 ? 254 HIS A CE1   1 
ATOM   1282 N NE2   . HIS A 1 163 ? 3.417   -3.951  10.222  1.00 75.74 ? 254 HIS A NE2   1 
ATOM   1283 N N     . ILE A 1 164 ? -1.128  -0.643  11.564  1.00 61.33 ? 255 ILE A N     1 
ATOM   1284 C CA    . ILE A 1 164 ? -2.438  -1.129  11.981  1.00 64.33 ? 255 ILE A CA    1 
ATOM   1285 C C     . ILE A 1 164 ? -3.556  -0.628  11.066  1.00 64.56 ? 255 ILE A C     1 
ATOM   1286 O O     . ILE A 1 164 ? -4.449  -1.400  10.693  1.00 61.76 ? 255 ILE A O     1 
ATOM   1287 C CB    . ILE A 1 164 ? -2.736  -0.699  13.438  1.00 66.80 ? 255 ILE A CB    1 
ATOM   1288 C CG1   . ILE A 1 164 ? -1.864  -1.510  14.412  1.00 70.06 ? 255 ILE A CG1   1 
ATOM   1289 C CG2   . ILE A 1 164 ? -4.225  -0.840  13.764  1.00 62.65 ? 255 ILE A CG2   1 
ATOM   1290 C CD1   . ILE A 1 164 ? -1.765  -0.898  15.793  1.00 67.51 ? 255 ILE A CD1   1 
ATOM   1291 N N     . ALA A 1 165 ? -3.512  0.659   10.710  1.00 61.54 ? 256 ALA A N     1 
ATOM   1292 C CA    . ALA A 1 165 ? -4.521  1.229   9.820   1.00 62.06 ? 256 ALA A CA    1 
ATOM   1293 C C     . ALA A 1 165 ? -4.523  0.480   8.491   1.00 58.24 ? 256 ALA A C     1 
ATOM   1294 O O     . ALA A 1 165 ? -5.588  0.120   7.985   1.00 57.44 ? 256 ALA A O     1 
ATOM   1295 C CB    . ALA A 1 165 ? -4.293  2.731   9.607   1.00 61.05 ? 256 ALA A CB    1 
ATOM   1296 N N     . GLY A 1 166 ? -3.336  0.225   7.944   1.00 54.64 ? 257 GLY A N     1 
ATOM   1297 C CA    . GLY A 1 166 ? -3.225  -0.500  6.689   1.00 54.39 ? 257 GLY A CA    1 
ATOM   1298 C C     . GLY A 1 166 ? -3.910  -1.846  6.809   1.00 57.17 ? 257 GLY A C     1 
ATOM   1299 O O     . GLY A 1 166 ? -4.809  -2.163  6.025   1.00 54.16 ? 257 GLY A O     1 
ATOM   1300 N N     . LEU A 1 167 ? -3.480  -2.629  7.798   1.00 58.23 ? 258 LEU A N     1 
ATOM   1301 C CA    . LEU A 1 167 ? -4.051  -3.943  8.078   1.00 58.41 ? 258 LEU A CA    1 
ATOM   1302 C C     . LEU A 1 167 ? -5.545  -3.871  8.305   1.00 55.37 ? 258 LEU A C     1 
ATOM   1303 O O     . LEU A 1 167 ? -6.314  -4.624  7.711   1.00 56.11 ? 258 LEU A O     1 
ATOM   1304 C CB    . LEU A 1 167 ? -3.435  -4.537  9.344   1.00 60.08 ? 258 LEU A CB    1 
ATOM   1305 C CG    . LEU A 1 167 ? -2.383  -5.623  9.155   1.00 65.36 ? 258 LEU A CG    1 
ATOM   1306 C CD1   . LEU A 1 167 ? -2.820  -6.568  8.050   1.00 64.31 ? 258 LEU A CD1   1 
ATOM   1307 C CD2   . LEU A 1 167 ? -1.048  -5.001  8.817   1.00 69.27 ? 258 LEU A CD2   1 
ATOM   1308 N N     . ALA A 1 168 ? -5.950  -2.977  9.196   1.00 55.15 ? 259 ALA A N     1 
ATOM   1309 C CA    . ALA A 1 168 ? -7.339  -2.910  9.623   1.00 59.22 ? 259 ALA A CA    1 
ATOM   1310 C C     . ALA A 1 168 ? -8.243  -2.749  8.407   1.00 60.03 ? 259 ALA A C     1 
ATOM   1311 O O     . ALA A 1 168 ? -9.223  -3.480  8.246   1.00 61.15 ? 259 ALA A O     1 
ATOM   1312 C CB    . ALA A 1 168 ? -7.541  -1.754  10.607  1.00 57.54 ? 259 ALA A CB    1 
ATOM   1313 N N     . VAL A 1 169 ? -7.898  -1.786  7.553   1.00 56.51 ? 260 VAL A N     1 
ATOM   1314 C CA    . VAL A 1 169 ? -8.651  -1.511  6.343   1.00 54.94 ? 260 VAL A CA    1 
ATOM   1315 C C     . VAL A 1 169 ? -8.832  -2.778  5.518   1.00 57.01 ? 260 VAL A C     1 
ATOM   1316 O O     . VAL A 1 169 ? -9.936  -3.068  5.051   1.00 55.35 ? 260 VAL A O     1 
ATOM   1317 C CB    . VAL A 1 169 ? -7.927  -0.455  5.485   1.00 59.91 ? 260 VAL A CB    1 
ATOM   1318 C CG1   . VAL A 1 169 ? -8.562  -0.351  4.094   1.00 52.39 ? 260 VAL A CG1   1 
ATOM   1319 C CG2   . VAL A 1 169 ? -7.913  0.891   6.198   1.00 56.92 ? 260 VAL A CG2   1 
ATOM   1320 N N     . GLY A 1 170 ? -7.740  -3.522  5.331   1.00 55.24 ? 261 GLY A N     1 
ATOM   1321 C CA    . GLY A 1 170 ? -7.783  -4.771  4.590   1.00 55.34 ? 261 GLY A CA    1 
ATOM   1322 C C     . GLY A 1 170 ? -8.728  -5.764  5.254   1.00 58.68 ? 261 GLY A C     1 
ATOM   1323 O O     . GLY A 1 170 ? -9.514  -6.440  4.580   1.00 55.11 ? 261 GLY A O     1 
ATOM   1324 N N     . LEU A 1 171 ? -8.647  -5.853  6.579   1.00 55.81 ? 262 LEU A N     1 
ATOM   1325 C CA    . LEU A 1 171 ? -9.489  -6.772  7.343   1.00 59.44 ? 262 LEU A CA    1 
ATOM   1326 C C     . LEU A 1 171 ? -10.945 -6.336  7.298   1.00 56.74 ? 262 LEU A C     1 
ATOM   1327 O O     . LEU A 1 171 ? -11.819 -7.131  6.962   1.00 57.76 ? 262 LEU A O     1 
ATOM   1328 C CB    . LEU A 1 171 ? -9.011  -6.879  8.792   1.00 58.28 ? 262 LEU A CB    1 
ATOM   1329 C CG    . LEU A 1 171 ? -7.559  -7.355  8.909   1.00 55.70 ? 262 LEU A CG    1 
ATOM   1330 C CD1   . LEU A 1 171 ? -7.046  -7.181  10.333  1.00 54.79 ? 262 LEU A CD1   1 
ATOM   1331 C CD2   . LEU A 1 171 ? -7.400  -8.804  8.434   1.00 57.42 ? 262 LEU A CD2   1 
ATOM   1332 N N     . ALA A 1 172 ? -11.201 -5.072  7.620   1.00 57.41 ? 263 ALA A N     1 
ATOM   1333 C CA    . ALA A 1 172 ? -12.559 -4.534  7.604   1.00 57.56 ? 263 ALA A CA    1 
ATOM   1334 C C     . ALA A 1 172 ? -13.223 -4.772  6.249   1.00 57.58 ? 263 ALA A C     1 
ATOM   1335 O O     . ALA A 1 172 ? -14.371 -5.206  6.178   1.00 55.60 ? 263 ALA A O     1 
ATOM   1336 C CB    . ALA A 1 172 ? -12.545 -3.059  7.942   1.00 53.19 ? 263 ALA A CB    1 
ATOM   1337 N N     . MET A 1 173 ? -12.497 -4.506  5.170   1.00 53.88 ? 264 MET A N     1 
ATOM   1338 C CA    . MET A 1 173 ? -13.044 -4.749  3.840   1.00 54.56 ? 264 MET A CA    1 
ATOM   1339 C C     . MET A 1 173 ? -13.293 -6.230  3.540   1.00 56.66 ? 264 MET A C     1 
ATOM   1340 O O     . MET A 1 173 ? -14.318 -6.579  2.954   1.00 54.71 ? 264 MET A O     1 
ATOM   1341 C CB    . MET A 1 173 ? -12.159 -4.120  2.756   1.00 55.02 ? 264 MET A CB    1 
ATOM   1342 C CG    . MET A 1 173 ? -12.198 -2.598  2.765   1.00 60.50 ? 264 MET A CG    1 
ATOM   1343 S SD    . MET A 1 173 ? -11.260 -1.824  1.442   1.00 57.25 ? 264 MET A SD    1 
ATOM   1344 C CE    . MET A 1 173 ? -12.293 -2.183  0.010   1.00 52.23 ? 264 MET A CE    1 
ATOM   1345 N N     . ALA A 1 174 ? -12.358 -7.096  3.925   1.00 52.69 ? 265 ALA A N     1 
ATOM   1346 C CA    . ALA A 1 174 ? -12.528 -8.522  3.696   1.00 58.41 ? 265 ALA A CA    1 
ATOM   1347 C C     . ALA A 1 174 ? -13.731 -8.984  4.499   1.00 57.18 ? 265 ALA A C     1 
ATOM   1348 O O     . ALA A 1 174 ? -14.550 -9.773  4.031   1.00 56.09 ? 265 ALA A O     1 
ATOM   1349 C CB    . ALA A 1 174 ? -11.273 -9.299  4.106   1.00 58.38 ? 265 ALA A CB    1 
ATOM   1350 N N     . PHE A 1 175 ? -13.846 -8.460  5.708   1.00 57.85 ? 266 PHE A N     1 
ATOM   1351 C CA    . PHE A 1 175 ? -14.969 -8.785  6.567   1.00 63.10 ? 266 PHE A CA    1 
ATOM   1352 C C     . PHE A 1 175 ? -16.325 -8.437  5.910   1.00 65.87 ? 266 PHE A C     1 
ATOM   1353 O O     . PHE A 1 175 ? -17.220 -9.280  5.822   1.00 69.31 ? 266 PHE A O     1 
ATOM   1354 C CB    . PHE A 1 175 ? -14.812 -8.067  7.904   1.00 62.27 ? 266 PHE A CB    1 
ATOM   1355 C CG    . PHE A 1 175 ? -15.923 -8.348  8.864   1.00 66.29 ? 266 PHE A CG    1 
ATOM   1356 C CD1   . PHE A 1 175 ? -16.027 -9.592  9.465   1.00 68.30 ? 266 PHE A CD1   1 
ATOM   1357 C CD2   . PHE A 1 175 ? -16.870 -7.381  9.157   1.00 66.17 ? 266 PHE A CD2   1 
ATOM   1358 C CE1   . PHE A 1 175 ? -17.051 -9.868  10.345  1.00 72.03 ? 266 PHE A CE1   1 
ATOM   1359 C CE2   . PHE A 1 175 ? -17.905 -7.652  10.042  1.00 70.12 ? 266 PHE A CE2   1 
ATOM   1360 C CZ    . PHE A 1 175 ? -17.992 -8.899  10.636  1.00 69.09 ? 266 PHE A CZ    1 
ATOM   1361 N N     . VAL A 1 176 ? -16.462 -7.203  5.434   1.00 58.64 ? 267 VAL A N     1 
ATOM   1362 C CA    . VAL A 1 176 ? -17.676 -6.768  4.745   1.00 60.54 ? 267 VAL A CA    1 
ATOM   1363 C C     . VAL A 1 176 ? -18.004 -7.631  3.519   1.00 61.36 ? 267 VAL A C     1 
ATOM   1364 O O     . VAL A 1 176 ? -19.177 -7.920  3.237   1.00 58.16 ? 267 VAL A O     1 
ATOM   1365 C CB    . VAL A 1 176 ? -17.562 -5.272  4.301   1.00 59.54 ? 267 VAL A CB    1 
ATOM   1366 C CG1   . VAL A 1 176 ? -18.692 -4.886  3.366   1.00 58.09 ? 267 VAL A CG1   1 
ATOM   1367 C CG2   . VAL A 1 176 ? -17.515 -4.347  5.508   1.00 57.15 ? 267 VAL A CG2   1 
ATOM   1368 N N     . ASP A 1 177 ? -16.970 -8.034  2.784   1.00 61.29 ? 268 ASP A N     1 
ATOM   1369 C CA    . ASP A 1 177 ? -17.156 -8.764  1.526   1.00 62.88 ? 268 ASP A CA    1 
ATOM   1370 C C     . ASP A 1 177 ? -17.561 -10.214 1.754   1.00 64.90 ? 268 ASP A C     1 
ATOM   1371 O O     . ASP A 1 177 ? -18.195 -10.828 0.898   1.00 65.47 ? 268 ASP A O     1 
ATOM   1372 C CB    . ASP A 1 177 ? -15.883 -8.703  0.669   1.00 62.43 ? 268 ASP A CB    1 
ATOM   1373 C CG    . ASP A 1 177 ? -15.593 -7.303  0.148   1.00 59.66 ? 268 ASP A CG    1 
ATOM   1374 O OD1   . ASP A 1 177 ? -16.328 -6.360  0.512   1.00 59.70 ? 268 ASP A OD1   1 
ATOM   1375 O OD2   . ASP A 1 177 ? -14.620 -7.147  -0.606  1.00 55.59 ? 268 ASP A OD2   1 
ATOM   1376 N N     . SER A 1 178 ? -17.186 -10.747 2.912   1.00 63.57 ? 269 SER A N     1 
ATOM   1377 C CA    . SER A 1 178 ? -17.507 -12.124 3.273   1.00 71.63 ? 269 SER A CA    1 
ATOM   1378 C C     . SER A 1 178 ? -18.997 -12.249 3.558   1.00 75.54 ? 269 SER A C     1 
ATOM   1379 O O     . SER A 1 178 ? -19.594 -13.307 3.362   1.00 75.03 ? 269 SER A O     1 
ATOM   1380 C CB    . SER A 1 178 ? -16.706 -12.548 4.501   1.00 69.22 ? 269 SER A CB    1 
ATOM   1381 O OG    . SER A 1 178 ? -15.326 -12.327 4.286   1.00 74.18 ? 269 SER A OG    1 
ATOM   1382 N N     . LEU A 1 179 ? -19.581 -11.151 4.035   1.00 73.27 ? 270 LEU A N     1 
ATOM   1383 C CA    . LEU A 1 179 ? -21.025 -11.033 4.226   1.00 76.76 ? 270 LEU A CA    1 
ATOM   1384 C C     . LEU A 1 179 ? -21.719 -10.970 2.866   1.00 82.73 ? 270 LEU A C     1 
ATOM   1385 O O     . LEU A 1 179 ? -22.864 -11.394 2.721   1.00 95.41 ? 270 LEU A O     1 
ATOM   1386 C CB    . LEU A 1 179 ? -21.350 -9.771  5.033   1.00 73.94 ? 270 LEU A CB    1 
ATOM   1387 C CG    . LEU A 1 179 ? -21.091 -9.788  6.545   1.00 77.09 ? 270 LEU A CG    1 
ATOM   1388 C CD1   . LEU A 1 179 ? -19.955 -10.722 6.923   1.00 70.82 ? 270 LEU A CD1   1 
ATOM   1389 C CD2   . LEU A 1 179 ? -20.839 -8.374  7.068   1.00 74.08 ? 270 LEU A CD2   1 
HETATM 1390 C C1    . DFP B 2 .   ? 5.086   3.329   5.076   1.00 61.67 ? 1   DFP A C1    1 
HETATM 1391 C C2    . DFP B 2 .   ? 3.982   3.429   4.072   1.00 54.71 ? 1   DFP A C2    1 
HETATM 1392 C C3    . DFP B 2 .   ? 5.648   4.697   5.298   1.00 54.84 ? 1   DFP A C3    1 
HETATM 1393 C "C1'" . DFP B 2 .   ? 7.437   -0.053  5.631   1.00 61.88 ? 1   DFP A "C1'" 1 
HETATM 1394 C "C2'" . DFP B 2 .   ? 8.592   0.732   6.149   1.00 60.99 ? 1   DFP A "C2'" 1 
HETATM 1395 C "C3'" . DFP B 2 .   ? 7.751   -1.509  5.760   1.00 59.61 ? 1   DFP A "C3'" 1 
HETATM 1396 P P     . DFP B 2 .   ? 5.975   1.160   3.885   1.00 54.46 ? 1   DFP A P     1 
HETATM 1397 O O1P   . DFP B 2 .   ? 6.117   2.470   4.722   1.00 55.18 ? 1   DFP A O1P   1 
HETATM 1398 O O2P   . DFP B 2 .   ? 7.199   0.274   4.299   1.00 59.49 ? 1   DFP A O2P   1 
HETATM 1399 O O3P   . DFP B 2 .   ? 6.091   1.436   2.403   1.00 53.30 ? 1   DFP A O3P   1 
HETATM 1400 O O     . HOH C 3 .   ? 8.823   4.706   -6.021  1.00 48.27 ? 2   HOH A O     1 
HETATM 1401 O O     . HOH C 3 .   ? 4.194   12.118  2.773   1.00 47.59 ? 3   HOH A O     1 
HETATM 1402 O O     . HOH C 3 .   ? 0.946   2.834   1.397   1.00 45.29 ? 4   HOH A O     1 
HETATM 1403 O O     . HOH C 3 .   ? 19.042  2.545   -2.848  1.00 63.72 ? 5   HOH A O     1 
HETATM 1404 O O     . HOH C 3 .   ? -3.186  24.454  -1.145  1.00 58.28 ? 6   HOH A O     1 
HETATM 1405 O O     . HOH C 3 .   ? 8.146   13.777  8.991   1.00 56.06 ? 7   HOH A O     1 
HETATM 1406 O O     . HOH C 3 .   ? -4.183  16.076  11.010  1.00 63.83 ? 8   HOH A O     1 
HETATM 1407 O O     . HOH C 3 .   ? -14.141 -3.551  -11.585 1.00 58.93 ? 9   HOH A O     1 
HETATM 1408 O O     . HOH C 3 .   ? -6.627  -16.827 3.562   1.00 65.99 ? 10  HOH A O     1 
HETATM 1409 O O     . HOH C 3 .   ? -3.481  19.084  5.073   1.00 53.47 ? 11  HOH A O     1 
HETATM 1410 O O     . HOH C 3 .   ? 14.925  6.825   -3.622  1.00 54.81 ? 12  HOH A O     1 
HETATM 1411 O O     . HOH C 3 .   ? 2.823   6.081   2.326   1.00 43.97 ? 13  HOH A O     1 
HETATM 1412 O O     . HOH C 3 .   ? -1.863  -29.824 8.079   1.00 59.87 ? 14  HOH A O     1 
HETATM 1413 O O     . HOH C 3 .   ? -4.470  -9.092  -12.667 1.00 64.59 ? 15  HOH A O     1 
HETATM 1414 O O     . HOH C 3 .   ? 17.347  7.315   -1.159  1.00 65.28 ? 16  HOH A O     1 
HETATM 1415 O O     . HOH C 3 .   ? -16.305 -8.084  -7.309  1.00 65.28 ? 17  HOH A O     1 
HETATM 1416 O O     . HOH C 3 .   ? -14.466 -4.781  -8.775  1.00 58.35 ? 18  HOH A O     1 
HETATM 1417 O O     . HOH C 3 .   ? 19.455  0.715   -2.204  1.00 57.77 ? 19  HOH A O     1 
HETATM 1418 O O     . HOH C 3 .   ? 17.957  -1.301  -0.636  1.00 59.07 ? 20  HOH A O     1 
HETATM 1419 O O     . HOH C 3 .   ? -16.393 -9.350  -3.840  1.00 55.97 ? 21  HOH A O     1 
HETATM 1420 O O     . HOH C 3 .   ? -2.877  21.424  6.100   1.00 62.80 ? 22  HOH A O     1 
HETATM 1421 O O     . HOH C 3 .   ? -1.271  -12.853 -9.059  1.00 62.13 ? 23  HOH A O     1 
HETATM 1422 O O     . HOH C 3 .   ? 2.337   -23.466 1.218   1.00 48.76 ? 271 HOH A O     1 
# 
